data_6QZW
#
_entry.id   6QZW
#
_cell.length_a   162.730
_cell.length_b   246.074
_cell.length_c   261.812
_cell.angle_alpha   90.00
_cell.angle_beta   90.00
_cell.angle_gamma   90.00
#
_symmetry.space_group_name_H-M   'C 2 2 21'
#
loop_
_entity.id
_entity.type
_entity.pdbx_description
1 polymer 'Dipeptidyl peptidase 8'
2 polymer MET-PRO
3 non-polymer 'SODIUM ION'
4 water water
#
loop_
_entity_poly.entity_id
_entity_poly.type
_entity_poly.pdbx_seq_one_letter_code
_entity_poly.pdbx_strand_id
1 'polypeptide(L)'
;MWKRSEQMKIKSGKCNMAAAMETEQLGVEIFETADCEENIESQDRPKLEPFYVERYSWSQLKKLLADTRKYHGYMMAKAP
HDFMFVKRNDPDGPHSDRIYYLAMSGENRENTLFYSEIPKTINRAAVLMLSWKPLLDLFQATLDYGMYSREEELLRERKR
IGTVGIASYDYHQGSGTFLFQAGSGIYHVKDGGPQGFTQQPLRPNLVETSCPNIRMDPKLCPADPDWIAFIHSNDIWISN
IVTREERRLTYVHNELANMEEDARSAGVATFVLQEEFDRYSGYWWCPKAETTPSGGKILRILYEENDESEVEIIHVTSPM
LETRRADSFRYPKTGTANPKVTFKMSEIMIDAEGRIIDVIDKELIQPFEILFEGVEYIARAGWTPEGKYAWSILLDRSQT
RLQIVLISPELFIPVEDDVMERQRLIESVPDSVTPLIIYEETTDIWINIHDIFHVFPQSHEEEIEFIFASECKTGFRHLY
KITSILKESKYKRSSGGLPAPSDFKCPIKEEIAITSGEWEVLGRHGSNIQVDEVRRLVYFEGTKDSPLEHHLYVVSYVNP
GEVTRLTDRGYSHSCCISQHCDFFISKYSNQKNPHCVSLYKLSSPEDDPTCKTKEFWATILDSAGPLPDYTPPEIFSFES
TTGFTLYGMLYKPHDLQPGKKYPTVLFIYGGPQVQLVNNRFKGVKYFRLNTLASLGYVVVVIDNRGSCHRGLKFEGAFKY
KMGQIEIDDQVEGLQYLASRYDFIDLDRVGIHGWSYGGYLSLMALMQRSDIFRVAIAGAPVTLWIFYDTGYTERYMGHPD
QNEQGYYLGSVAMQAEKFPSEPNRLLLLHGFLDENVHFAHTSILLSFLVRAGKPYDLQIYPQERHSIRVPESGEHYELHL
LHYLQENLGSRIAALKVI
;
C,A,B
2 'polypeptide(L)' MP D,E,F
#
loop_
_chem_comp.id
_chem_comp.type
_chem_comp.name
_chem_comp.formula
NA non-polymer 'SODIUM ION' 'Na 1'
#
# COMPACT_ATOMS: atom_id res chain seq x y z
N LEU A 48 -26.31 66.75 19.08
CA LEU A 48 -26.09 65.27 19.03
C LEU A 48 -24.58 64.99 19.15
N GLU A 49 -24.15 64.42 20.28
CA GLU A 49 -22.71 64.12 20.53
C GLU A 49 -22.33 62.82 19.83
N PRO A 50 -21.21 62.77 19.05
CA PRO A 50 -20.92 61.60 18.22
C PRO A 50 -20.29 60.45 19.00
N PHE A 51 -20.81 59.22 18.80
CA PHE A 51 -20.22 58.00 19.41
C PHE A 51 -18.92 57.64 18.69
N TYR A 52 -17.89 57.26 19.46
CA TYR A 52 -16.60 56.79 18.89
C TYR A 52 -16.39 55.32 19.29
N VAL A 53 -16.00 54.46 18.34
CA VAL A 53 -15.86 53.01 18.62
C VAL A 53 -14.57 52.78 19.43
N GLU A 54 -14.54 51.73 20.24
CA GLU A 54 -13.34 51.38 21.04
C GLU A 54 -12.16 51.11 20.09
N ARG A 55 -10.98 51.64 20.42
CA ARG A 55 -9.75 51.36 19.64
C ARG A 55 -9.10 50.07 20.16
N TYR A 56 -9.54 48.91 19.68
CA TYR A 56 -8.86 47.62 19.95
C TYR A 56 -7.55 47.57 19.16
N SER A 57 -6.55 46.84 19.68
CA SER A 57 -5.30 46.57 18.92
C SER A 57 -5.60 45.57 17.80
N TRP A 58 -4.63 45.36 16.90
CA TRP A 58 -4.73 44.30 15.86
C TRP A 58 -4.88 42.93 16.54
N SER A 59 -4.10 42.67 17.59
CA SER A 59 -4.17 41.37 18.32
C SER A 59 -5.49 41.24 19.08
N GLN A 60 -5.99 42.35 19.64
CA GLN A 60 -7.26 42.35 20.42
C GLN A 60 -8.46 42.13 19.50
N LEU A 61 -8.35 42.48 18.21
CA LEU A 61 -9.46 42.28 17.23
C LEU A 61 -9.38 40.86 16.66
N LYS A 62 -8.18 40.38 16.35
CA LYS A 62 -7.98 38.98 15.89
C LYS A 62 -8.64 38.04 16.90
N LYS A 63 -8.38 38.31 18.19
CA LYS A 63 -8.97 37.54 19.32
C LYS A 63 -10.50 37.68 19.30
N LEU A 64 -11.01 38.92 19.36
CA LEU A 64 -12.48 39.18 19.39
C LEU A 64 -13.16 38.38 18.26
N LEU A 65 -12.66 38.54 17.03
CA LEU A 65 -13.26 37.88 15.84
C LEU A 65 -13.20 36.35 16.01
N ALA A 66 -12.14 35.84 16.62
CA ALA A 66 -12.00 34.37 16.85
C ALA A 66 -13.07 33.89 17.84
N ASP A 67 -13.25 34.59 18.96
CA ASP A 67 -14.21 34.16 20.02
C ASP A 67 -15.64 34.15 19.46
N THR A 68 -16.00 35.16 18.66
CA THR A 68 -17.38 35.30 18.11
C THR A 68 -17.56 34.39 16.89
N ARG A 69 -16.46 33.90 16.29
CA ARG A 69 -16.51 32.93 15.16
C ARG A 69 -16.45 31.50 15.71
N LYS A 70 -15.98 31.33 16.96
CA LYS A 70 -15.69 29.99 17.55
C LYS A 70 -16.88 29.04 17.35
N TYR A 71 -18.10 29.55 17.55
CA TYR A 71 -19.34 28.74 17.33
C TYR A 71 -19.63 28.66 15.83
N HIS A 72 -20.85 28.25 15.46
CA HIS A 72 -21.25 28.18 14.02
C HIS A 72 -20.59 26.96 13.36
N LYS A 78 -24.36 22.45 5.85
CA LYS A 78 -25.12 22.54 4.57
C LYS A 78 -26.36 21.64 4.66
N ALA A 79 -27.55 22.25 4.56
CA ALA A 79 -28.85 21.53 4.57
C ALA A 79 -28.86 20.46 3.48
N PRO A 80 -29.77 19.46 3.57
CA PRO A 80 -29.92 18.45 2.52
C PRO A 80 -30.51 19.02 1.22
N HIS A 81 -30.19 18.39 0.09
CA HIS A 81 -30.56 18.91 -1.26
C HIS A 81 -30.65 17.76 -2.27
N ASP A 82 -30.87 18.07 -3.54
CA ASP A 82 -31.10 17.06 -4.62
C ASP A 82 -31.97 15.93 -4.05
N PHE A 83 -33.16 16.28 -3.54
CA PHE A 83 -34.12 15.28 -3.01
C PHE A 83 -34.70 14.46 -4.17
N MET A 84 -34.91 13.17 -3.95
CA MET A 84 -35.60 12.28 -4.92
C MET A 84 -36.58 11.39 -4.16
N PHE A 85 -37.78 11.18 -4.70
CA PHE A 85 -38.81 10.32 -4.07
C PHE A 85 -38.96 9.03 -4.86
N VAL A 86 -38.90 7.88 -4.18
CA VAL A 86 -39.19 6.57 -4.85
C VAL A 86 -40.27 5.86 -4.04
N LYS A 87 -41.33 5.41 -4.73
CA LYS A 87 -42.44 4.67 -4.07
C LYS A 87 -41.94 3.28 -3.66
N ARG A 88 -42.25 2.86 -2.43
CA ARG A 88 -41.85 1.52 -1.94
C ARG A 88 -42.67 0.45 -2.67
N ASN A 89 -44.00 0.64 -2.72
CA ASN A 89 -44.93 -0.33 -3.37
C ASN A 89 -44.98 -1.61 -2.53
N ASP A 90 -45.03 -1.46 -1.21
CA ASP A 90 -45.23 -2.61 -0.29
C ASP A 90 -46.59 -2.45 0.37
N PRO A 91 -47.70 -2.81 -0.31
CA PRO A 91 -49.03 -2.88 0.31
C PRO A 91 -49.09 -3.35 1.78
N ASP A 92 -48.08 -4.09 2.25
CA ASP A 92 -48.01 -4.58 3.65
C ASP A 92 -47.14 -3.68 4.53
N GLY A 93 -46.16 -2.99 3.94
CA GLY A 93 -45.10 -2.32 4.73
C GLY A 93 -45.58 -1.04 5.41
N PRO A 94 -44.79 -0.47 6.36
CA PRO A 94 -45.15 0.77 7.03
C PRO A 94 -44.84 2.05 6.24
N HIS A 95 -44.12 1.93 5.11
CA HIS A 95 -43.54 3.10 4.40
C HIS A 95 -44.15 3.25 3.00
N SER A 96 -44.56 4.47 2.63
CA SER A 96 -45.09 4.77 1.28
C SER A 96 -43.93 5.08 0.33
N ASP A 97 -43.03 5.98 0.74
CA ASP A 97 -41.90 6.44 -0.11
C ASP A 97 -40.58 6.27 0.66
N ARG A 98 -39.47 6.25 -0.08
CA ARG A 98 -38.10 6.48 0.47
C ARG A 98 -37.51 7.71 -0.23
N ILE A 99 -36.92 8.65 0.51
CA ILE A 99 -36.30 9.86 -0.10
C ILE A 99 -34.78 9.72 -0.07
N TYR A 100 -34.12 9.97 -1.20
CA TYR A 100 -32.65 10.05 -1.26
C TYR A 100 -32.26 11.53 -1.36
N TYR A 101 -31.13 11.91 -0.78
CA TYR A 101 -30.70 13.34 -0.78
C TYR A 101 -29.21 13.45 -0.42
N LEU A 102 -28.58 14.53 -0.88
CA LEU A 102 -27.16 14.83 -0.54
C LEU A 102 -27.14 15.71 0.71
N ALA A 103 -26.22 15.44 1.64
CA ALA A 103 -26.08 16.24 2.88
C ALA A 103 -24.70 15.99 3.50
N MET A 104 -24.35 16.74 4.55
CA MET A 104 -23.04 16.54 5.23
C MET A 104 -23.24 15.80 6.56
N SER A 105 -22.59 14.64 6.70
CA SER A 105 -22.65 13.82 7.96
C SER A 105 -24.10 13.66 8.41
N ARG A 109 -18.60 17.79 7.36
CA ARG A 109 -17.38 17.23 6.68
C ARG A 109 -17.79 16.69 5.30
N GLU A 110 -17.46 15.44 4.98
CA GLU A 110 -17.85 14.76 3.72
C GLU A 110 -19.32 15.03 3.39
N ASN A 111 -19.64 15.18 2.10
CA ASN A 111 -21.03 15.44 1.61
C ASN A 111 -21.48 14.24 0.76
N THR A 112 -22.32 13.34 1.31
CA THR A 112 -22.71 12.11 0.54
C THR A 112 -24.23 11.89 0.55
N LEU A 113 -24.65 10.80 -0.13
CA LEU A 113 -26.07 10.41 -0.24
C LEU A 113 -26.55 9.81 1.09
N PHE A 114 -27.72 10.28 1.56
CA PHE A 114 -28.48 9.61 2.66
C PHE A 114 -29.85 9.20 2.12
N TYR A 115 -30.58 8.42 2.91
CA TYR A 115 -32.01 8.12 2.63
C TYR A 115 -32.79 8.19 3.94
N SER A 116 -34.05 8.63 3.86
CA SER A 116 -35.00 8.55 5.00
C SER A 116 -36.25 7.79 4.56
N GLU A 117 -37.03 7.30 5.52
CA GLU A 117 -38.24 6.48 5.24
C GLU A 117 -39.49 7.33 5.46
N ILE A 118 -40.35 7.47 4.45
CA ILE A 118 -41.61 8.26 4.59
C ILE A 118 -42.74 7.32 5.01
N PRO A 119 -43.26 7.43 6.26
CA PRO A 119 -44.26 6.49 6.75
C PRO A 119 -45.61 6.72 6.08
N LYS A 120 -46.47 5.69 6.07
CA LYS A 120 -47.81 5.78 5.43
C LYS A 120 -48.74 6.62 6.31
N THR A 121 -48.49 6.62 7.63
CA THR A 121 -49.30 7.37 8.62
C THR A 121 -48.39 8.02 9.67
N ILE A 122 -48.91 9.00 10.42
CA ILE A 122 -48.09 9.75 11.41
C ILE A 122 -48.92 10.00 12.68
N ASN A 123 -48.29 9.92 13.85
CA ASN A 123 -48.91 10.42 15.11
C ASN A 123 -48.95 11.94 15.03
N ARG A 124 -50.16 12.53 14.94
CA ARG A 124 -50.30 13.97 14.65
C ARG A 124 -50.23 14.79 15.95
N ALA A 125 -50.09 14.11 17.09
CA ALA A 125 -49.72 14.79 18.36
C ALA A 125 -48.21 15.08 18.35
N ALA A 126 -47.41 14.07 17.97
CA ALA A 126 -45.93 14.14 18.07
C ALA A 126 -45.33 14.56 16.73
N VAL A 127 -44.24 15.35 16.79
CA VAL A 127 -43.50 15.76 15.56
C VAL A 127 -42.47 14.66 15.21
N LEU A 128 -42.55 14.11 14.01
CA LEU A 128 -41.58 13.07 13.56
C LEU A 128 -40.30 13.74 13.08
N MET A 129 -39.14 13.32 13.62
CA MET A 129 -37.82 13.68 13.03
C MET A 129 -37.35 12.48 12.21
N LEU A 130 -37.37 12.59 10.87
CA LEU A 130 -36.85 11.52 9.98
C LEU A 130 -35.36 11.27 10.29
N SER A 131 -35.00 10.04 10.66
CA SER A 131 -33.57 9.69 10.88
C SER A 131 -32.88 9.52 9.53
N TRP A 132 -31.62 9.97 9.42
CA TRP A 132 -30.85 9.96 8.15
C TRP A 132 -30.07 8.65 8.04
N LYS A 133 -30.43 7.78 7.09
CA LYS A 133 -29.69 6.52 6.86
C LYS A 133 -28.60 6.78 5.83
N PRO A 134 -27.29 6.65 6.16
CA PRO A 134 -26.24 6.70 5.14
C PRO A 134 -26.50 5.62 4.09
N LEU A 135 -26.58 6.03 2.82
CA LEU A 135 -26.78 5.09 1.69
C LEU A 135 -25.44 4.40 1.37
N LEU A 136 -24.32 5.04 1.70
CA LEU A 136 -22.97 4.59 1.24
C LEU A 136 -22.09 4.19 2.43
N ASP A 137 -21.20 3.22 2.19
CA ASP A 137 -20.16 2.80 3.17
C ASP A 137 -18.91 3.67 2.97
N LEU A 138 -18.34 4.21 4.06
CA LEU A 138 -17.12 5.06 3.99
C LEU A 138 -16.00 4.41 4.81
N TYR A 148 -7.70 18.44 -5.50
CA TYR A 148 -8.50 18.78 -6.70
C TYR A 148 -7.57 19.10 -7.89
N SER A 149 -8.07 18.87 -9.11
CA SER A 149 -7.34 19.17 -10.37
C SER A 149 -7.61 20.61 -10.81
N ARG A 150 -7.04 21.04 -11.95
CA ARG A 150 -7.37 22.37 -12.55
C ARG A 150 -8.75 22.29 -13.21
N GLU A 151 -9.11 21.13 -13.77
CA GLU A 151 -10.47 20.92 -14.35
C GLU A 151 -11.52 20.96 -13.24
N GLU A 152 -11.23 20.38 -12.08
CA GLU A 152 -12.20 20.34 -10.94
C GLU A 152 -12.21 21.67 -10.19
N GLU A 153 -11.06 22.37 -10.11
CA GLU A 153 -11.00 23.68 -9.42
C GLU A 153 -11.81 24.72 -10.21
N LEU A 154 -11.68 24.72 -11.53
CA LEU A 154 -12.33 25.78 -12.37
C LEU A 154 -13.84 25.53 -12.46
N LEU A 155 -14.31 24.28 -12.38
CA LEU A 155 -15.78 23.98 -12.39
C LEU A 155 -16.38 24.29 -11.01
N ARG A 156 -15.59 24.14 -9.93
CA ARG A 156 -16.07 24.48 -8.56
C ARG A 156 -16.13 26.00 -8.40
N GLU A 157 -15.33 26.73 -9.18
CA GLU A 157 -15.39 28.23 -9.20
C GLU A 157 -16.59 28.70 -10.02
N ARG A 158 -16.92 27.99 -11.12
CA ARG A 158 -18.04 28.38 -12.00
C ARG A 158 -19.38 28.04 -11.33
N LYS A 159 -19.49 26.82 -10.78
CA LYS A 159 -20.72 26.35 -10.09
C LYS A 159 -20.88 27.00 -8.71
N ARG A 160 -19.80 27.61 -8.19
CA ARG A 160 -19.78 28.26 -6.84
C ARG A 160 -19.96 27.19 -5.74
N ILE A 161 -19.43 25.98 -5.96
CA ILE A 161 -19.46 24.89 -4.93
C ILE A 161 -18.30 25.12 -3.97
N GLY A 162 -18.57 25.07 -2.66
CA GLY A 162 -17.52 25.17 -1.62
C GLY A 162 -17.42 23.91 -0.78
N THR A 163 -18.24 22.88 -1.06
CA THR A 163 -18.29 21.65 -0.23
C THR A 163 -17.54 20.50 -0.93
N VAL A 164 -16.86 19.66 -0.13
CA VAL A 164 -16.18 18.44 -0.65
C VAL A 164 -17.19 17.28 -0.61
N GLY A 165 -16.97 16.27 -1.47
CA GLY A 165 -17.81 15.05 -1.49
C GLY A 165 -18.56 14.91 -2.81
N ILE A 166 -19.79 14.39 -2.76
CA ILE A 166 -20.64 14.25 -3.98
C ILE A 166 -21.37 15.58 -4.24
N ALA A 167 -21.10 16.22 -5.38
CA ALA A 167 -21.77 17.49 -5.76
C ALA A 167 -23.20 17.19 -6.20
N SER A 168 -23.35 16.26 -7.14
CA SER A 168 -24.68 15.87 -7.67
C SER A 168 -24.71 14.37 -7.90
N TYR A 169 -25.85 13.83 -8.35
CA TYR A 169 -25.91 12.40 -8.73
C TYR A 169 -26.89 12.20 -9.87
N ASP A 170 -26.98 10.97 -10.36
CA ASP A 170 -27.89 10.56 -11.46
C ASP A 170 -28.73 9.41 -10.91
N TYR A 171 -29.85 9.08 -11.56
CA TYR A 171 -30.66 7.90 -11.13
C TYR A 171 -31.48 7.40 -12.32
N HIS A 172 -31.42 6.10 -12.59
CA HIS A 172 -32.36 5.43 -13.52
C HIS A 172 -33.51 4.86 -12.68
N GLN A 173 -34.70 5.48 -12.76
CA GLN A 173 -35.91 5.00 -12.03
C GLN A 173 -36.06 3.50 -12.25
N GLY A 174 -36.00 3.07 -13.52
CA GLY A 174 -36.24 1.67 -13.92
C GLY A 174 -35.33 0.68 -13.20
N SER A 175 -34.03 0.97 -13.10
CA SER A 175 -33.02 -0.05 -12.71
C SER A 175 -32.59 0.12 -11.24
N GLY A 176 -32.73 1.32 -10.68
CA GLY A 176 -32.27 1.62 -9.32
C GLY A 176 -30.84 2.13 -9.31
N THR A 177 -30.27 2.38 -10.50
CA THR A 177 -28.83 2.67 -10.65
C THR A 177 -28.55 4.12 -10.27
N PHE A 178 -27.83 4.35 -9.16
CA PHE A 178 -27.22 5.67 -8.89
C PHE A 178 -25.92 5.79 -9.70
N LEU A 179 -25.53 7.00 -10.05
CA LEU A 179 -24.20 7.25 -10.68
C LEU A 179 -23.73 8.63 -10.26
N PHE A 180 -22.62 8.71 -9.53
CA PHE A 180 -22.13 10.01 -9.02
C PHE A 180 -20.60 10.03 -9.12
N GLN A 181 -20.02 11.23 -9.08
CA GLN A 181 -18.54 11.39 -9.00
C GLN A 181 -18.19 11.81 -7.57
N ALA A 182 -17.24 11.11 -6.95
CA ALA A 182 -16.69 11.52 -5.64
C ALA A 182 -15.17 11.63 -5.76
N GLY A 183 -14.62 12.85 -5.72
CA GLY A 183 -13.21 13.06 -6.07
C GLY A 183 -12.96 12.75 -7.54
N SER A 184 -11.86 12.02 -7.83
CA SER A 184 -11.54 11.66 -9.23
C SER A 184 -12.37 10.46 -9.70
N GLY A 185 -12.87 9.65 -8.75
CA GLY A 185 -13.55 8.38 -9.07
C GLY A 185 -15.01 8.58 -9.45
N ILE A 186 -15.50 7.80 -10.42
CA ILE A 186 -16.94 7.67 -10.75
C ILE A 186 -17.46 6.38 -10.13
N TYR A 187 -18.60 6.43 -9.42
CA TYR A 187 -19.10 5.24 -8.68
C TYR A 187 -20.55 4.96 -9.09
N HIS A 188 -21.06 3.78 -8.70
CA HIS A 188 -22.50 3.44 -8.87
C HIS A 188 -22.95 2.51 -7.73
N VAL A 189 -24.20 2.66 -7.29
CA VAL A 189 -24.87 1.69 -6.36
C VAL A 189 -26.31 1.49 -6.86
N LYS A 190 -27.02 0.47 -6.36
CA LYS A 190 -28.38 0.18 -6.84
C LYS A 190 -29.36 0.12 -5.66
N ASP A 191 -30.54 0.71 -5.82
CA ASP A 191 -31.54 0.78 -4.72
C ASP A 191 -32.88 1.29 -5.26
N GLY A 192 -33.97 0.60 -4.96
CA GLY A 192 -35.33 1.08 -5.29
C GLY A 192 -35.85 0.50 -6.60
N GLY A 193 -34.96 -0.08 -7.41
CA GLY A 193 -35.38 -0.75 -8.66
C GLY A 193 -36.07 -2.08 -8.37
N PRO A 194 -36.11 -3.02 -9.34
CA PRO A 194 -36.54 -4.39 -9.05
C PRO A 194 -35.63 -5.03 -7.99
N GLN A 195 -34.33 -4.70 -8.05
CA GLN A 195 -33.29 -5.15 -7.07
C GLN A 195 -33.82 -5.07 -5.63
N GLY A 196 -34.66 -4.07 -5.33
CA GLY A 196 -35.27 -3.93 -3.98
C GLY A 196 -34.55 -2.87 -3.16
N PHE A 197 -34.99 -2.67 -1.91
CA PHE A 197 -34.47 -1.56 -1.06
C PHE A 197 -33.52 -2.10 0.00
N THR A 198 -32.30 -1.54 0.06
CA THR A 198 -31.29 -1.91 1.09
C THR A 198 -31.83 -1.59 2.49
N GLN A 199 -31.23 -2.21 3.52
CA GLN A 199 -31.50 -1.83 4.92
C GLN A 199 -30.21 -1.36 5.59
N GLN A 200 -29.15 -1.13 4.81
CA GLN A 200 -27.82 -0.81 5.37
C GLN A 200 -26.90 -0.24 4.30
N PRO A 201 -25.86 0.54 4.69
CA PRO A 201 -24.94 1.16 3.73
C PRO A 201 -24.44 0.24 2.60
N LEU A 202 -24.44 0.75 1.36
CA LEU A 202 -23.97 0.00 0.16
C LEU A 202 -22.52 0.40 -0.16
N ARG A 203 -21.82 -0.45 -0.90
CA ARG A 203 -20.39 -0.20 -1.25
C ARG A 203 -20.36 0.47 -2.61
N PRO A 204 -19.78 1.68 -2.74
CA PRO A 204 -19.70 2.36 -4.04
C PRO A 204 -18.86 1.53 -5.01
N ASN A 205 -19.42 1.19 -6.17
CA ASN A 205 -18.71 0.36 -7.17
C ASN A 205 -17.94 1.28 -8.13
N LEU A 206 -16.64 1.45 -7.90
CA LEU A 206 -15.80 2.28 -8.82
C LEU A 206 -15.99 1.82 -10.26
N VAL A 207 -16.34 2.75 -11.15
CA VAL A 207 -16.26 2.51 -12.62
C VAL A 207 -14.77 2.54 -13.00
N GLU A 208 -14.18 1.37 -13.28
CA GLU A 208 -12.74 1.28 -13.62
C GLU A 208 -12.49 2.00 -14.95
N THR A 209 -11.25 2.47 -15.18
CA THR A 209 -10.94 3.21 -16.44
C THR A 209 -9.50 2.97 -16.85
N SER A 210 -9.22 3.16 -18.14
CA SER A 210 -7.84 3.19 -18.68
C SER A 210 -7.46 4.63 -19.05
N CYS A 211 -8.34 5.60 -18.76
CA CYS A 211 -8.06 7.02 -19.09
C CYS A 211 -7.07 7.59 -18.09
N PRO A 212 -6.01 8.29 -18.55
CA PRO A 212 -4.97 8.80 -17.66
C PRO A 212 -5.37 9.98 -16.76
N ASN A 213 -6.26 10.85 -17.24
CA ASN A 213 -6.60 12.13 -16.55
C ASN A 213 -8.00 12.07 -15.96
N ILE A 214 -8.36 13.08 -15.15
CA ILE A 214 -9.64 13.10 -14.39
C ILE A 214 -10.82 13.02 -15.37
N ARG A 215 -11.87 12.28 -14.98
CA ARG A 215 -13.13 12.18 -15.79
C ARG A 215 -14.16 13.16 -15.23
N MET A 216 -14.72 14.01 -16.09
CA MET A 216 -15.68 15.07 -15.67
C MET A 216 -17.08 14.74 -16.23
N ASP A 217 -18.13 15.08 -15.49
CA ASP A 217 -19.52 15.16 -16.03
C ASP A 217 -20.03 13.77 -16.37
N PRO A 218 -19.94 12.77 -15.45
CA PRO A 218 -20.52 11.46 -15.70
C PRO A 218 -22.04 11.59 -15.89
N LYS A 219 -22.61 10.83 -16.83
CA LYS A 219 -24.08 10.81 -17.06
C LYS A 219 -24.53 9.38 -17.37
N LEU A 220 -25.54 8.89 -16.65
CA LEU A 220 -26.20 7.59 -16.99
C LEU A 220 -26.96 7.73 -18.30
N CYS A 221 -26.83 6.76 -19.19
CA CYS A 221 -27.73 6.63 -20.36
C CYS A 221 -29.12 6.21 -19.87
N PRO A 222 -30.17 7.05 -20.05
CA PRO A 222 -31.52 6.70 -19.60
C PRO A 222 -32.13 5.53 -20.38
N ALA A 223 -31.75 5.41 -21.67
CA ALA A 223 -32.21 4.30 -22.52
C ALA A 223 -31.56 2.98 -22.09
N ASP A 224 -30.40 3.03 -21.44
CA ASP A 224 -29.69 1.78 -21.02
C ASP A 224 -28.78 2.08 -19.83
N PRO A 225 -29.16 1.67 -18.60
CA PRO A 225 -28.36 1.99 -17.40
C PRO A 225 -27.06 1.17 -17.27
N ASP A 226 -26.80 0.27 -18.21
CA ASP A 226 -25.45 -0.37 -18.32
C ASP A 226 -24.44 0.69 -18.78
N TRP A 227 -24.85 1.58 -19.70
CA TRP A 227 -23.92 2.56 -20.31
C TRP A 227 -23.90 3.88 -19.54
N ILE A 228 -22.71 4.49 -19.44
CA ILE A 228 -22.55 5.90 -18.97
C ILE A 228 -21.69 6.64 -19.99
N ALA A 229 -21.58 7.96 -19.85
CA ALA A 229 -20.69 8.77 -20.70
C ALA A 229 -20.04 9.85 -19.84
N PHE A 230 -18.82 10.26 -20.20
CA PHE A 230 -18.09 11.27 -19.41
C PHE A 230 -17.14 12.04 -20.34
N ILE A 231 -16.69 13.19 -19.85
CA ILE A 231 -15.68 14.02 -20.58
C ILE A 231 -14.29 13.63 -20.06
N HIS A 232 -13.35 13.41 -20.97
CA HIS A 232 -11.93 13.17 -20.59
C HIS A 232 -11.02 13.92 -21.56
N SER A 233 -10.23 14.87 -21.04
CA SER A 233 -9.37 15.71 -21.90
C SER A 233 -10.19 16.33 -23.03
N ASN A 234 -11.37 16.88 -22.68
CA ASN A 234 -12.21 17.69 -23.61
C ASN A 234 -12.77 16.81 -24.75
N ASP A 235 -12.97 15.52 -24.51
CA ASP A 235 -13.64 14.66 -25.52
C ASP A 235 -14.61 13.73 -24.79
N ILE A 236 -15.55 13.18 -25.56
CA ILE A 236 -16.69 12.39 -24.98
C ILE A 236 -16.32 10.91 -25.02
N TRP A 237 -16.40 10.25 -23.86
CA TRP A 237 -16.16 8.80 -23.77
C TRP A 237 -17.46 8.13 -23.33
N ILE A 238 -17.68 6.88 -23.74
CA ILE A 238 -18.72 6.02 -23.09
C ILE A 238 -18.02 4.86 -22.39
N SER A 239 -18.75 4.17 -21.52
CA SER A 239 -18.16 3.11 -20.66
C SER A 239 -19.30 2.24 -20.12
N ASN A 240 -19.25 0.93 -20.37
CA ASN A 240 -20.29 -0.01 -19.89
C ASN A 240 -19.88 -0.50 -18.51
N ILE A 241 -20.76 -0.35 -17.50
CA ILE A 241 -20.34 -0.59 -16.08
C ILE A 241 -20.48 -2.09 -15.74
N VAL A 242 -20.82 -2.95 -16.71
CA VAL A 242 -20.79 -4.43 -16.48
C VAL A 242 -19.76 -5.07 -17.42
N THR A 243 -19.81 -4.74 -18.73
CA THR A 243 -18.87 -5.34 -19.72
C THR A 243 -17.49 -4.68 -19.58
N ARG A 244 -17.42 -3.55 -18.85
CA ARG A 244 -16.14 -2.80 -18.65
C ARG A 244 -15.59 -2.28 -19.98
N GLU A 245 -16.36 -2.39 -21.07
CA GLU A 245 -15.96 -1.80 -22.37
C GLU A 245 -15.92 -0.27 -22.22
N GLU A 246 -14.99 0.37 -22.90
CA GLU A 246 -14.71 1.82 -22.73
C GLU A 246 -14.28 2.34 -24.11
N ARG A 247 -14.86 3.45 -24.56
CA ARG A 247 -14.65 3.88 -25.96
C ARG A 247 -14.67 5.40 -26.05
N ARG A 248 -13.62 5.99 -26.64
CA ARG A 248 -13.61 7.42 -27.00
C ARG A 248 -14.57 7.63 -28.18
N LEU A 249 -15.51 8.57 -28.06
CA LEU A 249 -16.50 8.88 -29.15
C LEU A 249 -16.03 10.07 -30.00
N THR A 250 -15.24 10.99 -29.44
CA THR A 250 -14.83 12.22 -30.16
C THR A 250 -13.31 12.35 -30.13
N TYR A 251 -12.71 12.67 -31.28
CA TYR A 251 -11.24 12.82 -31.38
C TYR A 251 -10.94 14.27 -31.78
N VAL A 252 -11.50 15.21 -31.01
CA VAL A 252 -11.44 16.66 -31.36
C VAL A 252 -10.21 17.30 -30.70
N HIS A 253 -9.93 16.95 -29.43
CA HIS A 253 -8.82 17.56 -28.66
C HIS A 253 -7.67 16.55 -28.48
N ASN A 254 -6.47 16.95 -28.89
CA ASN A 254 -5.21 16.23 -28.51
C ASN A 254 -4.76 16.76 -27.15
N GLU A 255 -4.65 15.86 -26.15
CA GLU A 255 -4.23 16.26 -24.78
C GLU A 255 -2.75 16.66 -24.76
N LEU A 256 -1.94 16.14 -25.70
CA LEU A 256 -0.49 16.47 -25.79
C LEU A 256 -0.30 17.86 -26.43
N ALA A 257 -1.29 18.33 -27.22
CA ALA A 257 -1.24 19.67 -27.84
C ALA A 257 -1.41 20.75 -26.75
N ASN A 258 -0.85 21.94 -26.97
CA ASN A 258 -0.93 23.03 -25.94
C ASN A 258 -1.86 24.15 -26.44
N MET A 259 -2.84 24.52 -25.59
CA MET A 259 -3.72 25.71 -25.75
C MET A 259 -3.82 26.20 -27.20
N GLU A 260 -2.79 26.92 -27.69
CA GLU A 260 -2.87 27.68 -28.97
C GLU A 260 -2.90 26.70 -30.15
N GLU A 261 -2.26 25.53 -30.00
CA GLU A 261 -2.28 24.47 -31.04
C GLU A 261 -3.70 23.92 -31.19
N ASP A 262 -4.40 23.61 -30.09
CA ASP A 262 -5.67 22.84 -30.13
C ASP A 262 -6.87 23.80 -30.14
N ALA A 263 -7.48 24.08 -28.97
CA ALA A 263 -8.58 25.06 -28.83
C ALA A 263 -9.94 24.46 -29.24
N ARG A 264 -10.01 23.17 -29.59
CA ARG A 264 -11.31 22.53 -29.91
C ARG A 264 -11.69 21.57 -28.78
N SER A 265 -13.00 21.36 -28.57
CA SER A 265 -13.52 20.49 -27.49
C SER A 265 -14.93 20.03 -27.82
N ALA A 266 -15.38 18.91 -27.24
CA ALA A 266 -16.74 18.38 -27.46
C ALA A 266 -17.38 18.02 -26.12
N GLY A 267 -18.72 18.13 -26.02
CA GLY A 267 -19.46 17.70 -24.82
C GLY A 267 -19.29 18.67 -23.67
N VAL A 268 -18.73 19.85 -23.96
CA VAL A 268 -18.22 20.76 -22.88
C VAL A 268 -18.89 22.12 -23.06
N ALA A 269 -19.28 22.74 -21.94
CA ALA A 269 -19.75 24.15 -21.93
C ALA A 269 -18.52 25.06 -21.85
N THR A 270 -18.43 26.07 -22.72
CA THR A 270 -17.31 27.04 -22.69
C THR A 270 -17.44 27.94 -21.46
N PHE A 271 -16.47 28.85 -21.26
CA PHE A 271 -16.34 29.64 -20.01
C PHE A 271 -17.57 30.53 -19.80
N VAL A 272 -17.93 31.29 -20.85
CA VAL A 272 -19.05 32.27 -20.76
C VAL A 272 -20.34 31.53 -20.42
N LEU A 273 -20.50 30.31 -20.93
CA LEU A 273 -21.74 29.52 -20.70
C LEU A 273 -21.77 29.01 -19.26
N GLN A 274 -20.62 28.66 -18.70
CA GLN A 274 -20.59 28.19 -17.29
C GLN A 274 -20.78 29.39 -16.36
N GLU A 275 -20.19 30.54 -16.71
CA GLU A 275 -20.15 31.68 -15.78
C GLU A 275 -21.43 32.53 -15.90
N GLU A 276 -21.94 32.73 -17.13
CA GLU A 276 -23.00 33.75 -17.38
C GLU A 276 -24.33 33.10 -17.80
N PHE A 277 -24.37 31.80 -18.09
CA PHE A 277 -25.64 31.11 -18.44
C PHE A 277 -25.83 29.86 -17.57
N ASP A 278 -25.08 29.77 -16.46
CA ASP A 278 -25.20 28.62 -15.51
C ASP A 278 -25.57 27.35 -16.28
N ARG A 279 -24.74 26.98 -17.25
CA ARG A 279 -24.87 25.70 -17.99
C ARG A 279 -23.48 25.04 -18.03
N TYR A 280 -23.34 23.86 -17.41
CA TYR A 280 -22.00 23.26 -17.18
C TYR A 280 -21.83 21.94 -17.93
N SER A 281 -22.81 21.55 -18.76
CA SER A 281 -22.71 20.32 -19.58
C SER A 281 -22.85 20.68 -21.07
N GLY A 282 -22.30 19.83 -21.95
CA GLY A 282 -22.35 20.07 -23.40
C GLY A 282 -22.72 18.83 -24.19
N TYR A 283 -23.26 17.80 -23.52
CA TYR A 283 -23.79 16.61 -24.23
C TYR A 283 -25.04 16.10 -23.50
N TRP A 284 -25.88 15.37 -24.23
CA TRP A 284 -27.21 14.93 -23.73
C TRP A 284 -27.52 13.56 -24.32
N TRP A 285 -27.58 12.52 -23.47
CA TRP A 285 -28.08 11.19 -23.90
C TRP A 285 -29.48 11.34 -24.51
N CYS A 286 -29.75 10.67 -25.63
CA CYS A 286 -31.15 10.51 -26.10
C CYS A 286 -31.84 9.46 -25.24
N PRO A 287 -33.03 9.74 -24.66
CA PRO A 287 -33.61 8.87 -23.63
C PRO A 287 -34.29 7.59 -24.15
N LYS A 288 -34.44 7.46 -25.48
CA LYS A 288 -34.93 6.19 -26.09
C LYS A 288 -33.85 5.63 -27.02
N ALA A 289 -33.79 4.30 -27.14
CA ALA A 289 -32.86 3.63 -28.07
C ALA A 289 -33.65 3.02 -29.23
N GLU A 290 -33.17 3.22 -30.46
CA GLU A 290 -33.77 2.61 -31.67
C GLU A 290 -33.40 1.12 -31.69
N THR A 291 -34.38 0.22 -31.86
CA THR A 291 -34.06 -1.24 -31.95
C THR A 291 -33.46 -1.53 -33.33
N THR A 292 -32.44 -2.39 -33.39
CA THR A 292 -31.83 -2.81 -34.68
C THR A 292 -32.55 -4.08 -35.18
N PRO A 293 -32.51 -4.37 -36.50
CA PRO A 293 -33.08 -5.62 -37.03
C PRO A 293 -32.68 -6.88 -36.25
N SER A 294 -31.43 -6.93 -35.78
CA SER A 294 -30.83 -8.16 -35.18
C SER A 294 -31.12 -8.26 -33.67
N GLY A 295 -31.99 -7.41 -33.11
CA GLY A 295 -32.24 -7.40 -31.66
C GLY A 295 -31.10 -6.79 -30.87
N GLY A 296 -30.39 -5.83 -31.48
CA GLY A 296 -29.45 -4.94 -30.76
C GLY A 296 -30.12 -3.60 -30.49
N LYS A 297 -29.39 -2.49 -30.65
CA LYS A 297 -30.01 -1.14 -30.54
C LYS A 297 -29.03 -0.03 -30.92
N ILE A 298 -29.57 1.19 -31.11
CA ILE A 298 -28.76 2.41 -31.38
C ILE A 298 -28.97 3.42 -30.25
N LEU A 299 -28.01 3.51 -29.32
CA LEU A 299 -27.94 4.66 -28.38
C LEU A 299 -27.49 5.89 -29.15
N ARG A 300 -27.71 7.08 -28.59
CA ARG A 300 -27.53 8.35 -29.35
C ARG A 300 -27.15 9.46 -28.36
N ILE A 301 -26.21 10.34 -28.74
CA ILE A 301 -25.79 11.48 -27.87
C ILE A 301 -25.74 12.75 -28.72
N LEU A 302 -26.60 13.74 -28.42
CA LEU A 302 -26.41 15.12 -28.92
C LEU A 302 -25.26 15.76 -28.13
N TYR A 303 -24.29 16.36 -28.81
CA TYR A 303 -23.20 17.08 -28.10
C TYR A 303 -22.86 18.38 -28.85
N GLU A 304 -22.63 19.46 -28.09
CA GLU A 304 -22.18 20.74 -28.71
C GLU A 304 -20.67 20.64 -28.91
N GLU A 305 -20.18 21.11 -30.06
CA GLU A 305 -18.72 21.09 -30.35
C GLU A 305 -18.22 22.54 -30.47
N ASN A 306 -17.19 22.89 -29.71
CA ASN A 306 -16.68 24.30 -29.66
C ASN A 306 -15.31 24.37 -30.36
N ASP A 307 -15.04 25.52 -30.99
CA ASP A 307 -13.69 25.89 -31.47
C ASP A 307 -13.37 27.28 -30.94
N GLU A 308 -12.49 27.36 -29.93
CA GLU A 308 -12.12 28.67 -29.31
C GLU A 308 -10.88 29.22 -30.03
N SER A 309 -10.62 28.75 -31.25
CA SER A 309 -9.44 29.16 -32.06
C SER A 309 -9.30 30.69 -32.07
N GLU A 310 -10.41 31.41 -32.27
CA GLU A 310 -10.36 32.87 -32.50
C GLU A 310 -10.71 33.64 -31.21
N VAL A 311 -10.86 32.95 -30.08
CA VAL A 311 -11.15 33.63 -28.78
C VAL A 311 -9.82 34.13 -28.21
N GLU A 312 -9.82 35.32 -27.60
CA GLU A 312 -8.56 35.92 -27.06
C GLU A 312 -7.97 35.01 -25.98
N ILE A 313 -6.64 34.93 -25.94
CA ILE A 313 -5.91 34.16 -24.88
C ILE A 313 -5.42 35.15 -23.81
N ILE A 314 -5.83 34.92 -22.57
CA ILE A 314 -5.43 35.77 -21.40
C ILE A 314 -4.52 34.94 -20.50
N HIS A 315 -3.59 35.57 -19.79
CA HIS A 315 -2.74 34.85 -18.81
C HIS A 315 -3.15 35.25 -17.40
N VAL A 316 -3.55 34.26 -16.58
CA VAL A 316 -3.82 34.49 -15.14
C VAL A 316 -2.73 33.76 -14.35
N THR A 317 -2.21 34.41 -13.30
CA THR A 317 -1.09 33.86 -12.48
C THR A 317 -1.38 32.41 -12.08
N SER A 318 -0.36 31.55 -12.08
CA SER A 318 -0.53 30.16 -11.57
C SER A 318 -0.53 30.17 -10.05
N PRO A 319 -1.44 29.42 -9.40
CA PRO A 319 -1.49 29.34 -7.93
C PRO A 319 -0.17 29.03 -7.23
N MET A 320 0.67 28.18 -7.84
CA MET A 320 2.00 27.84 -7.27
C MET A 320 2.95 29.01 -7.54
N LEU A 321 2.90 30.04 -6.69
CA LEU A 321 3.63 31.32 -6.93
C LEU A 321 5.12 31.03 -7.13
N GLU A 322 5.60 29.93 -6.53
CA GLU A 322 7.04 29.55 -6.58
C GLU A 322 7.49 29.40 -8.04
N THR A 323 6.60 28.87 -8.90
CA THR A 323 6.90 28.66 -10.33
C THR A 323 7.06 30.02 -11.04
N ARG A 324 6.34 31.04 -10.58
CA ARG A 324 6.39 32.40 -11.21
C ARG A 324 5.99 32.28 -12.69
N ARG A 325 5.00 31.42 -12.97
CA ARG A 325 4.46 31.26 -14.34
C ARG A 325 2.96 31.58 -14.29
N ALA A 326 2.37 31.92 -15.43
CA ALA A 326 0.91 32.13 -15.54
C ALA A 326 0.31 31.01 -16.39
N ASP A 327 -1.01 30.85 -16.34
CA ASP A 327 -1.72 29.83 -17.15
C ASP A 327 -2.44 30.54 -18.30
N SER A 328 -2.35 29.98 -19.51
CA SER A 328 -3.20 30.40 -20.65
C SER A 328 -4.68 30.13 -20.31
N PHE A 329 -5.58 30.93 -20.91
CA PHE A 329 -7.03 30.93 -20.55
C PHE A 329 -7.80 31.63 -21.67
N ARG A 330 -8.81 30.97 -22.27
CA ARG A 330 -9.63 31.60 -23.34
C ARG A 330 -10.67 32.53 -22.71
N TYR A 331 -10.59 33.85 -22.95
CA TYR A 331 -11.52 34.81 -22.31
C TYR A 331 -12.13 35.71 -23.37
N PRO A 332 -13.41 35.47 -23.76
CA PRO A 332 -14.14 36.38 -24.64
C PRO A 332 -14.35 37.78 -24.04
N LYS A 333 -13.31 38.61 -24.15
CA LYS A 333 -13.39 40.04 -23.74
C LYS A 333 -14.57 40.69 -24.47
N THR A 334 -15.32 41.55 -23.78
CA THR A 334 -16.47 42.28 -24.38
C THR A 334 -16.09 42.83 -25.75
N GLY A 335 -16.92 42.56 -26.77
CA GLY A 335 -16.71 43.11 -28.12
C GLY A 335 -15.90 42.16 -29.02
N THR A 336 -15.20 41.18 -28.44
CA THR A 336 -14.34 40.26 -29.24
C THR A 336 -15.13 39.01 -29.63
N ALA A 337 -14.44 38.00 -30.19
CA ALA A 337 -15.11 36.79 -30.72
C ALA A 337 -15.53 35.86 -29.56
N ASN A 338 -16.77 35.39 -29.62
CA ASN A 338 -17.24 34.21 -28.83
C ASN A 338 -16.80 32.94 -29.58
N PRO A 339 -16.80 31.76 -28.92
CA PRO A 339 -16.34 30.53 -29.58
C PRO A 339 -17.25 30.14 -30.77
N LYS A 340 -16.67 29.59 -31.84
CA LYS A 340 -17.47 28.97 -32.93
C LYS A 340 -18.11 27.69 -32.38
N VAL A 341 -19.44 27.60 -32.43
CA VAL A 341 -20.16 26.44 -31.82
C VAL A 341 -21.02 25.75 -32.89
N THR A 342 -21.39 24.50 -32.62
CA THR A 342 -22.24 23.71 -33.54
C THR A 342 -22.76 22.48 -32.80
N PHE A 343 -23.81 21.85 -33.34
CA PHE A 343 -24.29 20.56 -32.82
C PHE A 343 -23.64 19.43 -33.62
N LYS A 344 -23.40 18.30 -32.95
CA LYS A 344 -23.04 17.02 -33.61
C LYS A 344 -23.86 15.92 -32.95
N MET A 345 -23.73 14.69 -33.42
CA MET A 345 -24.44 13.54 -32.79
C MET A 345 -23.61 12.27 -32.99
N SER A 346 -23.38 11.52 -31.90
CA SER A 346 -22.81 10.15 -32.01
C SER A 346 -23.96 9.13 -32.02
N GLU A 347 -24.00 8.29 -33.05
CA GLU A 347 -24.86 7.07 -33.06
C GLU A 347 -23.99 5.88 -32.63
N ILE A 348 -24.30 5.26 -31.49
CA ILE A 348 -23.53 4.08 -31.01
C ILE A 348 -24.37 2.82 -31.24
N MET A 349 -23.98 1.97 -32.20
CA MET A 349 -24.70 0.69 -32.47
C MET A 349 -24.18 -0.39 -31.51
N ILE A 350 -25.08 -0.98 -30.72
CA ILE A 350 -24.74 -2.07 -29.75
C ILE A 350 -25.34 -3.39 -30.29
N ASP A 351 -24.73 -4.53 -29.97
CA ASP A 351 -25.26 -5.86 -30.37
C ASP A 351 -26.24 -6.35 -29.28
N ALA A 352 -26.79 -7.56 -29.44
CA ALA A 352 -27.73 -8.13 -28.45
C ALA A 352 -27.03 -8.33 -27.09
N GLU A 353 -25.70 -8.50 -27.12
CA GLU A 353 -24.89 -8.86 -25.91
C GLU A 353 -24.52 -7.61 -25.11
N GLY A 354 -24.48 -6.43 -25.75
CA GLY A 354 -24.09 -5.18 -25.07
C GLY A 354 -22.65 -4.79 -25.38
N ARG A 355 -22.14 -5.16 -26.56
CA ARG A 355 -20.78 -4.75 -27.01
C ARG A 355 -20.91 -3.78 -28.19
N ILE A 356 -20.23 -2.64 -28.10
CA ILE A 356 -20.22 -1.64 -29.22
C ILE A 356 -19.88 -2.39 -30.52
N ILE A 357 -20.81 -2.39 -31.48
CA ILE A 357 -20.48 -2.86 -32.86
C ILE A 357 -19.68 -1.73 -33.53
N ASP A 358 -20.23 -0.51 -33.54
CA ASP A 358 -19.67 0.60 -34.35
C ASP A 358 -20.12 1.94 -33.77
N VAL A 359 -19.39 3.02 -34.09
CA VAL A 359 -19.75 4.41 -33.69
C VAL A 359 -19.70 5.28 -34.95
N ILE A 360 -20.80 5.96 -35.28
CA ILE A 360 -20.80 6.94 -36.41
C ILE A 360 -20.90 8.34 -35.80
N ASP A 361 -19.92 9.19 -36.02
CA ASP A 361 -20.05 10.63 -35.66
C ASP A 361 -20.81 11.32 -36.80
N LYS A 362 -21.72 12.25 -36.47
CA LYS A 362 -22.58 12.90 -37.49
C LYS A 362 -22.56 14.42 -37.31
N GLU A 363 -22.59 15.16 -38.42
CA GLU A 363 -22.58 16.64 -38.40
C GLU A 363 -23.91 17.14 -38.95
N LEU A 364 -24.22 18.43 -38.77
CA LEU A 364 -25.48 19.00 -39.32
C LEU A 364 -25.41 18.96 -40.86
N ILE A 365 -26.52 18.58 -41.50
CA ILE A 365 -26.61 18.52 -42.99
C ILE A 365 -26.10 19.83 -43.60
N GLN A 366 -26.35 20.97 -42.95
CA GLN A 366 -25.81 22.28 -43.39
C GLN A 366 -25.21 23.00 -42.18
N PRO A 367 -24.28 23.97 -42.40
CA PRO A 367 -23.68 24.74 -41.30
C PRO A 367 -24.65 25.23 -40.21
N PHE A 368 -24.11 25.45 -39.00
CA PHE A 368 -24.88 26.01 -37.87
C PHE A 368 -25.29 27.45 -38.17
N GLU A 369 -24.41 28.20 -38.84
CA GLU A 369 -24.64 29.64 -39.14
C GLU A 369 -25.82 29.81 -40.11
N ILE A 370 -26.12 28.77 -40.89
CA ILE A 370 -27.20 28.82 -41.92
C ILE A 370 -28.54 28.42 -41.27
N LEU A 371 -28.59 27.25 -40.63
CA LEU A 371 -29.87 26.70 -40.09
C LEU A 371 -30.40 27.58 -38.95
N PHE A 372 -29.50 28.18 -38.15
CA PHE A 372 -29.93 29.11 -37.07
C PHE A 372 -29.18 30.43 -37.26
N GLU A 373 -29.54 31.18 -38.30
CA GLU A 373 -29.02 32.55 -38.52
C GLU A 373 -29.18 33.37 -37.23
N GLY A 374 -28.17 34.19 -36.90
CA GLY A 374 -28.28 35.17 -35.79
C GLY A 374 -27.90 34.59 -34.43
N VAL A 375 -27.90 33.26 -34.30
CA VAL A 375 -27.65 32.59 -32.99
C VAL A 375 -26.16 32.73 -32.62
N GLU A 376 -25.88 33.18 -31.39
CA GLU A 376 -24.52 33.19 -30.82
C GLU A 376 -24.41 32.12 -29.73
N TYR A 377 -25.31 32.16 -28.74
CA TYR A 377 -25.19 31.28 -27.54
C TYR A 377 -26.23 30.15 -27.62
N ILE A 378 -25.78 28.90 -27.43
CA ILE A 378 -26.71 27.77 -27.12
C ILE A 378 -26.97 27.80 -25.60
N ALA A 379 -28.06 28.44 -25.18
CA ALA A 379 -28.33 28.64 -23.73
C ALA A 379 -28.62 27.30 -23.06
N ARG A 380 -29.61 26.57 -23.56
CA ARG A 380 -30.03 25.26 -22.99
C ARG A 380 -30.25 24.27 -24.13
N ALA A 381 -30.22 22.97 -23.83
CA ALA A 381 -30.50 21.94 -24.85
C ALA A 381 -30.85 20.61 -24.17
N GLY A 382 -31.44 19.69 -24.93
CA GLY A 382 -31.90 18.40 -24.39
C GLY A 382 -32.72 17.64 -25.42
N TRP A 383 -33.50 16.66 -24.96
CA TRP A 383 -34.36 15.84 -25.86
C TRP A 383 -35.83 15.93 -25.41
N THR A 384 -36.75 15.79 -26.35
CA THR A 384 -38.18 15.57 -26.01
C THR A 384 -38.30 14.18 -25.39
N PRO A 385 -39.19 13.96 -24.40
CA PRO A 385 -39.20 12.70 -23.64
C PRO A 385 -39.40 11.46 -24.51
N GLU A 386 -40.03 11.60 -25.69
CA GLU A 386 -40.18 10.49 -26.66
C GLU A 386 -38.81 10.18 -27.29
N GLY A 387 -37.93 11.18 -27.41
CA GLY A 387 -36.66 11.04 -28.13
C GLY A 387 -36.78 11.49 -29.58
N LYS A 388 -37.99 11.85 -30.03
CA LYS A 388 -38.26 12.09 -31.48
C LYS A 388 -37.44 13.28 -31.97
N TYR A 389 -37.45 14.39 -31.22
CA TYR A 389 -36.66 15.60 -31.59
C TYR A 389 -35.66 15.94 -30.47
N ALA A 390 -34.55 16.57 -30.85
CA ALA A 390 -33.67 17.26 -29.89
C ALA A 390 -34.05 18.75 -29.87
N TRP A 391 -34.29 19.31 -28.68
CA TRP A 391 -34.70 20.74 -28.56
C TRP A 391 -33.51 21.59 -28.12
N SER A 392 -33.60 22.90 -28.34
CA SER A 392 -32.53 23.84 -27.93
C SER A 392 -33.08 25.26 -27.78
N ILE A 393 -32.56 26.00 -26.80
CA ILE A 393 -32.92 27.45 -26.59
C ILE A 393 -31.73 28.30 -27.06
N LEU A 394 -31.96 29.19 -28.02
CA LEU A 394 -30.86 29.86 -28.77
C LEU A 394 -31.00 31.38 -28.65
N LEU A 395 -29.98 32.03 -28.08
CA LEU A 395 -29.92 33.51 -28.00
C LEU A 395 -29.14 34.08 -29.19
N ASP A 396 -29.44 35.32 -29.57
CA ASP A 396 -28.58 36.08 -30.51
C ASP A 396 -27.47 36.78 -29.70
N ARG A 397 -26.50 37.37 -30.39
CA ARG A 397 -25.34 38.05 -29.75
C ARG A 397 -25.81 39.03 -28.66
N SER A 398 -26.89 39.76 -28.95
CA SER A 398 -27.35 40.89 -28.09
C SER A 398 -28.20 40.37 -26.92
N GLN A 399 -28.59 39.10 -26.95
CA GLN A 399 -29.42 38.48 -25.89
C GLN A 399 -30.76 39.23 -25.82
N THR A 400 -31.34 39.51 -26.99
CA THR A 400 -32.67 40.16 -27.10
C THR A 400 -33.62 39.30 -27.95
N ARG A 401 -33.17 38.11 -28.38
CA ARG A 401 -33.99 37.26 -29.29
C ARG A 401 -33.81 35.78 -28.88
N LEU A 402 -34.72 35.27 -28.07
CA LEU A 402 -34.77 33.82 -27.71
C LEU A 402 -35.46 33.05 -28.84
N GLN A 403 -35.02 31.82 -29.07
CA GLN A 403 -35.72 30.87 -29.98
C GLN A 403 -35.67 29.48 -29.34
N ILE A 404 -36.81 28.78 -29.30
CA ILE A 404 -36.82 27.33 -28.95
C ILE A 404 -36.90 26.55 -30.27
N VAL A 405 -35.95 25.66 -30.53
CA VAL A 405 -35.88 24.99 -31.86
C VAL A 405 -35.84 23.47 -31.67
N LEU A 406 -36.74 22.75 -32.36
CA LEU A 406 -36.66 21.26 -32.47
C LEU A 406 -35.73 20.90 -33.63
N ILE A 407 -34.80 19.98 -33.38
CA ILE A 407 -33.85 19.48 -34.43
C ILE A 407 -34.08 17.97 -34.55
N SER A 408 -34.67 17.52 -35.67
CA SER A 408 -34.85 16.07 -35.91
C SER A 408 -33.46 15.43 -36.07
N PRO A 409 -33.21 14.23 -35.51
CA PRO A 409 -31.96 13.52 -35.76
C PRO A 409 -31.66 13.36 -37.26
N GLU A 410 -32.72 13.32 -38.10
CA GLU A 410 -32.59 13.19 -39.57
C GLU A 410 -31.77 14.36 -40.15
N LEU A 411 -31.66 15.49 -39.44
CA LEU A 411 -30.80 16.63 -39.89
C LEU A 411 -29.32 16.24 -39.85
N PHE A 412 -28.94 15.22 -39.08
CA PHE A 412 -27.51 14.83 -38.94
C PHE A 412 -27.15 13.76 -39.96
N ILE A 413 -25.99 13.90 -40.60
CA ILE A 413 -25.50 12.94 -41.62
C ILE A 413 -24.05 12.57 -41.30
N PRO A 414 -23.63 11.30 -41.52
CA PRO A 414 -22.24 10.90 -41.27
C PRO A 414 -21.20 11.90 -41.77
N VAL A 415 -20.20 12.20 -40.93
CA VAL A 415 -19.04 13.03 -41.34
C VAL A 415 -18.30 12.29 -42.46
N GLU A 416 -18.03 12.98 -43.57
CA GLU A 416 -17.28 12.36 -44.72
C GLU A 416 -16.30 13.40 -45.27
N ASP A 417 -15.03 13.01 -45.45
CA ASP A 417 -14.01 13.92 -46.06
C ASP A 417 -14.22 13.97 -47.57
N ASP A 418 -14.68 12.86 -48.16
CA ASP A 418 -14.98 12.79 -49.62
C ASP A 418 -16.22 13.66 -49.91
N VAL A 419 -16.01 14.81 -50.56
CA VAL A 419 -17.12 15.76 -50.92
C VAL A 419 -18.13 15.04 -51.85
N MET A 420 -17.65 14.11 -52.68
CA MET A 420 -18.52 13.42 -53.68
C MET A 420 -19.46 12.45 -52.96
N GLU A 421 -18.98 11.81 -51.88
CA GLU A 421 -19.79 10.88 -51.06
C GLU A 421 -20.86 11.66 -50.29
N ARG A 422 -20.53 12.88 -49.84
CA ARG A 422 -21.48 13.74 -49.08
C ARG A 422 -22.64 14.17 -49.96
N GLN A 423 -22.37 14.60 -51.20
CA GLN A 423 -23.43 15.03 -52.15
C GLN A 423 -24.47 13.92 -52.29
N ARG A 424 -24.05 12.66 -52.13
CA ARG A 424 -24.95 11.49 -52.18
C ARG A 424 -25.75 11.42 -50.86
N LEU A 425 -25.07 11.59 -49.72
CA LEU A 425 -25.73 11.56 -48.37
C LEU A 425 -26.63 12.79 -48.19
N ILE A 426 -26.19 13.95 -48.70
CA ILE A 426 -26.92 15.25 -48.51
C ILE A 426 -28.27 15.19 -49.23
N GLU A 427 -28.36 14.51 -50.37
CA GLU A 427 -29.60 14.50 -51.19
C GLU A 427 -30.45 13.27 -50.87
N SER A 428 -29.85 12.20 -50.34
CA SER A 428 -30.63 11.03 -49.85
C SER A 428 -31.43 11.41 -48.60
N VAL A 429 -31.02 12.48 -47.90
CA VAL A 429 -31.82 13.07 -46.79
C VAL A 429 -32.97 13.87 -47.39
N PRO A 430 -34.23 13.67 -46.92
CA PRO A 430 -35.38 14.41 -47.44
C PRO A 430 -35.27 15.94 -47.36
N ASP A 431 -36.03 16.63 -48.23
CA ASP A 431 -36.10 18.11 -48.25
C ASP A 431 -37.14 18.61 -47.22
N SER A 432 -38.05 17.74 -46.80
CA SER A 432 -39.13 18.10 -45.84
C SER A 432 -38.56 18.24 -44.42
N VAL A 433 -37.57 17.41 -44.08
CA VAL A 433 -36.89 17.47 -42.75
C VAL A 433 -36.18 18.83 -42.63
N THR A 434 -36.31 19.46 -41.47
CA THR A 434 -35.99 20.91 -41.33
C THR A 434 -35.99 21.28 -39.84
N PRO A 435 -35.08 22.19 -39.38
CA PRO A 435 -35.20 22.74 -38.03
C PRO A 435 -36.56 23.44 -37.84
N LEU A 436 -37.22 23.22 -36.71
CA LEU A 436 -38.55 23.81 -36.43
C LEU A 436 -38.43 24.83 -35.29
N ILE A 437 -38.49 26.12 -35.60
CA ILE A 437 -38.63 27.16 -34.54
C ILE A 437 -40.07 27.07 -34.00
N ILE A 438 -40.24 26.75 -32.71
CA ILE A 438 -41.59 26.54 -32.12
C ILE A 438 -41.97 27.74 -31.23
N TYR A 439 -40.98 28.53 -30.80
CA TYR A 439 -41.27 29.75 -30.00
C TYR A 439 -40.18 30.78 -30.28
N GLU A 440 -40.54 32.07 -30.29
CA GLU A 440 -39.56 33.14 -30.59
C GLU A 440 -40.02 34.44 -29.93
N GLU A 441 -39.63 34.65 -28.67
CA GLU A 441 -39.88 35.97 -28.00
C GLU A 441 -38.70 36.89 -28.33
N THR A 442 -38.92 38.21 -28.22
CA THR A 442 -37.84 39.22 -28.32
C THR A 442 -38.10 40.29 -27.25
N THR A 443 -37.15 41.22 -27.07
CA THR A 443 -37.36 42.33 -26.10
C THR A 443 -36.37 43.46 -26.37
N ASP A 444 -36.77 44.68 -26.02
CA ASP A 444 -35.89 45.88 -26.15
C ASP A 444 -35.00 45.99 -24.92
N ILE A 445 -35.25 45.15 -23.90
CA ILE A 445 -34.42 45.14 -22.65
C ILE A 445 -33.37 44.02 -22.76
N TRP A 446 -33.59 42.88 -22.10
CA TRP A 446 -32.70 41.71 -22.27
C TRP A 446 -33.48 40.43 -21.92
N ILE A 447 -32.96 39.27 -22.34
CA ILE A 447 -33.61 37.96 -22.05
C ILE A 447 -32.83 37.26 -20.93
N ASN A 448 -33.47 37.10 -19.76
CA ASN A 448 -32.93 36.27 -18.65
C ASN A 448 -33.26 34.80 -18.96
N ILE A 449 -32.22 33.98 -19.16
CA ILE A 449 -32.40 32.51 -19.39
C ILE A 449 -32.80 31.84 -18.07
N HIS A 450 -33.64 30.81 -18.16
CA HIS A 450 -34.16 30.08 -16.97
C HIS A 450 -34.23 28.59 -17.30
N ASP A 451 -34.47 27.75 -16.29
CA ASP A 451 -34.43 26.28 -16.46
C ASP A 451 -35.86 25.74 -16.58
N ILE A 452 -36.82 26.58 -17.01
CA ILE A 452 -38.26 26.19 -17.10
C ILE A 452 -38.61 25.88 -18.56
N PHE A 453 -38.93 24.62 -18.83
CA PHE A 453 -39.35 24.16 -20.19
C PHE A 453 -39.92 22.76 -20.05
N HIS A 454 -41.22 22.60 -20.33
CA HIS A 454 -41.89 21.27 -20.19
C HIS A 454 -42.51 20.88 -21.54
N VAL A 455 -42.21 19.67 -22.03
CA VAL A 455 -42.80 19.16 -23.30
C VAL A 455 -43.76 18.01 -22.95
N PHE A 456 -45.02 18.11 -23.39
CA PHE A 456 -46.03 17.06 -23.14
C PHE A 456 -45.86 15.95 -24.18
N PRO A 457 -46.23 14.68 -23.86
CA PRO A 457 -46.26 13.62 -24.87
C PRO A 457 -47.03 14.06 -26.12
N GLN A 458 -46.56 13.65 -27.29
CA GLN A 458 -47.11 14.14 -28.59
C GLN A 458 -48.40 13.36 -28.90
N SER A 459 -49.57 13.98 -28.75
CA SER A 459 -50.87 13.31 -29.00
C SER A 459 -51.19 13.34 -30.50
N HIS A 460 -51.02 14.51 -31.13
CA HIS A 460 -51.13 14.63 -32.61
C HIS A 460 -49.72 14.55 -33.22
N GLU A 461 -49.63 14.14 -34.50
CA GLU A 461 -48.33 14.02 -35.21
C GLU A 461 -47.68 15.39 -35.38
N GLU A 462 -48.45 16.38 -35.88
CA GLU A 462 -47.91 17.68 -36.36
C GLU A 462 -48.21 18.79 -35.35
N GLU A 463 -48.21 18.48 -34.05
CA GLU A 463 -48.42 19.51 -33.00
C GLU A 463 -47.50 19.19 -31.82
N ILE A 464 -47.00 20.22 -31.13
CA ILE A 464 -46.22 20.02 -29.87
C ILE A 464 -46.75 20.96 -28.80
N GLU A 465 -47.40 20.40 -27.77
CA GLU A 465 -47.78 21.16 -26.55
C GLU A 465 -46.53 21.33 -25.69
N PHE A 466 -46.39 22.47 -25.01
CA PHE A 466 -45.26 22.67 -24.07
C PHE A 466 -45.54 23.86 -23.15
N ILE A 467 -44.88 23.89 -21.98
CA ILE A 467 -44.95 25.05 -21.06
C ILE A 467 -43.59 25.77 -21.09
N PHE A 468 -43.62 27.10 -21.13
CA PHE A 468 -42.39 27.94 -21.09
C PHE A 468 -42.65 29.11 -20.14
N ALA A 469 -41.65 29.96 -19.90
CA ALA A 469 -41.83 31.16 -19.05
C ALA A 469 -41.26 32.39 -19.76
N SER A 470 -41.89 33.55 -19.59
CA SER A 470 -41.55 34.76 -20.40
C SER A 470 -41.77 36.04 -19.58
N GLU A 471 -40.77 36.93 -19.59
CA GLU A 471 -40.93 38.34 -19.13
C GLU A 471 -41.34 39.21 -20.32
N CYS A 472 -41.31 38.66 -21.54
CA CYS A 472 -41.43 39.47 -22.78
C CYS A 472 -42.87 39.95 -23.00
N LYS A 473 -43.88 39.26 -22.46
CA LYS A 473 -45.28 39.71 -22.61
C LYS A 473 -45.55 40.87 -21.64
N THR A 474 -45.65 40.58 -20.34
CA THR A 474 -46.22 41.54 -19.35
C THR A 474 -45.12 42.43 -18.76
N GLY A 475 -43.85 42.01 -18.85
CA GLY A 475 -42.76 42.66 -18.10
C GLY A 475 -42.47 41.90 -16.80
N PHE A 476 -43.17 40.79 -16.57
CA PHE A 476 -42.91 39.87 -15.42
C PHE A 476 -42.91 38.43 -15.95
N ARG A 477 -42.09 37.57 -15.34
CA ARG A 477 -41.92 36.18 -15.83
C ARG A 477 -43.15 35.37 -15.42
N HIS A 478 -43.95 34.92 -16.39
CA HIS A 478 -45.14 34.09 -16.10
C HIS A 478 -45.11 32.82 -16.96
N LEU A 479 -45.83 31.79 -16.53
CA LEU A 479 -45.91 30.50 -17.28
C LEU A 479 -46.92 30.62 -18.42
N TYR A 480 -46.64 29.95 -19.54
CA TYR A 480 -47.53 29.98 -20.74
C TYR A 480 -47.59 28.56 -21.31
N LYS A 481 -48.79 28.00 -21.45
CA LYS A 481 -49.00 26.76 -22.24
C LYS A 481 -49.09 27.13 -23.71
N ILE A 482 -48.23 26.56 -24.55
CA ILE A 482 -48.16 26.94 -26.00
C ILE A 482 -48.29 25.66 -26.83
N THR A 483 -49.15 25.69 -27.84
CA THR A 483 -49.23 24.60 -28.85
C THR A 483 -48.68 25.15 -30.17
N SER A 484 -47.89 24.35 -30.88
CA SER A 484 -47.24 24.81 -32.14
C SER A 484 -47.52 23.79 -33.24
N ILE A 485 -47.90 24.27 -34.44
CA ILE A 485 -48.14 23.38 -35.60
C ILE A 485 -46.81 23.20 -36.34
N LEU A 486 -46.31 21.97 -36.37
CA LEU A 486 -44.99 21.65 -36.99
C LEU A 486 -45.16 21.56 -38.50
N LYS A 487 -45.31 22.70 -39.17
CA LYS A 487 -45.59 22.73 -40.64
C LYS A 487 -44.33 22.32 -41.41
N GLU A 488 -44.51 21.61 -42.51
CA GLU A 488 -43.41 21.35 -43.48
C GLU A 488 -42.92 22.71 -44.00
N SER A 489 -41.60 22.95 -43.97
CA SER A 489 -41.05 24.29 -44.31
C SER A 489 -41.16 24.56 -45.81
N LYS A 490 -41.18 25.84 -46.20
CA LYS A 490 -41.20 26.24 -47.63
C LYS A 490 -39.77 26.56 -48.10
N TYR A 491 -38.75 26.00 -47.42
CA TYR A 491 -37.34 26.11 -47.88
C TYR A 491 -36.85 24.71 -48.31
N LYS A 492 -36.14 24.66 -49.44
CA LYS A 492 -35.66 23.37 -50.01
C LYS A 492 -34.15 23.47 -50.28
N ARG A 493 -33.39 22.46 -49.86
CA ARG A 493 -31.94 22.35 -50.20
C ARG A 493 -31.79 22.14 -51.72
N SER A 494 -32.79 21.52 -52.35
CA SER A 494 -32.82 21.33 -53.83
C SER A 494 -32.66 22.68 -54.53
N SER A 495 -33.58 23.62 -54.28
CA SER A 495 -33.52 24.99 -54.86
C SER A 495 -32.10 25.57 -54.70
N GLY A 496 -31.41 25.18 -53.63
CA GLY A 496 -29.95 25.41 -53.52
C GLY A 496 -29.61 26.85 -53.18
N GLY A 497 -30.20 27.39 -52.12
CA GLY A 497 -29.83 28.71 -51.60
C GLY A 497 -29.79 28.72 -50.08
N LEU A 498 -29.57 29.88 -49.46
CA LEU A 498 -29.74 30.01 -47.98
C LEU A 498 -31.23 29.99 -47.68
N PRO A 499 -31.66 29.79 -46.43
CA PRO A 499 -33.06 30.01 -46.06
C PRO A 499 -33.30 31.49 -45.73
N ALA A 500 -34.49 32.00 -46.08
CA ALA A 500 -34.86 33.41 -45.80
C ALA A 500 -35.10 33.59 -44.30
N PRO A 501 -35.22 34.85 -43.80
CA PRO A 501 -35.45 35.11 -42.38
C PRO A 501 -36.30 34.08 -41.60
N SER A 502 -37.55 33.86 -42.03
CA SER A 502 -38.55 33.15 -41.18
C SER A 502 -39.06 31.88 -41.89
N ASP A 503 -38.15 31.06 -42.42
CA ASP A 503 -38.55 29.87 -43.21
C ASP A 503 -38.83 28.66 -42.29
N PHE A 504 -38.47 28.75 -41.00
CA PHE A 504 -38.61 27.61 -40.07
C PHE A 504 -39.54 27.95 -38.89
N LYS A 505 -40.08 29.17 -38.85
CA LYS A 505 -41.01 29.57 -37.75
C LYS A 505 -42.28 28.72 -37.85
N CYS A 506 -42.84 28.31 -36.71
CA CYS A 506 -44.04 27.45 -36.69
C CYS A 506 -45.27 28.27 -36.31
N PRO A 507 -46.39 28.12 -37.04
CA PRO A 507 -47.68 28.67 -36.60
C PRO A 507 -47.96 28.34 -35.13
N ILE A 508 -48.29 29.36 -34.33
CA ILE A 508 -48.70 29.17 -32.91
C ILE A 508 -50.21 28.90 -32.90
N LYS A 509 -50.64 27.71 -32.48
CA LYS A 509 -52.10 27.38 -32.46
C LYS A 509 -52.76 27.99 -31.22
N GLU A 510 -51.99 28.30 -30.16
CA GLU A 510 -52.56 28.95 -28.95
C GLU A 510 -51.42 29.36 -28.00
N GLU A 511 -51.70 30.31 -27.10
CA GLU A 511 -50.70 30.80 -26.11
C GLU A 511 -51.42 31.09 -24.79
N ILE A 512 -52.11 30.09 -24.23
CA ILE A 512 -52.83 30.23 -22.94
C ILE A 512 -51.83 30.74 -21.88
N ALA A 513 -52.04 31.94 -21.34
CA ALA A 513 -51.21 32.43 -20.21
C ALA A 513 -51.72 31.79 -18.91
N ILE A 514 -50.82 31.18 -18.13
CA ILE A 514 -51.20 30.34 -16.94
C ILE A 514 -51.15 31.19 -15.68
N THR A 515 -50.12 32.03 -15.54
CA THR A 515 -50.04 32.98 -14.39
C THR A 515 -49.98 34.41 -14.96
N SER A 516 -50.15 35.41 -14.08
CA SER A 516 -50.12 36.85 -14.49
C SER A 516 -50.13 37.74 -13.25
N GLY A 517 -49.57 38.95 -13.35
CA GLY A 517 -49.66 39.94 -12.26
C GLY A 517 -48.37 40.70 -12.04
N GLU A 518 -48.35 41.57 -11.02
CA GLU A 518 -47.14 42.36 -10.63
C GLU A 518 -46.25 41.49 -9.72
N TRP A 519 -45.89 40.30 -10.22
CA TRP A 519 -45.03 39.33 -9.49
C TRP A 519 -44.47 38.37 -10.55
N GLU A 520 -43.41 37.61 -10.23
CA GLU A 520 -42.79 36.73 -11.25
C GLU A 520 -42.71 35.29 -10.75
N VAL A 521 -42.77 34.34 -11.69
CA VAL A 521 -42.36 32.93 -11.44
C VAL A 521 -40.84 32.91 -11.30
N LEU A 522 -40.31 32.05 -10.42
CA LEU A 522 -38.84 31.84 -10.28
C LEU A 522 -38.43 30.60 -11.08
N GLY A 523 -37.39 30.73 -11.91
CA GLY A 523 -36.92 29.63 -12.78
C GLY A 523 -35.40 29.48 -12.79
N ARG A 524 -34.72 30.01 -11.76
CA ARG A 524 -33.24 29.95 -11.67
C ARG A 524 -32.81 29.40 -10.31
N HIS A 525 -31.63 28.78 -10.25
CA HIS A 525 -30.99 28.34 -8.99
C HIS A 525 -31.83 27.24 -8.31
N GLY A 526 -32.29 26.27 -9.10
CA GLY A 526 -33.05 25.12 -8.57
C GLY A 526 -34.56 25.33 -8.67
N SER A 527 -35.01 26.58 -8.64
CA SER A 527 -36.45 26.91 -8.78
C SER A 527 -36.94 26.46 -10.15
N ASN A 528 -37.97 25.61 -10.19
CA ASN A 528 -38.48 25.08 -11.47
C ASN A 528 -39.98 24.77 -11.30
N ILE A 529 -40.55 24.04 -12.25
CA ILE A 529 -42.01 23.70 -12.19
C ILE A 529 -42.13 22.18 -12.16
N GLN A 530 -43.01 21.65 -11.31
CA GLN A 530 -43.44 20.23 -11.40
C GLN A 530 -44.80 20.21 -12.10
N VAL A 531 -44.97 19.34 -13.11
CA VAL A 531 -46.26 19.28 -13.86
C VAL A 531 -46.97 17.97 -13.50
N ASP A 532 -48.13 18.08 -12.84
CA ASP A 532 -48.99 16.89 -12.56
C ASP A 532 -49.82 16.62 -13.81
N GLU A 533 -49.37 15.69 -14.66
CA GLU A 533 -50.06 15.44 -15.96
C GLU A 533 -51.38 14.68 -15.71
N VAL A 534 -51.53 14.03 -14.55
CA VAL A 534 -52.80 13.36 -14.18
C VAL A 534 -53.86 14.44 -13.87
N ARG A 535 -53.71 15.18 -12.77
CA ARG A 535 -54.73 16.18 -12.34
C ARG A 535 -54.61 17.47 -13.18
N ARG A 536 -53.56 17.58 -13.99
CA ARG A 536 -53.36 18.74 -14.91
C ARG A 536 -53.16 20.02 -14.09
N LEU A 537 -52.22 19.95 -13.14
CA LEU A 537 -51.77 21.12 -12.33
C LEU A 537 -50.32 21.47 -12.72
N VAL A 538 -49.82 22.60 -12.22
CA VAL A 538 -48.37 22.94 -12.39
C VAL A 538 -47.90 23.69 -11.14
N TYR A 539 -46.99 23.06 -10.39
CA TYR A 539 -46.41 23.68 -9.17
C TYR A 539 -45.23 24.56 -9.58
N PHE A 540 -45.06 25.73 -8.94
CA PHE A 540 -43.96 26.67 -9.28
C PHE A 540 -43.68 27.57 -8.07
N GLU A 541 -42.49 28.14 -7.99
CA GLU A 541 -42.16 29.11 -6.91
C GLU A 541 -42.33 30.52 -7.50
N GLY A 542 -42.70 31.50 -6.66
CA GLY A 542 -42.97 32.85 -7.18
C GLY A 542 -42.98 33.92 -6.09
N THR A 543 -43.06 35.18 -6.51
CA THR A 543 -42.99 36.34 -5.58
C THR A 543 -44.40 36.93 -5.37
N LYS A 544 -45.45 36.18 -5.71
CA LYS A 544 -46.85 36.72 -5.74
C LYS A 544 -47.20 37.36 -4.39
N ASP A 545 -46.94 36.67 -3.29
CA ASP A 545 -47.34 37.18 -1.95
C ASP A 545 -46.42 38.33 -1.50
N SER A 546 -45.15 38.33 -1.94
CA SER A 546 -44.20 39.41 -1.54
C SER A 546 -42.91 39.30 -2.33
N PRO A 547 -42.22 40.43 -2.61
CA PRO A 547 -40.89 40.39 -3.20
C PRO A 547 -39.82 39.92 -2.19
N LEU A 548 -40.15 39.94 -0.90
CA LEU A 548 -39.20 39.54 0.18
C LEU A 548 -39.41 38.08 0.58
N GLU A 549 -40.32 37.35 -0.09
CA GLU A 549 -40.63 35.94 0.30
C GLU A 549 -40.91 35.11 -0.95
N HIS A 550 -40.19 33.99 -1.09
CA HIS A 550 -40.44 32.99 -2.15
C HIS A 550 -41.44 31.95 -1.63
N HIS A 551 -42.50 31.67 -2.37
CA HIS A 551 -43.57 30.75 -1.89
C HIS A 551 -43.93 29.73 -2.96
N LEU A 552 -44.34 28.52 -2.54
CA LEU A 552 -44.73 27.45 -3.47
C LEU A 552 -46.21 27.64 -3.86
N TYR A 553 -46.49 27.68 -5.17
CA TYR A 553 -47.87 27.84 -5.68
C TYR A 553 -48.21 26.68 -6.61
N VAL A 554 -49.50 26.41 -6.76
CA VAL A 554 -50.00 25.38 -7.73
C VAL A 554 -51.20 26.00 -8.45
N VAL A 555 -51.46 25.56 -9.68
CA VAL A 555 -52.51 26.17 -10.56
C VAL A 555 -52.86 25.17 -11.66
N SER A 556 -54.07 25.24 -12.20
CA SER A 556 -54.44 24.41 -13.38
C SER A 556 -53.74 25.00 -14.62
N TYR A 557 -53.38 24.17 -15.60
CA TYR A 557 -52.80 24.68 -16.88
C TYR A 557 -53.80 24.45 -18.02
N VAL A 558 -54.97 23.86 -17.71
CA VAL A 558 -56.05 23.63 -18.72
C VAL A 558 -56.99 24.83 -18.67
N ASN A 559 -57.63 25.05 -17.52
CA ASN A 559 -58.48 26.24 -17.26
C ASN A 559 -57.77 27.06 -16.18
N PRO A 560 -56.78 27.88 -16.56
CA PRO A 560 -55.92 28.55 -15.58
C PRO A 560 -56.73 29.63 -14.83
N GLY A 561 -57.23 29.25 -13.65
CA GLY A 561 -57.96 30.19 -12.78
C GLY A 561 -57.02 30.87 -11.82
N GLU A 562 -57.26 30.73 -10.53
CA GLU A 562 -56.46 31.45 -9.50
C GLU A 562 -55.37 30.51 -8.97
N VAL A 563 -54.46 31.07 -8.18
CA VAL A 563 -53.19 30.41 -7.80
C VAL A 563 -53.25 30.09 -6.30
N THR A 564 -53.46 28.81 -5.95
CA THR A 564 -53.44 28.36 -4.53
C THR A 564 -52.00 28.43 -4.01
N ARG A 565 -51.76 29.12 -2.90
CA ARG A 565 -50.45 29.10 -2.21
C ARG A 565 -50.40 27.90 -1.25
N LEU A 566 -49.22 27.30 -1.08
CA LEU A 566 -49.07 26.09 -0.22
C LEU A 566 -48.13 26.37 0.96
N THR A 567 -47.19 27.31 0.81
CA THR A 567 -46.20 27.61 1.88
C THR A 567 -46.76 28.71 2.80
N ASP A 568 -46.43 28.64 4.09
CA ASP A 568 -47.00 29.58 5.12
C ASP A 568 -46.24 30.89 5.08
N ARG A 569 -46.96 32.03 5.15
CA ARG A 569 -46.31 33.38 5.14
C ARG A 569 -45.43 33.54 6.38
N GLY A 570 -44.59 34.57 6.41
CA GLY A 570 -43.66 34.80 7.54
C GLY A 570 -42.32 34.10 7.35
N TYR A 571 -42.19 33.32 6.26
CA TYR A 571 -40.95 32.58 5.92
C TYR A 571 -40.70 32.71 4.40
N SER A 572 -39.43 32.64 3.99
CA SER A 572 -39.08 32.49 2.55
C SER A 572 -38.70 31.03 2.29
N HIS A 573 -39.23 30.43 1.21
CA HIS A 573 -39.09 28.96 0.99
C HIS A 573 -38.32 28.66 -0.30
N SER A 574 -37.41 27.68 -0.23
CA SER A 574 -36.93 26.95 -1.43
C SER A 574 -37.54 25.55 -1.40
N CYS A 575 -38.22 25.14 -2.47
CA CYS A 575 -39.06 23.91 -2.41
C CYS A 575 -38.71 22.93 -3.53
N CYS A 576 -38.93 21.65 -3.26
CA CYS A 576 -38.76 20.55 -4.24
C CYS A 576 -39.99 19.64 -4.13
N ILE A 577 -40.67 19.38 -5.25
CA ILE A 577 -41.93 18.61 -5.25
C ILE A 577 -41.61 17.17 -5.68
N SER A 578 -42.16 16.17 -4.98
CA SER A 578 -42.06 14.75 -5.40
C SER A 578 -42.42 14.63 -6.89
N GLN A 579 -41.83 13.66 -7.59
CA GLN A 579 -42.20 13.38 -9.00
C GLN A 579 -43.66 12.88 -9.05
N HIS A 580 -44.16 12.31 -7.94
CA HIS A 580 -45.55 11.80 -7.85
C HIS A 580 -46.51 12.91 -7.37
N CYS A 581 -46.03 14.15 -7.27
CA CYS A 581 -46.87 15.34 -6.97
C CYS A 581 -47.78 15.08 -5.76
N ASP A 582 -47.30 14.27 -4.81
CA ASP A 582 -48.11 13.85 -3.62
C ASP A 582 -47.36 14.21 -2.33
N PHE A 583 -46.12 14.70 -2.44
CA PHE A 583 -45.37 15.32 -1.32
C PHE A 583 -44.54 16.49 -1.86
N PHE A 584 -44.00 17.31 -0.96
CA PHE A 584 -43.01 18.33 -1.35
C PHE A 584 -42.17 18.69 -0.12
N ILE A 585 -40.92 19.07 -0.34
CA ILE A 585 -40.01 19.45 0.78
C ILE A 585 -39.77 20.96 0.69
N SER A 586 -39.68 21.62 1.85
CA SER A 586 -39.41 23.08 1.88
C SER A 586 -38.24 23.35 2.81
N LYS A 587 -37.22 24.04 2.30
CA LYS A 587 -36.15 24.65 3.12
C LYS A 587 -36.54 26.11 3.36
N TYR A 588 -36.98 26.44 4.58
CA TYR A 588 -37.57 27.77 4.85
C TYR A 588 -36.81 28.46 6.00
N SER A 589 -36.82 29.78 6.01
CA SER A 589 -36.14 30.59 7.04
C SER A 589 -36.78 31.98 7.08
N ASN A 590 -36.45 32.78 8.10
CA ASN A 590 -36.81 34.21 8.08
C ASN A 590 -35.76 35.00 8.87
N GLN A 591 -35.84 36.33 8.80
CA GLN A 591 -34.82 37.26 9.38
C GLN A 591 -34.33 36.75 10.74
N LYS A 592 -35.23 36.19 11.57
CA LYS A 592 -34.89 35.82 12.98
C LYS A 592 -34.58 34.33 13.13
N ASN A 593 -35.13 33.47 12.27
CA ASN A 593 -35.11 32.00 12.52
C ASN A 593 -34.29 31.27 11.46
N PRO A 594 -33.16 30.62 11.85
CA PRO A 594 -32.36 29.81 10.93
C PRO A 594 -33.14 28.79 10.09
N HIS A 595 -32.58 28.43 8.92
CA HIS A 595 -33.29 27.60 7.92
C HIS A 595 -33.70 26.26 8.54
N CYS A 596 -34.91 25.78 8.20
CA CYS A 596 -35.40 24.42 8.56
C CYS A 596 -35.61 23.61 7.27
N VAL A 597 -35.79 22.30 7.40
CA VAL A 597 -36.18 21.44 6.24
C VAL A 597 -37.32 20.52 6.69
N SER A 598 -38.47 20.62 6.02
CA SER A 598 -39.69 19.90 6.48
C SER A 598 -40.37 19.23 5.29
N LEU A 599 -40.94 18.05 5.52
CA LEU A 599 -41.70 17.30 4.48
C LEU A 599 -43.20 17.56 4.69
N TYR A 600 -43.85 18.18 3.69
CA TYR A 600 -45.32 18.39 3.73
C TYR A 600 -45.99 17.40 2.77
N LYS A 601 -47.16 16.87 3.15
CA LYS A 601 -47.92 15.92 2.28
C LYS A 601 -49.02 16.68 1.54
N LEU A 602 -49.04 16.57 0.21
CA LEU A 602 -50.14 17.17 -0.61
C LEU A 602 -51.35 16.24 -0.56
N SER A 603 -52.54 16.80 -0.77
CA SER A 603 -53.81 16.02 -0.84
C SER A 603 -54.93 16.95 -1.31
N SER A 604 -55.90 16.39 -2.06
CA SER A 604 -57.04 17.18 -2.58
C SER A 604 -58.29 16.85 -1.79
N PRO A 605 -59.08 17.86 -1.32
CA PRO A 605 -60.47 17.64 -0.95
C PRO A 605 -61.20 16.66 -1.89
N GLU A 606 -62.11 15.84 -1.33
CA GLU A 606 -62.83 14.79 -2.12
C GLU A 606 -63.65 15.42 -3.25
N ASP A 607 -64.17 16.64 -3.01
CA ASP A 607 -65.11 17.30 -3.97
C ASP A 607 -64.35 17.97 -5.12
N ASP A 608 -63.04 18.20 -4.97
CA ASP A 608 -62.30 19.03 -5.95
C ASP A 608 -60.83 18.58 -6.02
N PRO A 609 -60.49 17.62 -6.91
CA PRO A 609 -59.09 17.26 -7.17
C PRO A 609 -58.21 18.40 -7.70
N THR A 610 -58.80 19.48 -8.25
CA THR A 610 -58.04 20.72 -8.57
C THR A 610 -57.37 21.27 -7.31
N CYS A 611 -58.20 21.66 -6.33
CA CYS A 611 -57.71 22.39 -5.13
C CYS A 611 -56.76 21.49 -4.32
N LYS A 612 -55.56 21.99 -4.01
CA LYS A 612 -54.54 21.22 -3.27
C LYS A 612 -54.34 21.82 -1.87
N THR A 613 -54.18 20.95 -0.87
CA THR A 613 -53.93 21.37 0.54
C THR A 613 -52.70 20.60 1.05
N LYS A 614 -51.99 21.18 2.03
CA LYS A 614 -50.76 20.54 2.56
C LYS A 614 -50.98 20.15 4.03
N GLU A 615 -50.29 19.10 4.48
CA GLU A 615 -50.20 18.76 5.92
C GLU A 615 -48.72 18.49 6.25
N PHE A 616 -48.22 19.08 7.33
CA PHE A 616 -46.88 18.73 7.86
C PHE A 616 -46.83 17.22 8.09
N TRP A 617 -45.73 16.57 7.68
CA TRP A 617 -45.54 15.11 7.82
C TRP A 617 -44.39 14.83 8.79
N ALA A 618 -43.22 15.43 8.55
CA ALA A 618 -42.01 15.17 9.36
C ALA A 618 -41.00 16.31 9.24
N THR A 619 -40.21 16.50 10.30
CA THR A 619 -38.94 17.30 10.25
C THR A 619 -37.88 16.51 9.49
N ILE A 620 -37.16 17.17 8.56
CA ILE A 620 -35.93 16.60 7.95
C ILE A 620 -34.70 17.21 8.62
N LEU A 621 -34.77 18.51 8.97
CA LEU A 621 -33.67 19.18 9.70
C LEU A 621 -34.26 20.28 10.60
N ASP A 622 -34.18 20.10 11.92
CA ASP A 622 -34.60 21.16 12.88
C ASP A 622 -33.67 22.36 12.72
N SER A 623 -34.22 23.57 12.83
CA SER A 623 -33.42 24.80 12.99
C SER A 623 -32.52 24.66 14.23
N ALA A 624 -31.32 25.23 14.19
CA ALA A 624 -30.43 25.29 15.37
C ALA A 624 -31.13 26.08 16.50
N GLY A 625 -32.13 26.89 16.16
CA GLY A 625 -32.81 27.79 17.11
C GLY A 625 -32.22 29.20 17.00
N PRO A 626 -32.98 30.27 17.35
CA PRO A 626 -32.45 31.63 17.34
C PRO A 626 -31.02 31.68 17.91
N LEU A 627 -30.04 31.80 17.01
CA LEU A 627 -28.59 31.84 17.36
C LEU A 627 -28.36 32.92 18.42
N PRO A 628 -27.79 32.59 19.60
CA PRO A 628 -27.49 33.61 20.60
C PRO A 628 -26.36 34.53 20.11
N ASP A 629 -26.42 35.81 20.48
CA ASP A 629 -25.39 36.82 20.10
C ASP A 629 -25.48 37.10 18.58
N TYR A 630 -26.68 36.99 18.01
CA TYR A 630 -26.98 37.57 16.68
C TYR A 630 -28.29 38.37 16.78
N THR A 631 -28.18 39.70 16.69
CA THR A 631 -29.39 40.57 16.54
C THR A 631 -29.70 40.72 15.06
N PRO A 632 -30.86 40.21 14.57
CA PRO A 632 -31.25 40.40 13.18
C PRO A 632 -31.45 41.86 12.82
N PRO A 633 -31.40 42.23 11.52
CA PRO A 633 -31.78 43.56 11.07
C PRO A 633 -33.30 43.70 10.95
N GLU A 634 -33.83 44.92 11.05
CA GLU A 634 -35.27 45.14 10.75
C GLU A 634 -35.37 45.66 9.30
N ILE A 635 -36.14 44.96 8.46
CA ILE A 635 -36.35 45.40 7.05
C ILE A 635 -37.10 46.73 7.07
N PHE A 636 -36.75 47.66 6.18
CA PHE A 636 -37.53 48.92 5.98
C PHE A 636 -37.84 49.08 4.49
N SER A 637 -38.56 50.14 4.15
CA SER A 637 -38.85 50.47 2.72
C SER A 637 -39.17 51.96 2.60
N PHE A 638 -39.03 52.52 1.40
CA PHE A 638 -39.22 53.97 1.18
C PHE A 638 -39.66 54.21 -0.27
N GLU A 639 -40.49 55.24 -0.48
CA GLU A 639 -40.99 55.58 -1.85
C GLU A 639 -39.92 56.37 -2.59
N SER A 640 -39.13 55.68 -3.42
CA SER A 640 -38.11 56.36 -4.26
C SER A 640 -38.79 57.39 -5.16
N THR A 641 -38.19 58.57 -5.31
CA THR A 641 -38.67 59.60 -6.28
C THR A 641 -38.52 59.08 -7.71
N THR A 642 -38.07 57.83 -7.86
CA THR A 642 -38.08 57.13 -9.17
C THR A 642 -39.49 56.59 -9.45
N GLY A 643 -40.25 56.29 -8.39
CA GLY A 643 -41.61 55.73 -8.52
C GLY A 643 -41.67 54.25 -8.15
N PHE A 644 -40.56 53.68 -7.65
CA PHE A 644 -40.53 52.29 -7.15
C PHE A 644 -40.31 52.29 -5.63
N THR A 645 -40.92 51.32 -4.93
CA THR A 645 -40.70 51.14 -3.47
C THR A 645 -39.43 50.31 -3.25
N LEU A 646 -38.30 50.96 -2.95
CA LEU A 646 -37.03 50.22 -2.71
C LEU A 646 -37.01 49.70 -1.26
N TYR A 647 -36.54 48.47 -1.08
CA TYR A 647 -36.46 47.85 0.28
C TYR A 647 -35.02 47.96 0.81
N GLY A 648 -34.87 47.81 2.13
CA GLY A 648 -33.55 47.91 2.79
C GLY A 648 -33.48 47.12 4.08
N MET A 649 -32.28 46.96 4.64
CA MET A 649 -32.11 46.30 5.96
C MET A 649 -31.30 47.22 6.86
N LEU A 650 -31.70 47.35 8.12
CA LEU A 650 -31.01 48.24 9.09
C LEU A 650 -30.55 47.40 10.29
N TYR A 651 -29.24 47.33 10.50
CA TYR A 651 -28.65 46.84 11.78
C TYR A 651 -28.40 48.07 12.65
N LYS A 652 -29.21 48.29 13.71
CA LYS A 652 -28.94 49.39 14.68
C LYS A 652 -27.80 48.95 15.60
N PRO A 653 -27.00 49.89 16.16
CA PRO A 653 -25.91 49.52 17.07
C PRO A 653 -26.46 48.93 18.38
N HIS A 654 -25.77 47.94 18.94
CA HIS A 654 -26.22 47.31 20.21
C HIS A 654 -25.92 48.25 21.38
N ASP A 655 -26.83 48.33 22.35
CA ASP A 655 -26.72 49.29 23.50
C ASP A 655 -26.67 50.72 22.93
N LEU A 656 -27.65 51.05 22.08
CA LEU A 656 -27.77 52.43 21.51
C LEU A 656 -27.95 53.41 22.67
N GLN A 657 -27.32 54.58 22.58
CA GLN A 657 -27.47 55.67 23.60
C GLN A 657 -28.27 56.82 22.99
N PRO A 658 -29.21 57.45 23.72
CA PRO A 658 -29.95 58.60 23.19
C PRO A 658 -29.03 59.82 23.14
N GLY A 659 -29.26 60.73 22.18
CA GLY A 659 -28.42 61.92 22.00
C GLY A 659 -27.01 61.58 21.52
N LYS A 660 -26.84 60.45 20.82
CA LYS A 660 -25.50 60.02 20.33
C LYS A 660 -25.63 59.45 18.90
N LYS A 661 -24.86 60.02 17.97
CA LYS A 661 -24.90 59.60 16.53
C LYS A 661 -23.71 58.66 16.26
N TYR A 662 -23.98 57.56 15.55
CA TYR A 662 -22.98 56.48 15.33
C TYR A 662 -22.53 56.47 13.87
N PRO A 663 -21.30 56.02 13.56
CA PRO A 663 -20.83 55.95 12.17
C PRO A 663 -21.64 54.89 11.40
N THR A 664 -21.86 55.14 10.11
CA THR A 664 -22.73 54.28 9.29
C THR A 664 -21.89 53.55 8.24
N VAL A 665 -21.94 52.21 8.23
CA VAL A 665 -21.28 51.39 7.18
C VAL A 665 -22.37 50.86 6.26
N LEU A 666 -22.28 51.20 4.97
CA LEU A 666 -23.27 50.74 3.96
C LEU A 666 -22.65 49.57 3.19
N PHE A 667 -23.15 48.35 3.42
CA PHE A 667 -22.74 47.17 2.62
C PHE A 667 -23.57 47.14 1.34
N ILE A 668 -23.01 46.67 0.23
CA ILE A 668 -23.65 46.89 -1.11
C ILE A 668 -23.27 45.77 -2.09
N TYR A 669 -24.23 45.42 -2.94
CA TYR A 669 -23.95 44.71 -4.23
C TYR A 669 -24.67 45.48 -5.34
N GLY A 670 -26.01 45.50 -5.29
CA GLY A 670 -26.85 46.38 -6.13
C GLY A 670 -26.61 46.22 -7.63
N GLY A 671 -26.04 45.10 -8.05
CA GLY A 671 -25.96 44.73 -9.47
C GLY A 671 -27.06 43.74 -9.85
N PRO A 672 -27.14 43.33 -11.13
CA PRO A 672 -28.24 42.48 -11.60
C PRO A 672 -28.15 41.04 -11.10
N GLN A 673 -29.28 40.32 -11.17
CA GLN A 673 -29.38 38.87 -10.88
C GLN A 673 -29.32 38.61 -9.37
N VAL A 674 -29.43 39.66 -8.54
CA VAL A 674 -29.23 39.52 -7.07
C VAL A 674 -30.22 40.40 -6.31
N GLN A 675 -30.83 39.84 -5.27
CA GLN A 675 -31.57 40.61 -4.23
C GLN A 675 -30.86 40.34 -2.88
N LEU A 676 -30.43 41.40 -2.19
CA LEU A 676 -29.75 41.23 -0.86
C LEU A 676 -30.79 41.30 0.28
N VAL A 677 -31.87 42.05 0.06
CA VAL A 677 -32.83 42.42 1.15
C VAL A 677 -34.11 41.60 0.98
N ASN A 678 -34.32 40.63 1.89
CA ASN A 678 -35.50 39.73 1.83
C ASN A 678 -35.65 39.06 3.20
N ASN A 679 -36.72 38.27 3.38
CA ASN A 679 -37.05 37.66 4.69
C ASN A 679 -36.38 36.28 4.77
N ARG A 680 -35.05 36.27 4.92
CA ARG A 680 -34.24 35.03 5.00
C ARG A 680 -33.20 35.19 6.11
N PHE A 681 -32.82 34.09 6.76
CA PHE A 681 -31.82 34.17 7.85
C PHE A 681 -30.49 34.69 7.30
N LYS A 682 -30.06 35.87 7.76
CA LYS A 682 -28.76 36.45 7.33
C LYS A 682 -27.73 36.27 8.45
N GLY A 683 -27.99 35.37 9.41
CA GLY A 683 -27.11 35.19 10.58
C GLY A 683 -25.87 34.37 10.26
N VAL A 684 -25.81 33.77 9.07
CA VAL A 684 -24.59 33.03 8.64
C VAL A 684 -23.87 33.85 7.57
N LYS A 685 -24.47 34.00 6.38
CA LYS A 685 -23.82 34.71 5.24
C LYS A 685 -23.29 36.07 5.71
N TYR A 686 -24.16 36.89 6.34
CA TYR A 686 -23.83 38.30 6.69
C TYR A 686 -23.71 38.44 8.21
N PHE A 687 -23.02 37.48 8.84
CA PHE A 687 -22.85 37.50 10.32
C PHE A 687 -22.03 38.72 10.75
N ARG A 688 -21.04 39.12 9.95
CA ARG A 688 -20.08 40.19 10.37
C ARG A 688 -20.73 41.58 10.27
N LEU A 689 -21.89 41.69 9.59
CA LEU A 689 -22.67 42.94 9.63
C LEU A 689 -23.24 43.13 11.05
N ASN A 690 -23.64 42.03 11.68
CA ASN A 690 -24.02 42.02 13.12
C ASN A 690 -22.80 42.44 13.95
N THR A 691 -21.63 41.86 13.66
CA THR A 691 -20.39 42.16 14.43
C THR A 691 -20.04 43.65 14.32
N LEU A 692 -20.30 44.27 13.16
CA LEU A 692 -20.07 45.74 12.99
C LEU A 692 -21.07 46.51 13.87
N ALA A 693 -22.33 46.06 13.91
CA ALA A 693 -23.33 46.68 14.81
C ALA A 693 -22.91 46.52 16.27
N SER A 694 -22.28 45.39 16.63
CA SER A 694 -21.90 45.10 18.04
C SER A 694 -20.65 45.90 18.45
N LEU A 695 -20.00 46.59 17.51
CA LEU A 695 -18.88 47.51 17.86
C LEU A 695 -19.35 48.96 17.76
N GLY A 696 -20.63 49.17 17.41
CA GLY A 696 -21.24 50.51 17.38
C GLY A 696 -21.23 51.16 16.01
N TYR A 697 -21.32 50.36 14.93
CA TYR A 697 -21.49 50.92 13.56
C TYR A 697 -22.96 50.70 13.14
N VAL A 698 -23.60 51.74 12.62
CA VAL A 698 -24.90 51.56 11.90
C VAL A 698 -24.59 50.82 10.60
N VAL A 699 -25.33 49.75 10.29
CA VAL A 699 -25.11 49.01 9.01
C VAL A 699 -26.39 49.07 8.17
N VAL A 700 -26.28 49.55 6.93
CA VAL A 700 -27.44 49.68 6.00
C VAL A 700 -27.17 48.78 4.78
N VAL A 701 -28.23 48.28 4.15
CA VAL A 701 -28.15 47.48 2.89
C VAL A 701 -29.41 47.80 2.06
N ILE A 702 -29.28 48.05 0.75
CA ILE A 702 -30.44 48.52 -0.06
C ILE A 702 -30.50 47.81 -1.41
N ASP A 703 -31.63 47.16 -1.72
CA ASP A 703 -31.96 46.69 -3.08
C ASP A 703 -32.29 47.89 -3.97
N ASN A 704 -31.32 48.35 -4.78
CA ASN A 704 -31.55 49.49 -5.71
C ASN A 704 -32.04 48.96 -7.07
N ARG A 705 -32.52 49.86 -7.93
CA ARG A 705 -33.02 49.49 -9.28
C ARG A 705 -31.93 48.69 -10.00
N GLY A 706 -32.33 47.65 -10.74
CA GLY A 706 -31.38 46.68 -11.33
C GLY A 706 -31.39 45.35 -10.60
N SER A 707 -31.62 45.37 -9.27
CA SER A 707 -31.71 44.13 -8.45
C SER A 707 -32.87 43.25 -8.94
N CYS A 708 -32.80 41.94 -8.70
CA CYS A 708 -33.76 40.99 -9.33
C CYS A 708 -35.04 40.86 -8.48
N HIS A 709 -35.98 40.04 -8.98
CA HIS A 709 -37.21 39.64 -8.24
C HIS A 709 -38.23 40.79 -8.19
N ARG A 710 -38.16 41.75 -9.12
CA ARG A 710 -39.16 42.86 -9.15
C ARG A 710 -39.58 43.17 -10.59
N GLY A 711 -39.27 42.27 -11.53
CA GLY A 711 -39.74 42.41 -12.93
C GLY A 711 -38.71 43.09 -13.82
N LEU A 712 -38.93 43.03 -15.13
CA LEU A 712 -37.92 43.48 -16.13
C LEU A 712 -37.75 45.00 -16.09
N LYS A 713 -38.86 45.73 -16.01
CA LYS A 713 -38.84 47.22 -15.95
C LYS A 713 -37.87 47.68 -14.86
N PHE A 714 -37.96 47.07 -13.67
CA PHE A 714 -37.11 47.40 -12.50
C PHE A 714 -35.65 47.02 -12.81
N GLU A 715 -35.43 45.79 -13.29
CA GLU A 715 -34.07 45.26 -13.60
C GLU A 715 -33.45 46.11 -14.72
N GLY A 716 -34.23 46.39 -15.77
CA GLY A 716 -33.74 47.06 -16.99
C GLY A 716 -33.48 48.55 -16.80
N ALA A 717 -33.58 49.06 -15.57
CA ALA A 717 -33.44 50.52 -15.29
C ALA A 717 -32.04 51.02 -15.68
N PHE A 718 -31.01 50.17 -15.61
CA PHE A 718 -29.63 50.64 -15.94
C PHE A 718 -29.13 50.04 -17.25
N LYS A 719 -30.03 49.57 -18.13
CA LYS A 719 -29.56 49.10 -19.47
C LYS A 719 -28.79 50.25 -20.12
N TYR A 720 -27.51 50.00 -20.46
CA TYR A 720 -26.60 50.98 -21.13
C TYR A 720 -26.00 51.98 -20.12
N LYS A 721 -26.42 51.96 -18.85
CA LYS A 721 -26.08 53.04 -17.90
C LYS A 721 -25.54 52.46 -16.59
N MET A 722 -24.85 51.32 -16.64
CA MET A 722 -24.31 50.72 -15.38
C MET A 722 -23.38 51.74 -14.71
N GLY A 723 -23.56 51.96 -13.41
CA GLY A 723 -22.71 52.86 -12.60
C GLY A 723 -23.39 54.20 -12.33
N GLN A 724 -24.42 54.55 -13.11
CA GLN A 724 -24.92 55.96 -13.16
C GLN A 724 -26.20 56.13 -12.32
N ILE A 725 -26.95 55.05 -12.05
CA ILE A 725 -28.27 55.18 -11.36
C ILE A 725 -28.23 54.57 -9.95
N GLU A 726 -27.30 53.65 -9.67
CA GLU A 726 -27.39 52.80 -8.45
C GLU A 726 -27.06 53.62 -7.21
N ILE A 727 -26.00 54.44 -7.26
CA ILE A 727 -25.56 55.21 -6.06
C ILE A 727 -26.68 56.18 -5.65
N ASP A 728 -27.35 56.81 -6.62
CA ASP A 728 -28.49 57.71 -6.33
C ASP A 728 -29.46 57.02 -5.37
N ASP A 729 -29.88 55.79 -5.70
CA ASP A 729 -30.86 55.01 -4.88
C ASP A 729 -30.29 54.72 -3.49
N GLN A 730 -29.00 54.39 -3.40
CA GLN A 730 -28.39 54.06 -2.09
C GLN A 730 -28.41 55.31 -1.21
N VAL A 731 -28.10 56.48 -1.78
CA VAL A 731 -28.10 57.77 -1.00
C VAL A 731 -29.54 58.11 -0.63
N GLU A 732 -30.48 57.94 -1.58
CA GLU A 732 -31.92 58.18 -1.32
C GLU A 732 -32.36 57.37 -0.09
N GLY A 733 -32.09 56.07 -0.07
CA GLY A 733 -32.42 55.21 1.08
C GLY A 733 -31.59 55.58 2.31
N LEU A 734 -30.35 56.02 2.12
CA LEU A 734 -29.47 56.40 3.26
C LEU A 734 -29.98 57.70 3.90
N GLN A 735 -30.62 58.58 3.11
CA GLN A 735 -31.11 59.88 3.62
C GLN A 735 -32.51 59.69 4.25
N TYR A 736 -33.37 58.90 3.62
CA TYR A 736 -34.68 58.52 4.24
C TYR A 736 -34.44 58.08 5.69
N LEU A 737 -33.45 57.20 5.91
CA LEU A 737 -33.16 56.69 7.28
C LEU A 737 -32.69 57.83 8.17
N ALA A 738 -31.75 58.66 7.70
CA ALA A 738 -31.07 59.66 8.56
C ALA A 738 -32.08 60.68 9.13
N SER A 739 -33.06 61.09 8.33
CA SER A 739 -34.11 62.03 8.83
C SER A 739 -35.09 61.29 9.75
N ARG A 740 -35.23 59.97 9.59
CA ARG A 740 -36.18 59.17 10.39
C ARG A 740 -35.49 58.62 11.65
N TYR A 741 -34.16 58.66 11.72
CA TYR A 741 -33.39 58.25 12.94
C TYR A 741 -32.20 59.19 13.12
N ASP A 742 -32.09 59.84 14.28
CA ASP A 742 -31.03 60.86 14.52
C ASP A 742 -29.75 60.18 15.04
N PHE A 743 -29.70 58.85 15.09
CA PHE A 743 -28.44 58.17 15.51
C PHE A 743 -27.51 57.99 14.29
N ILE A 744 -28.02 58.15 13.06
CA ILE A 744 -27.20 57.93 11.84
C ILE A 744 -26.31 59.15 11.59
N ASP A 745 -25.05 59.08 12.03
CA ASP A 745 -24.05 60.15 11.76
C ASP A 745 -23.72 60.14 10.26
N LEU A 746 -24.25 61.11 9.51
CA LEU A 746 -23.98 61.21 8.04
C LEU A 746 -22.59 61.81 7.80
N ASP A 747 -21.93 62.35 8.82
CA ASP A 747 -20.54 62.89 8.68
C ASP A 747 -19.54 61.73 8.52
N ARG A 748 -19.89 60.53 9.00
CA ARG A 748 -18.97 59.36 8.95
C ARG A 748 -19.70 58.17 8.30
N VAL A 749 -19.80 58.16 6.97
CA VAL A 749 -20.45 57.05 6.22
C VAL A 749 -19.40 56.35 5.35
N GLY A 750 -19.18 55.05 5.57
CA GLY A 750 -18.33 54.23 4.68
C GLY A 750 -19.17 53.28 3.83
N ILE A 751 -18.64 52.85 2.68
CA ILE A 751 -19.35 51.89 1.79
C ILE A 751 -18.41 50.74 1.45
N HIS A 752 -18.93 49.50 1.42
CA HIS A 752 -18.07 48.31 1.20
C HIS A 752 -18.85 47.25 0.42
N GLY A 753 -18.27 46.76 -0.69
CA GLY A 753 -18.90 45.73 -1.52
C GLY A 753 -17.87 44.82 -2.17
N TRP A 754 -18.32 43.68 -2.70
CA TRP A 754 -17.44 42.75 -3.43
C TRP A 754 -17.92 42.64 -4.88
N SER A 755 -16.99 42.63 -5.83
CA SER A 755 -17.33 42.43 -7.25
C SER A 755 -18.15 43.64 -7.72
N TYR A 756 -19.35 43.43 -8.29
CA TYR A 756 -20.21 44.58 -8.67
C TYR A 756 -20.36 45.54 -7.48
N GLY A 757 -20.50 45.00 -6.27
CA GLY A 757 -20.56 45.83 -5.06
C GLY A 757 -19.29 46.65 -4.88
N GLY A 758 -18.12 46.03 -5.09
CA GLY A 758 -16.84 46.73 -5.00
C GLY A 758 -16.73 47.79 -6.08
N TYR A 759 -17.25 47.49 -7.27
CA TYR A 759 -17.34 48.46 -8.39
C TYR A 759 -18.11 49.70 -7.93
N LEU A 760 -19.28 49.49 -7.32
CA LEU A 760 -20.14 50.62 -6.86
C LEU A 760 -19.45 51.39 -5.72
N SER A 761 -18.77 50.69 -4.82
CA SER A 761 -18.02 51.36 -3.73
C SER A 761 -17.01 52.36 -4.31
N LEU A 762 -16.45 52.06 -5.49
CA LEU A 762 -15.54 53.03 -6.16
C LEU A 762 -16.37 54.16 -6.78
N MET A 763 -17.47 53.83 -7.47
CA MET A 763 -18.39 54.87 -8.01
C MET A 763 -18.88 55.77 -6.87
N ALA A 764 -19.15 55.20 -5.69
CA ALA A 764 -19.58 55.98 -4.51
C ALA A 764 -18.55 57.06 -4.19
N LEU A 765 -17.30 56.66 -3.92
CA LEU A 765 -16.22 57.62 -3.56
C LEU A 765 -15.98 58.61 -4.71
N MET A 766 -16.37 58.22 -5.93
CA MET A 766 -16.09 59.02 -7.15
C MET A 766 -17.20 60.05 -7.36
N GLN A 767 -18.44 59.57 -7.49
CA GLN A 767 -19.62 60.44 -7.74
C GLN A 767 -19.89 61.30 -6.50
N ARG A 768 -19.64 60.77 -5.30
CA ARG A 768 -20.13 61.42 -4.04
C ARG A 768 -19.05 61.43 -2.96
N SER A 769 -17.96 62.18 -3.17
CA SER A 769 -17.01 62.51 -2.07
C SER A 769 -17.78 63.04 -0.86
N ASP A 770 -18.87 63.77 -1.10
CA ASP A 770 -19.63 64.51 -0.06
C ASP A 770 -20.31 63.56 0.94
N ILE A 771 -20.90 62.45 0.47
CA ILE A 771 -21.64 61.50 1.37
C ILE A 771 -20.64 60.51 1.99
N PHE A 772 -19.76 59.93 1.16
CA PHE A 772 -18.99 58.71 1.55
C PHE A 772 -17.57 59.08 1.98
N ARG A 773 -17.26 58.83 3.25
CA ARG A 773 -15.92 59.13 3.82
C ARG A 773 -14.88 58.14 3.29
N VAL A 774 -15.15 56.84 3.39
CA VAL A 774 -14.18 55.79 2.97
C VAL A 774 -14.90 54.70 2.17
N ALA A 775 -14.32 54.30 1.04
CA ALA A 775 -14.84 53.18 0.23
C ALA A 775 -13.91 51.98 0.39
N ILE A 776 -14.47 50.78 0.51
CA ILE A 776 -13.66 49.52 0.52
C ILE A 776 -14.16 48.65 -0.64
N ALA A 777 -13.35 48.56 -1.70
CA ALA A 777 -13.75 47.92 -2.97
C ALA A 777 -13.04 46.58 -3.12
N GLY A 778 -13.77 45.46 -3.01
CA GLY A 778 -13.19 44.11 -3.18
C GLY A 778 -13.39 43.60 -4.60
N ALA A 779 -12.30 43.16 -5.25
CA ALA A 779 -12.37 42.53 -6.59
C ALA A 779 -13.31 43.30 -7.51
N PRO A 780 -13.12 44.64 -7.67
CA PRO A 780 -14.11 45.47 -8.34
C PRO A 780 -13.84 45.55 -9.84
N VAL A 781 -14.90 45.46 -10.65
CA VAL A 781 -14.78 45.74 -12.11
C VAL A 781 -14.42 47.22 -12.27
N THR A 782 -13.26 47.52 -12.84
CA THR A 782 -12.85 48.94 -13.06
C THR A 782 -12.98 49.33 -14.54
N LEU A 783 -13.37 48.40 -15.42
CA LEU A 783 -13.16 48.59 -16.89
C LEU A 783 -13.99 47.57 -17.66
N TRP A 784 -15.17 47.97 -18.14
CA TRP A 784 -16.16 46.99 -18.68
C TRP A 784 -15.68 46.36 -19.99
N ILE A 785 -14.76 47.02 -20.71
CA ILE A 785 -14.20 46.44 -21.97
C ILE A 785 -13.36 45.20 -21.64
N PHE A 786 -13.06 44.95 -20.35
CA PHE A 786 -12.29 43.75 -19.92
C PHE A 786 -13.22 42.60 -19.52
N TYR A 787 -14.42 42.88 -19.03
CA TYR A 787 -15.32 41.79 -18.58
C TYR A 787 -15.83 41.02 -19.81
N ASP A 788 -16.47 39.87 -19.59
CA ASP A 788 -16.79 38.91 -20.68
C ASP A 788 -17.99 39.40 -21.50
N THR A 789 -18.18 38.77 -22.66
CA THR A 789 -19.26 39.11 -23.62
C THR A 789 -20.64 38.81 -23.00
N GLY A 790 -20.87 37.58 -22.55
CA GLY A 790 -22.19 37.14 -22.06
C GLY A 790 -22.81 38.12 -21.07
N TYR A 791 -22.01 38.65 -20.12
CA TYR A 791 -22.54 39.53 -19.06
C TYR A 791 -22.69 40.96 -19.59
N THR A 792 -21.60 41.48 -20.13
CA THR A 792 -21.46 42.93 -20.38
C THR A 792 -22.38 43.37 -21.52
N GLU A 793 -22.43 42.60 -22.61
CA GLU A 793 -23.27 42.95 -23.79
C GLU A 793 -24.76 42.81 -23.45
N ARG A 794 -25.11 41.92 -22.52
CA ARG A 794 -26.51 41.80 -22.06
C ARG A 794 -26.97 43.12 -21.44
N TYR A 795 -26.11 43.77 -20.65
CA TYR A 795 -26.51 44.95 -19.85
C TYR A 795 -26.06 46.26 -20.51
N MET A 796 -24.89 46.28 -21.16
CA MET A 796 -24.31 47.53 -21.70
C MET A 796 -24.26 47.52 -23.24
N GLY A 797 -24.55 46.39 -23.88
CA GLY A 797 -24.48 46.29 -25.35
C GLY A 797 -23.05 46.28 -25.86
N HIS A 798 -22.87 46.36 -27.19
CA HIS A 798 -21.52 46.37 -27.81
C HIS A 798 -20.85 47.70 -27.54
N PRO A 799 -19.51 47.78 -27.30
CA PRO A 799 -18.87 49.05 -26.97
C PRO A 799 -18.99 50.14 -28.05
N ASP A 800 -19.27 49.75 -29.30
CA ASP A 800 -19.51 50.74 -30.39
C ASP A 800 -20.92 51.32 -30.24
N GLN A 801 -21.88 50.51 -29.79
CA GLN A 801 -23.31 50.91 -29.66
C GLN A 801 -23.53 51.66 -28.33
N ASN A 802 -22.50 51.76 -27.49
CA ASN A 802 -22.65 52.48 -26.20
C ASN A 802 -21.27 53.02 -25.78
N GLU A 803 -20.66 53.85 -26.62
CA GLU A 803 -19.32 54.43 -26.33
C GLU A 803 -19.36 55.19 -24.99
N GLN A 804 -20.40 56.00 -24.77
CA GLN A 804 -20.45 56.89 -23.59
C GLN A 804 -20.73 56.09 -22.32
N GLY A 805 -21.58 55.06 -22.40
CA GLY A 805 -21.95 54.27 -21.22
C GLY A 805 -20.76 53.47 -20.68
N TYR A 806 -20.02 52.81 -21.59
CA TYR A 806 -18.80 52.06 -21.18
C TYR A 806 -17.84 53.01 -20.48
N TYR A 807 -17.54 54.15 -21.14
CA TYR A 807 -16.64 55.17 -20.55
C TYR A 807 -17.13 55.57 -19.16
N LEU A 808 -18.41 55.94 -19.06
CA LEU A 808 -18.96 56.47 -17.79
C LEU A 808 -19.05 55.36 -16.74
N GLY A 809 -19.26 54.10 -17.17
CA GLY A 809 -19.34 52.95 -16.25
C GLY A 809 -17.97 52.40 -15.86
N SER A 810 -16.89 52.93 -16.44
CA SER A 810 -15.52 52.44 -16.14
C SER A 810 -14.82 53.40 -15.16
N VAL A 811 -14.59 52.97 -13.92
CA VAL A 811 -14.00 53.86 -12.89
C VAL A 811 -12.52 54.11 -13.20
N ALA A 812 -11.87 53.25 -13.98
CA ALA A 812 -10.44 53.44 -14.33
C ALA A 812 -10.30 54.64 -15.28
N MET A 813 -11.20 54.77 -16.25
CA MET A 813 -11.19 55.92 -17.20
C MET A 813 -11.53 57.24 -16.49
N GLN A 814 -11.72 57.23 -15.16
CA GLN A 814 -12.14 58.45 -14.41
C GLN A 814 -11.35 58.54 -13.09
N ALA A 815 -10.02 58.46 -13.16
CA ALA A 815 -9.16 58.36 -11.96
C ALA A 815 -9.02 59.73 -11.29
N GLU A 816 -9.02 60.82 -12.07
CA GLU A 816 -8.84 62.19 -11.52
C GLU A 816 -10.01 62.56 -10.61
N LYS A 817 -11.13 61.83 -10.70
CA LYS A 817 -12.33 62.14 -9.88
C LYS A 817 -12.21 61.55 -8.46
N PHE A 818 -11.22 60.67 -8.22
CA PHE A 818 -11.02 60.14 -6.85
C PHE A 818 -10.49 61.27 -5.97
N PRO A 819 -10.69 61.21 -4.63
CA PRO A 819 -10.24 62.28 -3.74
C PRO A 819 -8.71 62.35 -3.61
N SER A 820 -8.17 63.54 -3.33
CA SER A 820 -6.71 63.72 -3.09
C SER A 820 -6.44 63.74 -1.59
N GLU A 821 -7.03 62.80 -0.85
CA GLU A 821 -6.85 62.67 0.62
C GLU A 821 -6.78 61.18 0.93
N PRO A 822 -5.76 60.73 1.69
CA PRO A 822 -5.57 59.29 1.93
C PRO A 822 -6.54 58.74 2.98
N ASN A 823 -6.54 57.42 3.18
CA ASN A 823 -7.37 56.76 4.21
C ASN A 823 -8.86 56.84 3.80
N ARG A 824 -9.13 56.99 2.50
CA ARG A 824 -10.53 57.00 1.98
C ARG A 824 -10.74 55.86 0.98
N LEU A 825 -9.68 55.43 0.29
CA LEU A 825 -9.80 54.33 -0.71
C LEU A 825 -9.02 53.10 -0.22
N LEU A 826 -9.69 51.93 -0.18
CA LEU A 826 -9.02 50.64 0.11
C LEU A 826 -9.41 49.64 -0.98
N LEU A 827 -8.39 49.14 -1.71
CA LEU A 827 -8.62 48.12 -2.77
C LEU A 827 -8.24 46.74 -2.25
N LEU A 828 -9.17 45.79 -2.34
CA LEU A 828 -8.91 44.36 -2.01
C LEU A 828 -9.07 43.55 -3.30
N HIS A 829 -8.23 42.54 -3.52
CA HIS A 829 -8.38 41.71 -4.75
C HIS A 829 -7.70 40.35 -4.56
N GLY A 830 -8.36 39.28 -5.01
CA GLY A 830 -7.73 37.95 -5.12
C GLY A 830 -6.75 37.92 -6.28
N PHE A 831 -5.47 37.65 -5.99
CA PHE A 831 -4.39 37.85 -7.01
C PHE A 831 -4.54 36.83 -8.14
N LEU A 832 -5.23 35.70 -7.89
CA LEU A 832 -5.40 34.64 -8.92
C LEU A 832 -6.79 34.72 -9.56
N ASP A 833 -7.51 35.83 -9.37
CA ASP A 833 -8.92 35.97 -9.84
C ASP A 833 -8.94 35.82 -11.36
N GLU A 834 -9.68 34.82 -11.85
CA GLU A 834 -9.78 34.47 -13.29
C GLU A 834 -11.08 35.02 -13.89
N ASN A 835 -12.01 35.45 -13.02
CA ASN A 835 -13.36 35.92 -13.43
C ASN A 835 -13.34 37.45 -13.55
N VAL A 836 -12.95 38.13 -12.47
CA VAL A 836 -12.65 39.60 -12.48
C VAL A 836 -11.13 39.75 -12.41
N HIS A 837 -10.45 39.64 -13.57
CA HIS A 837 -8.97 39.57 -13.63
C HIS A 837 -8.36 40.65 -12.70
N PHE A 838 -7.19 40.36 -12.10
CA PHE A 838 -6.55 41.31 -11.14
C PHE A 838 -6.13 42.59 -11.88
N ALA A 839 -6.00 42.53 -13.21
CA ALA A 839 -5.59 43.70 -14.01
C ALA A 839 -6.56 44.85 -13.78
N HIS A 840 -7.86 44.56 -13.56
CA HIS A 840 -8.84 45.61 -13.19
C HIS A 840 -8.24 46.50 -12.09
N THR A 841 -7.69 45.91 -11.04
CA THR A 841 -7.04 46.68 -9.95
C THR A 841 -5.73 47.30 -10.45
N SER A 842 -4.87 46.51 -11.11
CA SER A 842 -3.51 47.01 -11.49
C SER A 842 -3.63 48.19 -12.45
N ILE A 843 -4.54 48.10 -13.44
CA ILE A 843 -4.71 49.18 -14.46
C ILE A 843 -5.32 50.42 -13.78
N LEU A 844 -6.26 50.23 -12.84
CA LEU A 844 -6.83 51.37 -12.08
C LEU A 844 -5.73 51.99 -11.21
N LEU A 845 -4.96 51.17 -10.50
CA LEU A 845 -3.78 51.66 -9.75
C LEU A 845 -2.86 52.43 -10.71
N SER A 846 -2.70 51.92 -11.93
CA SER A 846 -1.87 52.60 -12.96
C SER A 846 -2.30 54.07 -13.06
N PHE A 847 -3.58 54.33 -13.31
CA PHE A 847 -4.09 55.72 -13.54
C PHE A 847 -4.10 56.51 -12.23
N LEU A 848 -4.38 55.85 -11.09
CA LEU A 848 -4.34 56.54 -9.78
C LEU A 848 -2.94 57.12 -9.53
N VAL A 849 -1.89 56.41 -9.97
CA VAL A 849 -0.49 56.92 -9.80
C VAL A 849 -0.25 58.04 -10.81
N ARG A 850 -0.61 57.81 -12.08
CA ARG A 850 -0.50 58.84 -13.14
C ARG A 850 -1.27 60.11 -12.73
N ALA A 851 -2.37 59.96 -11.99
CA ALA A 851 -3.23 61.10 -11.60
C ALA A 851 -2.80 61.68 -10.25
N GLY A 852 -1.85 61.04 -9.55
CA GLY A 852 -1.31 61.58 -8.29
C GLY A 852 -2.25 61.38 -7.11
N LYS A 853 -3.20 60.45 -7.20
CA LYS A 853 -4.14 60.15 -6.09
C LYS A 853 -3.56 59.04 -5.22
N PRO A 854 -3.96 58.93 -3.93
CA PRO A 854 -3.48 57.88 -3.04
C PRO A 854 -4.45 56.70 -2.91
N TYR A 855 -3.92 55.53 -2.55
CA TYR A 855 -4.72 54.29 -2.35
C TYR A 855 -4.15 53.49 -1.17
N ASP A 856 -5.02 52.70 -0.53
CA ASP A 856 -4.57 51.57 0.32
C ASP A 856 -4.96 50.28 -0.44
N LEU A 857 -4.07 49.28 -0.45
CA LEU A 857 -4.30 48.07 -1.27
C LEU A 857 -3.98 46.82 -0.45
N GLN A 858 -4.91 45.86 -0.39
CA GLN A 858 -4.61 44.53 0.18
C GLN A 858 -4.77 43.48 -0.92
N ILE A 859 -3.81 42.57 -1.01
CA ILE A 859 -3.83 41.46 -2.01
C ILE A 859 -3.99 40.14 -1.26
N TYR A 860 -4.82 39.24 -1.79
CA TYR A 860 -4.97 37.88 -1.22
C TYR A 860 -4.43 36.91 -2.27
N PRO A 861 -3.12 36.58 -2.23
CA PRO A 861 -2.44 35.87 -3.33
C PRO A 861 -2.80 34.39 -3.47
N GLN A 862 -3.55 33.85 -2.51
CA GLN A 862 -3.99 32.42 -2.55
C GLN A 862 -5.37 32.30 -3.21
N GLU A 863 -6.00 33.44 -3.54
CA GLU A 863 -7.47 33.46 -3.79
C GLU A 863 -7.81 33.81 -5.24
N ARG A 864 -8.90 33.23 -5.74
CA ARG A 864 -9.48 33.59 -7.06
C ARG A 864 -10.59 34.62 -6.81
N HIS A 865 -11.78 34.42 -7.38
CA HIS A 865 -12.92 35.37 -7.18
C HIS A 865 -13.51 35.17 -5.78
N SER A 866 -13.54 33.92 -5.29
CA SER A 866 -14.03 33.61 -3.91
C SER A 866 -12.88 33.76 -2.91
N ILE A 867 -13.17 33.49 -1.63
CA ILE A 867 -12.10 33.30 -0.59
C ILE A 867 -12.28 31.91 0.02
N ARG A 868 -11.34 30.99 -0.25
CA ARG A 868 -11.47 29.56 0.14
C ARG A 868 -10.53 29.22 1.31
N VAL A 869 -9.26 29.65 1.25
CA VAL A 869 -8.34 29.51 2.42
C VAL A 869 -8.93 30.33 3.57
N PRO A 870 -9.20 29.73 4.75
CA PRO A 870 -9.82 30.45 5.85
C PRO A 870 -8.89 31.56 6.41
N GLU A 871 -7.59 31.27 6.48
CA GLU A 871 -6.57 32.27 6.86
C GLU A 871 -6.74 33.53 6.01
N SER A 872 -7.04 33.37 4.71
CA SER A 872 -7.33 34.52 3.81
C SER A 872 -8.54 35.29 4.35
N GLY A 873 -9.61 34.57 4.72
CA GLY A 873 -10.85 35.19 5.20
C GLY A 873 -10.65 35.88 6.55
N GLU A 874 -9.95 35.22 7.47
CA GLU A 874 -9.69 35.79 8.82
C GLU A 874 -8.92 37.11 8.67
N HIS A 875 -7.90 37.12 7.80
CA HIS A 875 -7.09 38.34 7.56
C HIS A 875 -8.00 39.46 7.02
N TYR A 876 -8.88 39.11 6.07
CA TYR A 876 -9.74 40.12 5.39
C TYR A 876 -10.69 40.76 6.40
N GLU A 877 -11.32 39.95 7.25
CA GLU A 877 -12.29 40.47 8.27
C GLU A 877 -11.55 41.36 9.27
N LEU A 878 -10.35 40.93 9.68
CA LEU A 878 -9.54 41.66 10.69
C LEU A 878 -9.04 42.99 10.10
N HIS A 879 -8.55 42.98 8.87
CA HIS A 879 -8.10 44.24 8.22
C HIS A 879 -9.29 45.16 7.99
N LEU A 880 -10.44 44.61 7.55
CA LEU A 880 -11.66 45.42 7.35
C LEU A 880 -12.02 46.15 8.65
N LEU A 881 -12.22 45.40 9.74
CA LEU A 881 -12.59 46.01 11.05
C LEU A 881 -11.55 47.08 11.41
N HIS A 882 -10.28 46.68 11.47
CA HIS A 882 -9.20 47.63 11.86
C HIS A 882 -9.25 48.88 10.98
N TYR A 883 -9.43 48.72 9.67
CA TYR A 883 -9.48 49.87 8.73
C TYR A 883 -10.65 50.79 9.09
N LEU A 884 -11.84 50.21 9.31
CA LEU A 884 -13.05 51.01 9.65
C LEU A 884 -12.82 51.72 10.98
N GLN A 885 -12.39 50.98 12.00
CA GLN A 885 -12.05 51.59 13.31
C GLN A 885 -11.06 52.75 13.09
N GLU A 886 -9.96 52.50 12.38
CA GLU A 886 -8.84 53.48 12.31
C GLU A 886 -9.20 54.69 11.44
N ASN A 887 -10.15 54.55 10.51
CA ASN A 887 -10.41 55.63 9.51
C ASN A 887 -11.90 56.04 9.48
N LEU A 888 -12.70 55.61 10.45
CA LEU A 888 -14.15 55.97 10.42
C LEU A 888 -14.69 56.20 11.85
N GLY A 889 -14.84 55.13 12.64
CA GLY A 889 -15.62 55.20 13.89
C GLY A 889 -14.81 55.76 15.04
N SER A 890 -13.53 55.39 15.16
CA SER A 890 -12.75 55.66 16.39
C SER A 890 -12.49 57.16 16.57
N ARG A 891 -12.04 57.54 17.77
CA ARG A 891 -11.73 58.95 18.11
C ARG A 891 -10.53 59.41 17.27
N ILE A 892 -9.53 58.53 17.09
CA ILE A 892 -8.30 58.85 16.32
C ILE A 892 -8.66 59.09 14.85
N ALA A 893 -9.74 58.46 14.37
CA ALA A 893 -10.22 58.65 12.98
C ALA A 893 -10.74 60.09 12.79
N ALA A 894 -11.29 60.68 13.84
CA ALA A 894 -11.80 62.07 13.78
C ALA A 894 -10.63 63.06 13.75
N LEU A 895 -9.59 62.81 14.57
CA LEU A 895 -8.40 63.69 14.64
C LEU A 895 -7.69 63.74 13.29
N LYS A 896 -7.56 62.59 12.61
CA LYS A 896 -6.83 62.50 11.32
C LYS A 896 -7.26 63.61 10.36
N VAL A 897 -8.57 63.80 10.17
CA VAL A 897 -9.09 64.71 9.09
C VAL A 897 -8.60 66.14 9.37
N LEU B 48 -33.18 -31.28 17.18
CA LEU B 48 -32.00 -32.21 17.13
C LEU B 48 -31.14 -31.99 18.39
N GLU B 49 -30.04 -32.75 18.53
CA GLU B 49 -29.16 -32.63 19.71
C GLU B 49 -27.70 -32.76 19.27
N PRO B 50 -26.81 -31.79 19.62
CA PRO B 50 -25.43 -31.78 19.12
C PRO B 50 -24.62 -33.06 19.37
N PHE B 51 -23.97 -33.57 18.30
CA PHE B 51 -22.93 -34.63 18.44
C PHE B 51 -21.58 -33.99 18.78
N TYR B 52 -20.88 -34.53 19.77
CA TYR B 52 -19.51 -34.04 20.12
C TYR B 52 -18.50 -35.14 19.77
N VAL B 53 -17.41 -34.76 19.08
CA VAL B 53 -16.38 -35.75 18.66
C VAL B 53 -15.61 -36.17 19.91
N GLU B 54 -15.13 -37.42 19.93
CA GLU B 54 -14.31 -37.93 21.06
C GLU B 54 -13.06 -37.05 21.21
N ARG B 55 -12.66 -36.79 22.46
CA ARG B 55 -11.45 -35.96 22.75
C ARG B 55 -10.21 -36.87 22.84
N TYR B 56 -9.51 -37.07 21.73
CA TYR B 56 -8.24 -37.84 21.73
C TYR B 56 -7.10 -36.92 22.17
N SER B 57 -6.11 -37.46 22.88
CA SER B 57 -4.86 -36.71 23.20
C SER B 57 -4.05 -36.53 21.91
N TRP B 58 -3.08 -35.62 21.91
CA TRP B 58 -2.18 -35.41 20.74
C TRP B 58 -1.47 -36.73 20.40
N SER B 59 -1.07 -37.50 21.42
CA SER B 59 -0.34 -38.78 21.21
C SER B 59 -1.29 -39.89 20.71
N GLN B 60 -2.55 -39.87 21.15
CA GLN B 60 -3.57 -40.85 20.67
C GLN B 60 -3.92 -40.54 19.22
N LEU B 61 -4.07 -39.25 18.89
CA LEU B 61 -4.38 -38.82 17.49
C LEU B 61 -3.21 -39.21 16.58
N LYS B 62 -1.96 -38.98 17.01
CA LYS B 62 -0.78 -39.42 16.23
C LYS B 62 -0.89 -40.93 15.98
N LYS B 63 -1.26 -41.70 17.01
CA LYS B 63 -1.40 -43.18 16.88
C LYS B 63 -2.48 -43.50 15.85
N LEU B 64 -3.70 -42.98 16.05
CA LEU B 64 -4.84 -43.25 15.13
C LEU B 64 -4.42 -42.97 13.68
N LEU B 65 -3.87 -41.77 13.42
CA LEU B 65 -3.47 -41.36 12.05
C LEU B 65 -2.41 -42.32 11.48
N ALA B 66 -1.43 -42.71 12.31
CA ALA B 66 -0.35 -43.62 11.86
C ALA B 66 -0.92 -45.00 11.52
N ASP B 67 -1.90 -45.47 12.32
CA ASP B 67 -2.51 -46.81 12.12
C ASP B 67 -3.34 -46.81 10.83
N THR B 68 -4.15 -45.77 10.60
CA THR B 68 -4.97 -45.68 9.36
C THR B 68 -4.06 -45.58 8.13
N ARG B 69 -2.91 -44.90 8.24
CA ARG B 69 -1.96 -44.70 7.11
C ARG B 69 -1.05 -45.93 6.96
N LYS B 70 -0.93 -46.79 7.99
CA LYS B 70 0.05 -47.91 7.96
C LYS B 70 -0.13 -48.77 6.70
N TYR B 71 -1.30 -48.69 6.04
CA TYR B 71 -1.55 -49.43 4.77
C TYR B 71 -1.31 -48.50 3.56
N HIS B 72 -1.81 -48.90 2.38
CA HIS B 72 -1.71 -48.08 1.14
C HIS B 72 -0.28 -48.13 0.60
N LYS B 78 3.06 -44.87 -8.01
CA LYS B 78 2.55 -44.08 -9.17
C LYS B 78 2.27 -45.02 -10.35
N ALA B 79 1.08 -44.90 -10.95
CA ALA B 79 0.68 -45.75 -12.09
C ALA B 79 1.51 -45.40 -13.32
N PRO B 80 1.64 -46.35 -14.28
CA PRO B 80 2.33 -46.11 -15.55
C PRO B 80 2.01 -44.80 -16.29
N HIS B 81 2.96 -44.29 -17.07
CA HIS B 81 2.76 -43.04 -17.88
C HIS B 81 3.83 -42.92 -18.97
N ASP B 82 3.74 -41.88 -19.80
CA ASP B 82 4.61 -41.71 -21.00
C ASP B 82 4.68 -43.03 -21.77
N PHE B 83 3.53 -43.49 -22.29
CA PHE B 83 3.50 -44.75 -23.08
C PHE B 83 4.06 -44.53 -24.47
N MET B 84 4.70 -45.56 -25.03
CA MET B 84 5.16 -45.51 -26.45
C MET B 84 4.97 -46.89 -27.07
N PHE B 85 4.39 -46.94 -28.26
CA PHE B 85 4.17 -48.22 -28.98
C PHE B 85 5.25 -48.38 -30.04
N VAL B 86 5.85 -49.57 -30.14
CA VAL B 86 6.89 -49.85 -31.16
C VAL B 86 6.58 -51.21 -31.80
N LYS B 87 6.49 -51.25 -33.14
CA LYS B 87 6.19 -52.50 -33.88
C LYS B 87 7.39 -53.46 -33.80
N ARG B 88 7.13 -54.76 -33.73
CA ARG B 88 8.21 -55.79 -33.78
C ARG B 88 8.48 -56.14 -35.25
N ASN B 89 7.43 -56.16 -36.08
CA ASN B 89 7.56 -56.45 -37.53
C ASN B 89 8.18 -57.84 -37.74
N ASP B 90 7.83 -58.80 -36.86
CA ASP B 90 8.39 -60.17 -36.90
C ASP B 90 7.25 -61.16 -37.14
N PRO B 91 6.96 -61.53 -38.42
CA PRO B 91 5.94 -62.53 -38.73
C PRO B 91 5.90 -63.79 -37.84
N ASP B 92 7.06 -64.38 -37.50
CA ASP B 92 7.12 -65.69 -36.81
C ASP B 92 6.70 -65.56 -35.34
N GLY B 93 7.02 -64.42 -34.70
CA GLY B 93 6.87 -64.26 -33.24
C GLY B 93 5.44 -63.94 -32.83
N PRO B 94 5.08 -64.13 -31.54
CA PRO B 94 3.71 -63.97 -31.07
C PRO B 94 3.34 -62.55 -30.62
N HIS B 95 4.28 -61.60 -30.74
CA HIS B 95 4.09 -60.22 -30.22
C HIS B 95 4.01 -59.23 -31.39
N SER B 96 2.97 -58.38 -31.38
CA SER B 96 2.74 -57.38 -32.46
C SER B 96 3.45 -56.07 -32.12
N ASP B 97 3.34 -55.64 -30.85
CA ASP B 97 3.93 -54.35 -30.40
C ASP B 97 4.78 -54.60 -29.14
N ARG B 98 5.70 -53.69 -28.85
CA ARG B 98 6.30 -53.57 -27.49
C ARG B 98 5.93 -52.18 -26.95
N ILE B 99 5.33 -52.11 -25.76
CA ILE B 99 5.00 -50.79 -25.16
C ILE B 99 6.03 -50.48 -24.06
N TYR B 100 6.62 -49.29 -24.13
CA TYR B 100 7.51 -48.78 -23.04
C TYR B 100 6.74 -47.71 -22.26
N TYR B 101 6.92 -47.70 -20.94
CA TYR B 101 6.28 -46.68 -20.07
C TYR B 101 7.17 -46.43 -18.85
N LEU B 102 7.06 -45.24 -18.26
CA LEU B 102 7.67 -44.94 -16.94
C LEU B 102 6.71 -45.42 -15.85
N ALA B 103 7.24 -45.77 -14.67
CA ALA B 103 6.39 -46.25 -13.55
C ALA B 103 7.24 -46.46 -12.30
N MET B 104 6.58 -46.56 -11.14
CA MET B 104 7.27 -46.85 -9.86
C MET B 104 7.40 -48.37 -9.73
N SER B 105 8.65 -48.86 -9.66
CA SER B 105 9.00 -50.30 -9.52
C SER B 105 7.78 -51.21 -9.75
N ARG B 109 9.90 -46.67 -3.80
CA ARG B 109 10.90 -47.12 -4.81
C ARG B 109 11.07 -46.03 -5.89
N GLU B 110 11.99 -46.24 -6.83
CA GLU B 110 12.37 -45.19 -7.84
C GLU B 110 11.53 -45.37 -9.11
N ASN B 111 11.64 -44.41 -10.03
CA ASN B 111 10.80 -44.34 -11.27
C ASN B 111 11.68 -44.67 -12.48
N THR B 112 11.48 -45.80 -13.15
CA THR B 112 12.32 -46.16 -14.34
C THR B 112 11.47 -46.57 -15.55
N LEU B 113 12.13 -46.71 -16.70
CA LEU B 113 11.51 -47.29 -17.92
C LEU B 113 11.22 -48.77 -17.67
N PHE B 114 9.98 -49.17 -17.99
CA PHE B 114 9.59 -50.61 -18.10
C PHE B 114 9.17 -50.89 -19.55
N TYR B 115 8.99 -52.17 -19.89
CA TYR B 115 8.32 -52.56 -21.16
C TYR B 115 7.42 -53.77 -20.90
N SER B 116 6.41 -53.93 -21.76
CA SER B 116 5.55 -55.14 -21.76
C SER B 116 5.32 -55.58 -23.21
N GLU B 117 4.88 -56.82 -23.40
CA GLU B 117 4.78 -57.42 -24.77
C GLU B 117 3.30 -57.54 -25.17
N ILE B 118 2.90 -56.78 -26.20
CA ILE B 118 1.49 -56.85 -26.74
C ILE B 118 1.39 -58.07 -27.65
N PRO B 119 0.60 -59.10 -27.30
CA PRO B 119 0.51 -60.31 -28.11
C PRO B 119 -0.37 -60.10 -29.36
N LYS B 120 -0.13 -60.90 -30.40
CA LYS B 120 -0.88 -60.78 -31.68
C LYS B 120 -2.33 -61.25 -31.48
N THR B 121 -2.57 -62.15 -30.51
CA THR B 121 -3.95 -62.62 -30.19
C THR B 121 -4.08 -62.85 -28.67
N ILE B 122 -5.28 -63.17 -28.21
CA ILE B 122 -5.57 -63.32 -26.75
C ILE B 122 -6.58 -64.46 -26.54
N ASN B 123 -6.52 -65.09 -25.37
CA ASN B 123 -7.57 -66.05 -24.94
C ASN B 123 -8.75 -65.22 -24.41
N ARG B 124 -9.75 -64.96 -25.27
CA ARG B 124 -10.89 -64.07 -24.92
C ARG B 124 -11.76 -64.72 -23.83
N ALA B 125 -11.43 -65.94 -23.40
CA ALA B 125 -12.00 -66.52 -22.16
C ALA B 125 -11.41 -65.80 -20.94
N ALA B 126 -10.08 -65.69 -20.87
CA ALA B 126 -9.39 -65.19 -19.66
C ALA B 126 -9.03 -63.71 -19.81
N VAL B 127 -8.51 -63.12 -18.73
CA VAL B 127 -7.96 -61.73 -18.74
C VAL B 127 -6.44 -61.84 -18.74
N LEU B 128 -5.78 -61.35 -19.79
CA LEU B 128 -4.29 -61.30 -19.83
C LEU B 128 -3.83 -60.08 -19.02
N MET B 129 -3.03 -60.30 -17.96
CA MET B 129 -2.39 -59.16 -17.23
C MET B 129 -0.92 -59.09 -17.64
N LEU B 130 -0.55 -58.04 -18.40
CA LEU B 130 0.82 -57.89 -18.94
C LEU B 130 1.83 -57.78 -17.79
N SER B 131 2.95 -58.51 -17.89
CA SER B 131 4.04 -58.41 -16.88
C SER B 131 4.94 -57.23 -17.24
N TRP B 132 5.49 -56.56 -16.21
CA TRP B 132 6.39 -55.39 -16.40
C TRP B 132 7.84 -55.85 -16.42
N LYS B 133 8.43 -55.95 -17.61
CA LYS B 133 9.89 -56.22 -17.74
C LYS B 133 10.62 -54.91 -17.46
N PRO B 134 11.61 -54.85 -16.53
CA PRO B 134 12.49 -53.69 -16.42
C PRO B 134 13.34 -53.52 -17.67
N LEU B 135 13.50 -52.28 -18.15
CA LEU B 135 14.34 -51.99 -19.34
C LEU B 135 15.77 -51.63 -18.91
N LEU B 136 15.95 -51.16 -17.67
CA LEU B 136 17.23 -50.53 -17.26
C LEU B 136 17.88 -51.27 -16.08
N ASP B 137 19.15 -50.96 -15.81
CA ASP B 137 19.93 -51.54 -14.68
C ASP B 137 20.83 -50.44 -14.10
N LEU B 138 20.29 -49.62 -13.18
CA LEU B 138 21.10 -48.61 -12.44
C LEU B 138 21.44 -49.18 -11.06
N TYR B 148 19.98 -33.07 -4.70
CA TYR B 148 19.35 -32.38 -5.85
C TYR B 148 19.96 -30.98 -6.02
N SER B 149 20.25 -30.59 -7.27
CA SER B 149 20.73 -29.22 -7.59
C SER B 149 19.59 -28.21 -7.37
N ARG B 150 19.93 -26.93 -7.24
CA ARG B 150 18.91 -25.85 -7.10
C ARG B 150 18.20 -25.67 -8.45
N GLU B 151 18.77 -26.21 -9.53
CA GLU B 151 18.08 -26.29 -10.85
C GLU B 151 17.06 -27.46 -10.84
N GLU B 152 17.45 -28.62 -10.33
CA GLU B 152 16.55 -29.80 -10.24
C GLU B 152 15.38 -29.51 -9.29
N GLU B 153 15.69 -28.99 -8.10
CA GLU B 153 14.67 -28.82 -7.01
C GLU B 153 13.63 -27.78 -7.44
N LEU B 154 14.04 -26.75 -8.20
CA LEU B 154 13.11 -25.68 -8.64
C LEU B 154 12.25 -26.15 -9.82
N LEU B 155 12.84 -26.86 -10.79
CA LEU B 155 12.08 -27.38 -11.96
C LEU B 155 11.04 -28.40 -11.50
N ARG B 156 11.41 -29.29 -10.58
CA ARG B 156 10.52 -30.39 -10.13
C ARG B 156 9.41 -29.83 -9.23
N GLU B 157 9.53 -28.56 -8.81
CA GLU B 157 8.40 -27.80 -8.19
C GLU B 157 7.48 -27.25 -9.30
N ARG B 158 8.05 -26.71 -10.38
CA ARG B 158 7.27 -26.08 -11.48
C ARG B 158 6.42 -27.12 -12.22
N LYS B 159 6.94 -28.34 -12.41
CA LYS B 159 6.20 -29.44 -13.08
C LYS B 159 5.23 -30.10 -12.09
N ARG B 160 5.46 -29.91 -10.78
CA ARG B 160 4.71 -30.62 -9.70
C ARG B 160 5.05 -32.12 -9.76
N ILE B 161 6.32 -32.46 -10.02
CA ILE B 161 6.78 -33.88 -9.98
C ILE B 161 7.01 -34.27 -8.51
N GLY B 162 6.25 -35.25 -8.01
CA GLY B 162 6.49 -35.81 -6.66
C GLY B 162 7.44 -37.00 -6.69
N THR B 163 7.62 -37.60 -7.87
CA THR B 163 8.39 -38.87 -8.02
C THR B 163 9.89 -38.59 -7.96
N VAL B 164 10.71 -39.65 -8.05
CA VAL B 164 12.19 -39.54 -8.08
C VAL B 164 12.74 -40.59 -9.06
N GLY B 165 13.81 -40.22 -9.79
CA GLY B 165 14.42 -41.09 -10.80
C GLY B 165 14.26 -40.48 -12.19
N ILE B 166 13.80 -41.27 -13.16
CA ILE B 166 13.58 -40.76 -14.55
C ILE B 166 12.21 -40.09 -14.61
N ALA B 167 12.18 -38.79 -14.93
CA ALA B 167 10.93 -38.00 -14.95
C ALA B 167 10.30 -38.06 -16.34
N SER B 168 11.14 -38.15 -17.38
CA SER B 168 10.66 -38.27 -18.78
C SER B 168 11.79 -38.85 -19.64
N TYR B 169 11.47 -39.22 -20.87
CA TYR B 169 12.52 -39.72 -21.80
C TYR B 169 12.27 -39.18 -23.20
N ASP B 170 13.07 -39.66 -24.16
CA ASP B 170 13.06 -39.19 -25.55
C ASP B 170 13.53 -40.38 -26.40
N TYR B 171 12.96 -40.54 -27.59
CA TYR B 171 13.22 -41.77 -28.38
C TYR B 171 13.33 -41.39 -29.86
N HIS B 172 14.05 -42.21 -30.62
CA HIS B 172 14.20 -42.01 -32.08
C HIS B 172 13.74 -43.31 -32.75
N GLN B 173 12.54 -43.30 -33.34
CA GLN B 173 11.94 -44.52 -33.94
C GLN B 173 12.97 -45.17 -34.90
N GLY B 174 13.70 -44.35 -35.66
CA GLY B 174 14.69 -44.83 -36.63
C GLY B 174 15.79 -45.65 -35.99
N SER B 175 16.50 -45.08 -35.01
CA SER B 175 17.70 -45.70 -34.40
C SER B 175 17.32 -46.68 -33.27
N GLY B 176 16.20 -46.41 -32.59
CA GLY B 176 15.86 -47.13 -31.36
C GLY B 176 16.58 -46.55 -30.15
N THR B 177 17.06 -45.30 -30.26
CA THR B 177 17.84 -44.65 -29.19
C THR B 177 16.90 -44.07 -28.13
N PHE B 178 16.96 -44.57 -26.90
CA PHE B 178 16.39 -43.86 -25.72
C PHE B 178 17.40 -42.83 -25.22
N LEU B 179 16.94 -41.63 -24.87
CA LEU B 179 17.81 -40.61 -24.21
C LEU B 179 17.05 -40.10 -22.99
N PHE B 180 17.68 -40.15 -21.81
CA PHE B 180 16.99 -39.73 -20.55
C PHE B 180 18.01 -39.23 -19.53
N GLN B 181 17.69 -38.10 -18.89
CA GLN B 181 18.39 -37.65 -17.67
C GLN B 181 18.02 -38.62 -16.54
N ALA B 182 18.95 -38.93 -15.64
CA ALA B 182 18.65 -39.78 -14.47
C ALA B 182 19.60 -39.40 -13.34
N GLY B 183 19.10 -38.60 -12.39
CA GLY B 183 19.98 -37.88 -11.45
C GLY B 183 20.82 -36.85 -12.19
N SER B 184 22.10 -36.72 -11.81
CA SER B 184 23.00 -35.71 -12.42
C SER B 184 23.47 -36.15 -13.81
N GLY B 185 23.18 -37.39 -14.21
CA GLY B 185 23.74 -37.96 -15.45
C GLY B 185 22.74 -37.97 -16.59
N ILE B 186 23.26 -37.98 -17.82
CA ILE B 186 22.44 -38.17 -19.07
C ILE B 186 22.87 -39.51 -19.70
N TYR B 187 21.91 -40.38 -19.99
CA TYR B 187 22.24 -41.76 -20.45
C TYR B 187 21.58 -42.02 -21.80
N HIS B 188 21.93 -43.15 -22.41
CA HIS B 188 21.29 -43.57 -23.69
C HIS B 188 21.49 -45.08 -23.89
N VAL B 189 20.39 -45.80 -24.13
CA VAL B 189 20.45 -47.22 -24.59
C VAL B 189 19.69 -47.31 -25.91
N LYS B 190 19.66 -48.49 -26.53
CA LYS B 190 18.85 -48.69 -27.75
C LYS B 190 17.92 -49.87 -27.55
N ASP B 191 16.74 -49.81 -28.18
CA ASP B 191 15.82 -50.98 -28.22
C ASP B 191 14.79 -50.78 -29.33
N GLY B 192 14.55 -51.81 -30.13
CA GLY B 192 13.49 -51.80 -31.15
C GLY B 192 13.90 -51.07 -32.42
N GLY B 193 15.20 -50.77 -32.57
CA GLY B 193 15.74 -50.29 -33.85
C GLY B 193 16.18 -51.47 -34.71
N PRO B 194 17.01 -51.24 -35.77
CA PRO B 194 17.70 -52.32 -36.46
C PRO B 194 18.43 -53.30 -35.51
N GLN B 195 18.73 -52.87 -34.28
CA GLN B 195 19.53 -53.66 -33.33
C GLN B 195 18.65 -54.65 -32.54
N GLY B 196 17.34 -54.72 -32.81
CA GLY B 196 16.48 -55.78 -32.23
C GLY B 196 15.95 -55.41 -30.85
N PHE B 197 15.33 -56.39 -30.17
CA PHE B 197 14.60 -56.15 -28.89
C PHE B 197 15.24 -56.97 -27.76
N THR B 198 15.76 -56.29 -26.73
CA THR B 198 16.37 -56.99 -25.57
C THR B 198 15.36 -57.94 -24.94
N GLN B 199 15.86 -58.97 -24.24
CA GLN B 199 15.00 -59.91 -23.47
C GLN B 199 15.38 -59.82 -21.99
N GLN B 200 16.10 -58.78 -21.59
CA GLN B 200 16.54 -58.58 -20.18
C GLN B 200 16.95 -57.13 -19.98
N PRO B 201 16.93 -56.61 -18.73
CA PRO B 201 17.33 -55.22 -18.46
C PRO B 201 18.66 -54.81 -19.14
N LEU B 202 18.67 -53.59 -19.72
CA LEU B 202 19.87 -53.04 -20.41
C LEU B 202 20.68 -52.19 -19.43
N ARG B 203 22.01 -52.19 -19.60
CA ARG B 203 22.90 -51.32 -18.81
C ARG B 203 23.05 -50.01 -19.59
N PRO B 204 22.66 -48.85 -19.01
CA PRO B 204 22.72 -47.58 -19.73
C PRO B 204 24.14 -47.10 -20.05
N ASN B 205 24.26 -46.26 -21.09
CA ASN B 205 25.56 -45.69 -21.50
C ASN B 205 25.58 -44.19 -21.14
N LEU B 206 26.39 -43.81 -20.14
CA LEU B 206 26.53 -42.40 -19.70
C LEU B 206 27.08 -41.54 -20.84
N VAL B 207 26.48 -40.38 -21.10
CA VAL B 207 27.05 -39.38 -22.04
C VAL B 207 28.19 -38.65 -21.32
N GLU B 208 29.35 -38.56 -21.96
CA GLU B 208 30.56 -37.94 -21.38
C GLU B 208 30.43 -36.41 -21.47
N THR B 209 31.02 -35.68 -20.52
CA THR B 209 30.91 -34.20 -20.51
C THR B 209 32.19 -33.56 -19.93
N SER B 210 32.58 -32.39 -20.46
CA SER B 210 33.56 -31.49 -19.82
C SER B 210 32.85 -30.48 -18.92
N CYS B 211 31.56 -30.25 -19.16
CA CYS B 211 30.75 -29.28 -18.39
C CYS B 211 30.76 -29.64 -16.91
N PRO B 212 30.99 -28.64 -16.01
CA PRO B 212 31.07 -28.89 -14.57
C PRO B 212 29.76 -28.87 -13.78
N ASN B 213 28.68 -28.32 -14.36
CA ASN B 213 27.38 -28.15 -13.66
C ASN B 213 26.35 -29.09 -14.27
N ILE B 214 25.19 -29.24 -13.61
CA ILE B 214 24.17 -30.24 -14.02
C ILE B 214 23.61 -29.87 -15.41
N ARG B 215 23.52 -30.86 -16.29
CA ARG B 215 22.96 -30.67 -17.65
C ARG B 215 21.43 -30.87 -17.59
N MET B 216 20.67 -29.84 -17.95
CA MET B 216 19.18 -29.90 -17.88
C MET B 216 18.60 -30.09 -19.28
N ASP B 217 17.40 -30.69 -19.36
CA ASP B 217 16.54 -30.66 -20.58
C ASP B 217 17.28 -31.23 -21.78
N PRO B 218 17.80 -32.48 -21.71
CA PRO B 218 18.40 -33.12 -22.89
C PRO B 218 17.33 -33.46 -23.94
N LYS B 219 17.67 -33.32 -25.22
CA LYS B 219 16.77 -33.72 -26.34
C LYS B 219 17.60 -34.36 -27.46
N LEU B 220 17.15 -35.52 -27.96
CA LEU B 220 17.74 -36.14 -29.17
C LEU B 220 17.48 -35.22 -30.37
N CYS B 221 18.45 -35.12 -31.28
CA CYS B 221 18.17 -34.48 -32.59
C CYS B 221 17.34 -35.46 -33.42
N PRO B 222 16.14 -35.06 -33.89
CA PRO B 222 15.28 -35.95 -34.68
C PRO B 222 15.93 -36.29 -36.03
N ALA B 223 16.73 -35.36 -36.56
CA ALA B 223 17.38 -35.54 -37.88
C ALA B 223 18.67 -36.37 -37.77
N ASP B 224 19.24 -36.50 -36.56
CA ASP B 224 20.49 -37.28 -36.37
C ASP B 224 20.60 -37.73 -34.91
N PRO B 225 20.39 -39.02 -34.61
CA PRO B 225 20.38 -39.51 -33.22
C PRO B 225 21.76 -39.71 -32.58
N ASP B 226 22.84 -39.37 -33.29
CA ASP B 226 24.18 -39.26 -32.68
C ASP B 226 24.25 -37.96 -31.89
N TRP B 227 23.50 -36.93 -32.32
CA TRP B 227 23.61 -35.55 -31.76
C TRP B 227 22.50 -35.29 -30.72
N ILE B 228 22.89 -34.85 -29.52
CA ILE B 228 21.90 -34.39 -28.49
C ILE B 228 22.19 -32.90 -28.19
N ALA B 229 21.18 -32.20 -27.68
CA ALA B 229 21.38 -30.85 -27.11
C ALA B 229 21.02 -30.89 -25.63
N PHE B 230 21.57 -29.96 -24.85
CA PHE B 230 21.15 -29.81 -23.43
C PHE B 230 21.42 -28.38 -22.98
N ILE B 231 20.85 -28.00 -21.84
CA ILE B 231 21.13 -26.68 -21.23
C ILE B 231 22.15 -26.89 -20.11
N HIS B 232 23.23 -26.11 -20.14
CA HIS B 232 24.16 -26.00 -19.00
C HIS B 232 24.33 -24.52 -18.67
N SER B 233 24.13 -24.14 -17.41
CA SER B 233 24.30 -22.73 -16.95
C SER B 233 23.60 -21.76 -17.93
N ASN B 234 22.35 -22.07 -18.30
CA ASN B 234 21.49 -21.16 -19.09
C ASN B 234 22.06 -20.93 -20.51
N ASP B 235 22.91 -21.85 -21.01
CA ASP B 235 23.31 -21.77 -22.44
C ASP B 235 23.05 -23.15 -23.08
N ILE B 236 22.76 -23.15 -24.38
CA ILE B 236 22.48 -24.41 -25.12
C ILE B 236 23.82 -25.06 -25.51
N TRP B 237 23.94 -26.37 -25.25
CA TRP B 237 25.11 -27.16 -25.68
C TRP B 237 24.64 -28.28 -26.61
N ILE B 238 25.51 -28.73 -27.52
CA ILE B 238 25.26 -29.99 -28.26
C ILE B 238 26.42 -30.94 -27.98
N SER B 239 26.13 -32.23 -27.95
CA SER B 239 27.16 -33.28 -27.73
C SER B 239 26.83 -34.44 -28.67
N ASN B 240 27.86 -35.02 -29.31
CA ASN B 240 27.67 -36.22 -30.15
C ASN B 240 27.98 -37.47 -29.31
N ILE B 241 27.05 -38.44 -29.27
CA ILE B 241 27.14 -39.59 -28.32
C ILE B 241 27.99 -40.71 -28.92
N VAL B 242 28.27 -40.65 -30.23
CA VAL B 242 29.21 -41.63 -30.86
C VAL B 242 30.62 -41.01 -30.92
N THR B 243 30.74 -39.74 -31.34
CA THR B 243 32.07 -39.12 -31.56
C THR B 243 32.58 -38.44 -30.27
N ARG B 244 31.80 -38.45 -29.19
CA ARG B 244 32.22 -37.84 -27.90
C ARG B 244 32.52 -36.34 -28.07
N GLU B 245 32.24 -35.75 -29.24
CA GLU B 245 32.45 -34.29 -29.47
C GLU B 245 31.45 -33.51 -28.61
N GLU B 246 31.88 -32.39 -28.03
CA GLU B 246 30.98 -31.50 -27.23
C GLU B 246 31.18 -30.06 -27.72
N ARG B 247 30.14 -29.22 -27.59
CA ARG B 247 30.20 -27.85 -28.17
C ARG B 247 29.14 -26.95 -27.52
N ARG B 248 29.55 -25.75 -27.10
CA ARG B 248 28.63 -24.71 -26.58
C ARG B 248 28.13 -23.88 -27.77
N LEU B 249 26.80 -23.68 -27.88
CA LEU B 249 26.18 -22.97 -29.05
C LEU B 249 25.90 -21.51 -28.72
N THR B 250 25.74 -21.16 -27.44
CA THR B 250 25.34 -19.78 -27.04
C THR B 250 26.24 -19.30 -25.89
N TYR B 251 26.69 -18.05 -25.96
CA TYR B 251 27.62 -17.48 -24.95
C TYR B 251 26.93 -16.29 -24.28
N VAL B 252 25.76 -16.56 -23.70
CA VAL B 252 24.83 -15.50 -23.21
C VAL B 252 24.94 -15.34 -21.69
N HIS B 253 25.25 -16.42 -20.96
CA HIS B 253 25.26 -16.37 -19.47
C HIS B 253 26.65 -16.77 -18.95
N ASN B 254 27.36 -15.82 -18.33
CA ASN B 254 28.55 -16.14 -17.51
C ASN B 254 28.08 -16.74 -16.19
N GLU B 255 28.47 -17.99 -15.91
CA GLU B 255 28.08 -18.69 -14.65
C GLU B 255 28.87 -18.11 -13.47
N LEU B 256 30.11 -17.66 -13.70
CA LEU B 256 30.96 -17.07 -12.63
C LEU B 256 30.37 -15.71 -12.18
N ALA B 257 29.59 -15.05 -13.03
CA ALA B 257 29.00 -13.73 -12.72
C ALA B 257 27.89 -13.88 -11.67
N ASN B 258 27.49 -12.76 -11.05
CA ASN B 258 26.43 -12.76 -10.01
C ASN B 258 25.07 -12.57 -10.67
N MET B 259 24.01 -12.74 -9.89
CA MET B 259 22.59 -12.75 -10.37
C MET B 259 22.25 -11.44 -11.09
N GLU B 260 22.50 -10.29 -10.44
CA GLU B 260 22.06 -8.96 -10.93
C GLU B 260 22.81 -8.58 -12.22
N GLU B 261 24.09 -8.98 -12.32
CA GLU B 261 24.96 -8.56 -13.45
C GLU B 261 24.50 -9.24 -14.75
N ASP B 262 24.24 -10.55 -14.72
CA ASP B 262 23.96 -11.33 -15.95
C ASP B 262 22.45 -11.27 -16.26
N ALA B 263 21.65 -12.12 -15.63
CA ALA B 263 20.18 -12.11 -15.80
C ALA B 263 19.78 -12.39 -17.26
N ARG B 264 20.53 -13.26 -17.96
CA ARG B 264 20.19 -13.63 -19.36
C ARG B 264 20.31 -15.15 -19.54
N SER B 265 19.59 -15.70 -20.51
CA SER B 265 19.48 -17.17 -20.67
C SER B 265 18.99 -17.53 -22.06
N ALA B 266 19.40 -18.71 -22.56
CA ALA B 266 19.03 -19.18 -23.91
C ALA B 266 18.54 -20.63 -23.83
N GLY B 267 17.39 -20.93 -24.44
CA GLY B 267 16.88 -22.32 -24.50
C GLY B 267 16.17 -22.72 -23.22
N VAL B 268 15.97 -21.77 -22.30
CA VAL B 268 15.31 -22.05 -20.99
C VAL B 268 13.99 -21.27 -20.95
N ALA B 269 12.93 -21.89 -20.44
CA ALA B 269 11.66 -21.17 -20.18
C ALA B 269 11.80 -20.41 -18.85
N THR B 270 11.41 -19.14 -18.83
CA THR B 270 11.49 -18.30 -17.60
C THR B 270 10.43 -18.76 -16.58
N PHE B 271 10.51 -18.25 -15.34
CA PHE B 271 9.67 -18.75 -14.22
C PHE B 271 8.19 -18.73 -14.60
N VAL B 272 7.68 -17.61 -15.12
CA VAL B 272 6.21 -17.45 -15.37
C VAL B 272 5.74 -18.55 -16.32
N LEU B 273 6.55 -18.92 -17.31
CA LEU B 273 6.08 -19.85 -18.37
C LEU B 273 6.08 -21.30 -17.86
N GLN B 274 6.89 -21.60 -16.84
CA GLN B 274 6.83 -22.94 -16.20
C GLN B 274 5.68 -22.98 -15.19
N GLU B 275 5.48 -21.89 -14.44
CA GLU B 275 4.44 -21.87 -13.38
C GLU B 275 3.04 -21.73 -13.99
N GLU B 276 2.86 -20.85 -14.98
CA GLU B 276 1.50 -20.41 -15.38
C GLU B 276 1.14 -20.84 -16.80
N PHE B 277 2.11 -21.29 -17.62
CA PHE B 277 1.81 -21.74 -18.99
C PHE B 277 2.28 -23.20 -19.19
N ASP B 278 2.68 -23.86 -18.10
CA ASP B 278 3.24 -25.24 -18.13
C ASP B 278 4.02 -25.46 -19.43
N ARG B 279 4.98 -24.58 -19.72
CA ARG B 279 5.99 -24.79 -20.79
C ARG B 279 7.38 -24.77 -20.17
N TYR B 280 8.13 -25.86 -20.32
CA TYR B 280 9.38 -26.09 -19.53
C TYR B 280 10.61 -25.98 -20.45
N SER B 281 10.46 -26.23 -21.76
CA SER B 281 11.60 -26.14 -22.71
C SER B 281 11.57 -24.78 -23.44
N GLY B 282 12.74 -24.31 -23.87
CA GLY B 282 12.86 -23.06 -24.67
C GLY B 282 13.81 -23.19 -25.85
N TYR B 283 14.11 -24.43 -26.27
CA TYR B 283 14.84 -24.67 -27.55
C TYR B 283 14.20 -25.86 -28.26
N TRP B 284 14.20 -25.86 -29.59
CA TRP B 284 13.52 -26.92 -30.38
C TRP B 284 14.40 -27.33 -31.58
N TRP B 285 14.84 -28.59 -31.58
CA TRP B 285 15.52 -29.18 -32.77
C TRP B 285 14.63 -29.05 -34.01
N CYS B 286 15.21 -28.62 -35.13
CA CYS B 286 14.53 -28.72 -36.44
C CYS B 286 14.45 -30.20 -36.83
N PRO B 287 13.27 -30.73 -37.21
CA PRO B 287 13.11 -32.17 -37.45
C PRO B 287 13.89 -32.69 -38.67
N LYS B 288 14.18 -31.83 -39.66
CA LYS B 288 14.91 -32.26 -40.88
C LYS B 288 16.29 -31.60 -40.95
N ALA B 289 17.25 -32.31 -41.58
CA ALA B 289 18.59 -31.77 -41.83
C ALA B 289 18.72 -31.43 -43.33
N GLU B 290 19.40 -30.32 -43.64
CA GLU B 290 19.58 -29.87 -45.05
C GLU B 290 20.97 -30.29 -45.50
N THR B 291 21.10 -30.81 -46.73
CA THR B 291 22.39 -31.39 -47.21
C THR B 291 23.31 -30.28 -47.72
N THR B 292 24.58 -30.29 -47.30
CA THR B 292 25.64 -29.44 -47.91
C THR B 292 26.13 -30.11 -49.20
N PRO B 293 26.68 -29.35 -50.18
CA PRO B 293 27.08 -29.92 -51.46
C PRO B 293 27.98 -31.15 -51.35
N SER B 294 28.90 -31.17 -50.37
CA SER B 294 29.93 -32.24 -50.25
C SER B 294 29.47 -33.33 -49.26
N GLY B 295 28.19 -33.71 -49.29
CA GLY B 295 27.68 -34.88 -48.55
C GLY B 295 27.76 -34.69 -47.03
N GLY B 296 27.68 -33.45 -46.54
CA GLY B 296 27.48 -33.18 -45.11
C GLY B 296 26.02 -32.84 -44.85
N LYS B 297 25.75 -32.07 -43.78
CA LYS B 297 24.37 -31.59 -43.52
C LYS B 297 24.40 -30.37 -42.60
N ILE B 298 23.27 -29.64 -42.57
CA ILE B 298 23.06 -28.54 -41.58
C ILE B 298 21.97 -28.97 -40.62
N LEU B 299 22.23 -28.85 -39.31
CA LEU B 299 21.18 -29.02 -38.27
C LEU B 299 20.76 -27.63 -37.79
N ARG B 300 19.51 -27.49 -37.35
CA ARG B 300 18.99 -26.19 -36.87
C ARG B 300 18.41 -26.36 -35.46
N ILE B 301 18.72 -25.44 -34.56
CA ILE B 301 18.01 -25.34 -33.25
C ILE B 301 17.38 -23.96 -33.15
N LEU B 302 16.04 -23.90 -33.16
CA LEU B 302 15.32 -22.67 -32.75
C LEU B 302 15.39 -22.56 -31.23
N TYR B 303 15.68 -21.36 -30.70
CA TYR B 303 15.67 -21.17 -29.23
C TYR B 303 15.14 -19.78 -28.89
N GLU B 304 14.51 -19.66 -27.72
CA GLU B 304 14.11 -18.32 -27.20
C GLU B 304 15.27 -17.81 -26.34
N GLU B 305 15.59 -16.52 -26.49
CA GLU B 305 16.62 -15.86 -25.64
C GLU B 305 15.89 -14.89 -24.70
N ASN B 306 16.25 -14.91 -23.41
CA ASN B 306 15.54 -14.12 -22.37
C ASN B 306 16.51 -13.13 -21.74
N ASP B 307 16.03 -11.91 -21.49
CA ASP B 307 16.79 -10.89 -20.71
C ASP B 307 15.89 -10.41 -19.56
N GLU B 308 16.21 -10.84 -18.34
CA GLU B 308 15.37 -10.53 -17.16
C GLU B 308 15.98 -9.38 -16.35
N SER B 309 16.64 -8.43 -17.02
CA SER B 309 17.38 -7.34 -16.33
C SER B 309 16.40 -6.38 -15.65
N GLU B 310 15.20 -6.22 -16.23
CA GLU B 310 14.18 -5.28 -15.72
C GLU B 310 13.24 -6.00 -14.75
N VAL B 311 13.32 -7.33 -14.68
CA VAL B 311 12.34 -8.12 -13.87
C VAL B 311 12.71 -7.94 -12.39
N GLU B 312 11.71 -7.71 -11.54
CA GLU B 312 11.96 -7.47 -10.09
C GLU B 312 12.69 -8.66 -9.48
N ILE B 313 13.54 -8.41 -8.48
CA ILE B 313 14.31 -9.49 -7.79
C ILE B 313 13.72 -9.74 -6.39
N ILE B 314 13.32 -10.98 -6.15
CA ILE B 314 12.80 -11.45 -4.83
C ILE B 314 13.94 -12.20 -4.13
N HIS B 315 13.98 -12.17 -2.80
CA HIS B 315 14.84 -13.09 -2.01
C HIS B 315 13.93 -14.08 -1.28
N VAL B 316 14.27 -15.38 -1.33
CA VAL B 316 13.48 -16.41 -0.59
C VAL B 316 14.45 -17.32 0.17
N THR B 317 14.11 -17.72 1.40
CA THR B 317 15.06 -18.39 2.31
C THR B 317 15.70 -19.61 1.64
N SER B 318 17.02 -19.76 1.76
CA SER B 318 17.74 -20.98 1.29
C SER B 318 17.33 -22.16 2.18
N PRO B 319 16.99 -23.33 1.59
CA PRO B 319 16.57 -24.49 2.38
C PRO B 319 17.51 -24.89 3.52
N MET B 320 18.83 -24.77 3.31
CA MET B 320 19.82 -25.06 4.38
C MET B 320 19.75 -23.93 5.42
N LEU B 321 18.85 -24.05 6.41
CA LEU B 321 18.53 -22.96 7.36
C LEU B 321 19.78 -22.56 8.16
N GLU B 322 20.73 -23.49 8.30
CA GLU B 322 21.97 -23.26 9.08
C GLU B 322 22.72 -22.04 8.53
N THR B 323 22.69 -21.85 7.20
CA THR B 323 23.39 -20.73 6.53
C THR B 323 22.78 -19.37 6.92
N ARG B 324 21.46 -19.33 7.14
CA ARG B 324 20.72 -18.07 7.41
C ARG B 324 20.94 -17.08 6.25
N ARG B 325 20.90 -17.60 5.01
CA ARG B 325 21.01 -16.76 3.79
C ARG B 325 19.72 -16.93 2.99
N ALA B 326 19.57 -16.12 1.94
CA ALA B 326 18.41 -16.19 1.03
C ALA B 326 18.91 -16.40 -0.40
N ASP B 327 18.04 -16.86 -1.29
CA ASP B 327 18.38 -17.07 -2.72
C ASP B 327 17.73 -15.95 -3.54
N SER B 328 18.50 -15.26 -4.39
CA SER B 328 17.93 -14.29 -5.34
C SER B 328 17.06 -15.02 -6.36
N PHE B 329 16.04 -14.34 -6.90
CA PHE B 329 14.97 -14.99 -7.68
C PHE B 329 14.28 -13.91 -8.54
N ARG B 330 14.15 -14.15 -9.85
CA ARG B 330 13.41 -13.21 -10.73
C ARG B 330 11.92 -13.52 -10.65
N TYR B 331 11.12 -12.56 -10.15
CA TYR B 331 9.65 -12.76 -10.00
C TYR B 331 8.92 -11.57 -10.64
N PRO B 332 8.30 -11.74 -11.82
CA PRO B 332 7.44 -10.71 -12.41
C PRO B 332 6.18 -10.50 -11.56
N LYS B 333 6.29 -9.63 -10.54
CA LYS B 333 5.12 -9.24 -9.73
C LYS B 333 4.06 -8.63 -10.66
N THR B 334 2.78 -8.81 -10.34
CA THR B 334 1.66 -8.21 -11.12
C THR B 334 1.93 -6.72 -11.34
N GLY B 335 1.88 -6.28 -12.61
CA GLY B 335 2.08 -4.86 -12.95
C GLY B 335 3.49 -4.57 -13.43
N THR B 336 4.48 -5.36 -13.00
CA THR B 336 5.91 -5.10 -13.32
C THR B 336 6.24 -5.65 -14.72
N ALA B 337 7.48 -5.45 -15.17
CA ALA B 337 7.93 -5.92 -16.49
C ALA B 337 8.12 -7.44 -16.47
N ASN B 338 7.56 -8.12 -17.48
CA ASN B 338 7.94 -9.53 -17.81
C ASN B 338 9.32 -9.53 -18.45
N PRO B 339 9.98 -10.70 -18.59
CA PRO B 339 11.27 -10.75 -19.26
C PRO B 339 11.16 -10.32 -20.73
N LYS B 340 12.25 -9.77 -21.28
CA LYS B 340 12.33 -9.39 -22.72
C LYS B 340 12.70 -10.64 -23.51
N VAL B 341 11.93 -10.96 -24.56
CA VAL B 341 12.09 -12.26 -25.28
C VAL B 341 12.28 -12.00 -26.78
N THR B 342 13.04 -12.88 -27.44
CA THR B 342 13.15 -12.90 -28.92
C THR B 342 13.48 -14.32 -29.35
N PHE B 343 13.23 -14.66 -30.61
CA PHE B 343 13.71 -15.96 -31.16
C PHE B 343 15.13 -15.81 -31.69
N LYS B 344 15.89 -16.90 -31.64
CA LYS B 344 17.22 -17.00 -32.28
C LYS B 344 17.31 -18.38 -32.94
N MET B 345 18.35 -18.60 -33.74
CA MET B 345 18.57 -19.93 -34.36
C MET B 345 20.06 -20.20 -34.51
N SER B 346 20.53 -21.34 -33.98
CA SER B 346 21.88 -21.85 -34.32
C SER B 346 21.77 -22.68 -35.60
N GLU B 347 22.57 -22.35 -36.60
CA GLU B 347 22.85 -23.27 -37.75
C GLU B 347 24.12 -24.06 -37.42
N ILE B 348 24.03 -25.39 -37.41
CA ILE B 348 25.22 -26.25 -37.13
C ILE B 348 25.58 -26.98 -38.42
N MET B 349 26.74 -26.64 -39.02
CA MET B 349 27.25 -27.36 -40.22
C MET B 349 28.03 -28.60 -39.76
N ILE B 350 27.61 -29.78 -40.23
CA ILE B 350 28.35 -31.06 -39.98
C ILE B 350 29.01 -31.47 -41.30
N ASP B 351 30.23 -32.00 -41.25
CA ASP B 351 30.89 -32.60 -42.45
C ASP B 351 30.37 -34.04 -42.62
N ALA B 352 30.78 -34.72 -43.69
CA ALA B 352 30.25 -36.05 -44.03
C ALA B 352 30.54 -37.07 -42.91
N GLU B 353 31.59 -36.85 -42.11
CA GLU B 353 32.07 -37.87 -41.14
C GLU B 353 31.36 -37.71 -39.79
N GLY B 354 30.79 -36.53 -39.50
CA GLY B 354 30.00 -36.31 -38.28
C GLY B 354 30.68 -35.40 -37.28
N ARG B 355 31.67 -34.62 -37.71
CA ARG B 355 32.35 -33.62 -36.85
C ARG B 355 31.87 -32.23 -37.25
N ILE B 356 31.94 -31.26 -36.32
CA ILE B 356 31.34 -29.91 -36.58
C ILE B 356 32.28 -29.09 -37.46
N ILE B 357 31.81 -28.71 -38.65
CA ILE B 357 32.53 -27.72 -39.52
C ILE B 357 32.48 -26.35 -38.84
N ASP B 358 31.30 -25.90 -38.41
CA ASP B 358 31.06 -24.48 -38.08
C ASP B 358 29.69 -24.32 -37.42
N VAL B 359 29.54 -23.29 -36.58
CA VAL B 359 28.24 -22.98 -35.89
C VAL B 359 27.90 -21.51 -36.13
N ILE B 360 27.00 -21.23 -37.08
CA ILE B 360 26.49 -19.84 -37.27
C ILE B 360 25.40 -19.59 -36.23
N ASP B 361 25.41 -18.42 -35.58
CA ASP B 361 24.33 -18.02 -34.64
C ASP B 361 23.51 -16.91 -35.29
N LYS B 362 22.19 -17.08 -35.41
CA LYS B 362 21.37 -16.17 -36.25
C LYS B 362 20.28 -15.49 -35.40
N GLU B 363 20.00 -14.21 -35.72
CA GLU B 363 18.99 -13.38 -35.02
C GLU B 363 17.90 -13.00 -36.02
N LEU B 364 16.74 -12.54 -35.54
CA LEU B 364 15.63 -12.13 -36.46
C LEU B 364 16.05 -10.88 -37.24
N ILE B 365 15.62 -10.78 -38.51
CA ILE B 365 16.04 -9.67 -39.41
C ILE B 365 15.69 -8.31 -38.79
N GLN B 366 14.49 -8.21 -38.21
CA GLN B 366 14.09 -6.99 -37.45
C GLN B 366 13.88 -7.40 -35.99
N PRO B 367 13.72 -6.44 -35.04
CA PRO B 367 13.47 -6.79 -33.65
C PRO B 367 12.19 -7.62 -33.47
N PHE B 368 12.07 -8.29 -32.32
CA PHE B 368 10.87 -9.10 -32.00
C PHE B 368 9.65 -8.19 -31.87
N GLU B 369 9.80 -7.08 -31.14
CA GLU B 369 8.68 -6.12 -30.88
C GLU B 369 8.09 -5.63 -32.20
N ILE B 370 8.92 -5.46 -33.23
CA ILE B 370 8.48 -4.90 -34.55
C ILE B 370 7.71 -5.97 -35.32
N LEU B 371 8.28 -7.19 -35.42
CA LEU B 371 7.65 -8.28 -36.22
C LEU B 371 6.36 -8.76 -35.54
N PHE B 372 6.38 -8.90 -34.22
CA PHE B 372 5.22 -9.45 -33.46
C PHE B 372 4.67 -8.37 -32.53
N GLU B 373 4.19 -7.27 -33.12
CA GLU B 373 3.66 -6.11 -32.35
C GLU B 373 2.61 -6.62 -31.35
N GLY B 374 2.80 -6.31 -30.07
CA GLY B 374 1.79 -6.61 -29.03
C GLY B 374 2.07 -7.90 -28.27
N VAL B 375 2.85 -8.81 -28.86
CA VAL B 375 3.14 -10.13 -28.23
C VAL B 375 3.97 -9.92 -26.96
N GLU B 376 3.56 -10.57 -25.86
CA GLU B 376 4.29 -10.53 -24.57
C GLU B 376 4.82 -11.92 -24.24
N TYR B 377 3.92 -12.92 -24.23
CA TYR B 377 4.31 -14.30 -23.86
C TYR B 377 4.48 -15.13 -25.14
N ILE B 378 5.62 -15.84 -25.26
CA ILE B 378 5.77 -16.93 -26.28
C ILE B 378 5.21 -18.21 -25.65
N ALA B 379 3.89 -18.42 -25.77
CA ALA B 379 3.20 -19.52 -25.06
C ALA B 379 3.74 -20.88 -25.52
N ARG B 380 3.83 -21.10 -26.83
CA ARG B 380 4.23 -22.43 -27.39
C ARG B 380 5.08 -22.21 -28.65
N ALA B 381 5.88 -23.20 -29.02
CA ALA B 381 6.71 -23.11 -30.24
C ALA B 381 7.20 -24.49 -30.67
N GLY B 382 7.51 -24.64 -31.95
CA GLY B 382 8.08 -25.88 -32.48
C GLY B 382 8.45 -25.73 -33.96
N TRP B 383 8.27 -26.81 -34.72
CA TRP B 383 8.52 -26.79 -36.18
C TRP B 383 7.35 -27.47 -36.90
N THR B 384 7.02 -27.03 -38.11
CA THR B 384 6.15 -27.83 -39.01
C THR B 384 6.90 -29.13 -39.30
N PRO B 385 6.21 -30.29 -39.53
CA PRO B 385 6.88 -31.58 -39.54
C PRO B 385 7.75 -31.75 -40.80
N GLU B 386 7.42 -31.00 -41.85
CA GLU B 386 8.28 -30.85 -43.06
C GLU B 386 9.66 -30.34 -42.64
N GLY B 387 9.72 -29.49 -41.61
CA GLY B 387 10.96 -28.75 -41.24
C GLY B 387 11.00 -27.40 -41.93
N LYS B 388 9.95 -27.05 -42.68
CA LYS B 388 9.97 -25.89 -43.60
C LYS B 388 9.85 -24.60 -42.79
N TYR B 389 8.85 -24.50 -41.91
CA TYR B 389 8.62 -23.31 -41.07
C TYR B 389 8.76 -23.65 -39.58
N ALA B 390 9.22 -22.68 -38.79
CA ALA B 390 9.12 -22.77 -37.31
C ALA B 390 7.85 -22.07 -36.88
N TRP B 391 6.98 -22.76 -36.14
CA TRP B 391 5.67 -22.18 -35.72
C TRP B 391 5.76 -21.68 -34.28
N SER B 392 4.82 -20.83 -33.87
CA SER B 392 4.79 -20.30 -32.49
C SER B 392 3.39 -19.73 -32.17
N ILE B 393 2.88 -20.02 -30.97
CA ILE B 393 1.59 -19.43 -30.47
C ILE B 393 1.94 -18.28 -29.52
N LEU B 394 1.44 -17.06 -29.79
CA LEU B 394 1.91 -15.85 -29.08
C LEU B 394 0.72 -15.12 -28.44
N LEU B 395 0.83 -14.78 -27.15
CA LEU B 395 -0.22 -14.01 -26.42
C LEU B 395 0.21 -12.56 -26.25
N ASP B 396 -0.76 -11.63 -26.28
CA ASP B 396 -0.54 -10.25 -25.78
C ASP B 396 -0.57 -10.30 -24.25
N ARG B 397 -0.16 -9.22 -23.58
CA ARG B 397 -0.02 -9.20 -22.09
C ARG B 397 -1.37 -9.44 -21.41
N SER B 398 -2.46 -8.96 -22.03
CA SER B 398 -3.83 -9.06 -21.44
C SER B 398 -4.36 -10.49 -21.54
N GLN B 399 -3.72 -11.33 -22.37
CA GLN B 399 -4.12 -12.75 -22.56
C GLN B 399 -5.55 -12.79 -23.10
N THR B 400 -5.83 -11.89 -24.05
CA THR B 400 -7.13 -11.87 -24.79
C THR B 400 -6.87 -12.06 -26.29
N ARG B 401 -5.66 -11.79 -26.79
CA ARG B 401 -5.32 -11.98 -28.22
C ARG B 401 -4.29 -13.11 -28.36
N LEU B 402 -4.68 -14.22 -28.98
CA LEU B 402 -3.73 -15.32 -29.31
C LEU B 402 -3.45 -15.31 -30.82
N GLN B 403 -2.22 -15.64 -31.21
CA GLN B 403 -1.86 -15.76 -32.64
C GLN B 403 -1.03 -17.03 -32.84
N ILE B 404 -1.32 -17.79 -33.89
CA ILE B 404 -0.40 -18.83 -34.42
C ILE B 404 0.41 -18.19 -35.55
N VAL B 405 1.74 -18.35 -35.54
CA VAL B 405 2.62 -17.62 -36.50
C VAL B 405 3.65 -18.60 -37.07
N LEU B 406 3.77 -18.65 -38.41
CA LEU B 406 4.87 -19.41 -39.07
C LEU B 406 6.06 -18.48 -39.27
N ILE B 407 7.28 -19.01 -39.09
CA ILE B 407 8.54 -18.20 -39.19
C ILE B 407 9.52 -18.98 -40.06
N SER B 408 9.77 -18.48 -41.28
CA SER B 408 10.80 -19.07 -42.18
C SER B 408 12.18 -18.89 -41.55
N PRO B 409 13.07 -19.91 -41.59
CA PRO B 409 14.49 -19.70 -41.26
C PRO B 409 15.15 -18.54 -42.03
N GLU B 410 14.62 -18.21 -43.22
CA GLU B 410 15.13 -17.07 -44.05
C GLU B 410 14.90 -15.73 -43.33
N LEU B 411 14.10 -15.69 -42.25
CA LEU B 411 13.94 -14.45 -41.43
C LEU B 411 15.16 -14.24 -40.52
N PHE B 412 15.94 -15.31 -40.29
CA PHE B 412 17.11 -15.22 -39.39
C PHE B 412 18.37 -14.90 -40.21
N ILE B 413 19.04 -13.79 -39.86
CA ILE B 413 20.36 -13.42 -40.46
C ILE B 413 21.43 -13.73 -39.44
N PRO B 414 22.72 -13.94 -39.82
CA PRO B 414 23.79 -14.15 -38.85
C PRO B 414 24.01 -12.89 -38.00
N VAL B 415 24.32 -13.08 -36.71
CA VAL B 415 24.62 -11.93 -35.80
C VAL B 415 25.97 -11.35 -36.22
N GLU B 416 26.01 -10.04 -36.50
CA GLU B 416 27.28 -9.36 -36.90
C GLU B 416 27.44 -8.07 -36.08
N ASP B 417 28.68 -7.73 -35.72
CA ASP B 417 28.98 -6.47 -34.98
C ASP B 417 29.04 -5.31 -35.97
N ASP B 418 29.71 -5.52 -37.11
CA ASP B 418 29.88 -4.47 -38.16
C ASP B 418 28.50 -3.97 -38.60
N VAL B 419 28.26 -2.65 -38.46
CA VAL B 419 26.98 -2.02 -38.87
C VAL B 419 26.80 -2.14 -40.39
N MET B 420 27.90 -2.05 -41.15
CA MET B 420 27.86 -2.06 -42.65
C MET B 420 27.73 -3.49 -43.17
N GLU B 421 28.10 -4.49 -42.37
CA GLU B 421 27.97 -5.91 -42.80
C GLU B 421 26.52 -6.37 -42.58
N ARG B 422 25.89 -5.96 -41.48
CA ARG B 422 24.47 -6.31 -41.20
C ARG B 422 23.58 -5.70 -42.29
N GLN B 423 23.70 -4.39 -42.52
CA GLN B 423 22.93 -3.69 -43.58
C GLN B 423 23.17 -4.38 -44.93
N ARG B 424 24.30 -5.05 -45.11
CA ARG B 424 24.57 -5.89 -46.31
C ARG B 424 23.71 -7.17 -46.26
N LEU B 425 23.74 -7.89 -45.14
CA LEU B 425 22.96 -9.16 -44.98
C LEU B 425 21.46 -8.86 -45.04
N ILE B 426 21.03 -7.77 -44.37
CA ILE B 426 19.60 -7.34 -44.39
C ILE B 426 19.16 -7.17 -45.86
N GLU B 427 19.95 -6.45 -46.66
CA GLU B 427 19.62 -6.20 -48.10
C GLU B 427 19.46 -7.55 -48.82
N SER B 428 20.31 -8.53 -48.51
CA SER B 428 20.26 -9.85 -49.21
C SER B 428 18.87 -10.50 -49.04
N VAL B 429 18.34 -10.53 -47.81
CA VAL B 429 16.99 -11.12 -47.53
C VAL B 429 15.94 -10.44 -48.40
N PRO B 430 15.00 -11.18 -49.04
CA PRO B 430 14.00 -10.57 -49.91
C PRO B 430 12.84 -9.98 -49.10
N ASP B 431 12.02 -9.12 -49.73
CA ASP B 431 10.85 -8.53 -49.05
C ASP B 431 9.70 -9.53 -49.00
N SER B 432 9.73 -10.55 -49.89
CA SER B 432 8.71 -11.63 -49.89
C SER B 432 8.71 -12.39 -48.56
N VAL B 433 9.89 -12.59 -47.97
CA VAL B 433 10.06 -13.35 -46.70
C VAL B 433 9.63 -12.48 -45.52
N THR B 434 8.70 -13.00 -44.71
CA THR B 434 7.91 -12.20 -43.74
C THR B 434 7.20 -13.18 -42.80
N PRO B 435 6.94 -12.82 -41.52
CA PRO B 435 6.14 -13.67 -40.65
C PRO B 435 4.72 -13.86 -41.22
N LEU B 436 4.17 -15.07 -41.06
CA LEU B 436 2.81 -15.40 -41.57
C LEU B 436 1.90 -15.73 -40.39
N ILE B 437 0.98 -14.81 -40.05
CA ILE B 437 -0.01 -15.06 -38.95
C ILE B 437 -1.15 -15.91 -39.52
N ILE B 438 -1.04 -17.24 -39.40
CA ILE B 438 -2.04 -18.17 -40.02
C ILE B 438 -3.32 -18.22 -39.18
N TYR B 439 -3.32 -17.66 -37.97
CA TYR B 439 -4.53 -17.69 -37.11
C TYR B 439 -4.46 -16.58 -36.08
N GLU B 440 -5.63 -16.06 -35.68
CA GLU B 440 -5.73 -15.03 -34.61
C GLU B 440 -7.12 -15.14 -33.99
N GLU B 441 -7.20 -15.12 -32.65
CA GLU B 441 -8.52 -15.14 -31.96
C GLU B 441 -8.48 -14.11 -30.83
N THR B 442 -9.66 -13.65 -30.41
CA THR B 442 -9.78 -12.68 -29.28
C THR B 442 -10.93 -13.12 -28.38
N THR B 443 -10.92 -12.71 -27.10
CA THR B 443 -12.03 -13.03 -26.17
C THR B 443 -12.18 -11.91 -25.13
N ASP B 444 -13.42 -11.63 -24.75
CA ASP B 444 -13.72 -10.62 -23.69
C ASP B 444 -13.33 -11.22 -22.33
N ILE B 445 -13.15 -12.54 -22.27
CA ILE B 445 -12.76 -13.23 -21.00
C ILE B 445 -11.25 -13.42 -21.01
N TRP B 446 -10.73 -14.62 -21.23
CA TRP B 446 -9.25 -14.83 -21.34
C TRP B 446 -8.98 -16.02 -22.26
N ILE B 447 -7.75 -16.12 -22.77
CA ILE B 447 -7.33 -17.27 -23.63
C ILE B 447 -6.68 -18.32 -22.74
N ASN B 448 -7.27 -19.51 -22.67
CA ASN B 448 -6.64 -20.68 -21.99
C ASN B 448 -5.69 -21.34 -22.99
N ILE B 449 -4.39 -21.35 -22.69
CA ILE B 449 -3.38 -22.03 -23.54
C ILE B 449 -3.58 -23.55 -23.41
N HIS B 450 -3.47 -24.27 -24.52
CA HIS B 450 -3.56 -25.76 -24.50
C HIS B 450 -2.42 -26.32 -25.37
N ASP B 451 -2.29 -27.65 -25.41
CA ASP B 451 -1.17 -28.31 -26.13
C ASP B 451 -1.67 -28.86 -27.48
N ILE B 452 -2.87 -28.47 -27.93
CA ILE B 452 -3.46 -29.06 -29.17
C ILE B 452 -3.11 -28.16 -30.35
N PHE B 453 -2.36 -28.70 -31.31
CA PHE B 453 -2.02 -27.99 -32.57
C PHE B 453 -1.36 -28.98 -33.53
N HIS B 454 -2.06 -29.39 -34.59
CA HIS B 454 -1.54 -30.43 -35.52
C HIS B 454 -1.40 -29.84 -36.94
N VAL B 455 -0.18 -29.82 -37.47
CA VAL B 455 0.07 -29.29 -38.85
C VAL B 455 0.14 -30.47 -39.82
N PHE B 456 -0.59 -30.38 -40.94
CA PHE B 456 -0.61 -31.46 -41.95
C PHE B 456 0.53 -31.28 -42.96
N PRO B 457 0.92 -32.36 -43.66
CA PRO B 457 1.76 -32.25 -44.85
C PRO B 457 1.22 -31.22 -45.84
N GLN B 458 2.10 -30.42 -46.45
CA GLN B 458 1.71 -29.31 -47.36
C GLN B 458 1.46 -29.87 -48.77
N SER B 459 0.27 -29.63 -49.34
CA SER B 459 -0.01 -30.06 -50.74
C SER B 459 0.42 -28.95 -51.71
N HIS B 460 -0.18 -27.76 -51.60
CA HIS B 460 0.28 -26.56 -52.35
C HIS B 460 1.26 -25.75 -51.49
N GLU B 461 2.20 -25.05 -52.13
CA GLU B 461 3.18 -24.19 -51.38
C GLU B 461 2.47 -23.05 -50.66
N GLU B 462 1.28 -22.65 -51.13
CA GLU B 462 0.67 -21.36 -50.72
C GLU B 462 -0.54 -21.59 -49.79
N GLU B 463 -0.71 -22.83 -49.29
CA GLU B 463 -1.68 -23.11 -48.20
C GLU B 463 -0.98 -23.91 -47.09
N ILE B 464 -1.39 -23.69 -45.83
CA ILE B 464 -1.09 -24.64 -44.72
C ILE B 464 -2.42 -25.09 -44.12
N GLU B 465 -2.57 -26.40 -43.88
CA GLU B 465 -3.75 -26.95 -43.18
C GLU B 465 -3.34 -27.34 -41.75
N PHE B 466 -4.25 -27.20 -40.79
CA PHE B 466 -3.93 -27.57 -39.39
C PHE B 466 -5.23 -27.73 -38.58
N ILE B 467 -5.15 -28.51 -37.49
CA ILE B 467 -6.26 -28.62 -36.50
C ILE B 467 -5.85 -27.82 -35.28
N PHE B 468 -6.73 -26.98 -34.76
CA PHE B 468 -6.49 -26.21 -33.50
C PHE B 468 -7.76 -26.27 -32.67
N ALA B 469 -7.69 -25.84 -31.40
CA ALA B 469 -8.88 -25.87 -30.51
C ALA B 469 -9.15 -24.45 -30.00
N SER B 470 -10.42 -24.08 -29.80
CA SER B 470 -10.74 -22.72 -29.30
C SER B 470 -12.05 -22.68 -28.50
N GLU B 471 -12.03 -21.93 -27.39
CA GLU B 471 -13.25 -21.57 -26.61
C GLU B 471 -13.84 -20.26 -27.15
N CYS B 472 -13.23 -19.65 -28.19
CA CYS B 472 -13.55 -18.26 -28.58
C CYS B 472 -14.83 -18.17 -29.44
N LYS B 473 -15.14 -19.19 -30.25
CA LYS B 473 -16.36 -19.15 -31.09
C LYS B 473 -17.59 -19.50 -30.23
N THR B 474 -17.55 -20.66 -29.56
CA THR B 474 -18.76 -21.29 -28.97
C THR B 474 -18.92 -20.94 -27.48
N GLY B 475 -17.84 -20.53 -26.81
CA GLY B 475 -17.81 -20.46 -25.32
C GLY B 475 -17.33 -21.78 -24.72
N PHE B 476 -16.99 -22.74 -25.59
CA PHE B 476 -16.54 -24.10 -25.19
C PHE B 476 -15.39 -24.52 -26.11
N ARG B 477 -14.40 -25.23 -25.59
CA ARG B 477 -13.20 -25.60 -26.39
C ARG B 477 -13.59 -26.69 -27.40
N HIS B 478 -13.40 -26.42 -28.70
CA HIS B 478 -13.72 -27.42 -29.75
C HIS B 478 -12.59 -27.47 -30.77
N LEU B 479 -12.45 -28.60 -31.47
CA LEU B 479 -11.43 -28.75 -32.53
C LEU B 479 -11.95 -28.06 -33.80
N TYR B 480 -11.05 -27.46 -34.59
CA TYR B 480 -11.42 -26.80 -35.86
C TYR B 480 -10.33 -27.09 -36.91
N LYS B 481 -10.71 -27.65 -38.05
CA LYS B 481 -9.76 -27.79 -39.19
C LYS B 481 -9.69 -26.45 -39.92
N ILE B 482 -8.49 -25.93 -40.13
CA ILE B 482 -8.31 -24.57 -40.72
C ILE B 482 -7.35 -24.66 -41.89
N THR B 483 -7.69 -24.02 -43.02
CA THR B 483 -6.74 -23.83 -44.14
C THR B 483 -6.42 -22.32 -44.23
N SER B 484 -5.13 -21.99 -44.26
CA SER B 484 -4.68 -20.57 -44.32
C SER B 484 -3.93 -20.33 -45.63
N ILE B 485 -4.19 -19.19 -46.27
CA ILE B 485 -3.52 -18.82 -47.56
C ILE B 485 -2.22 -18.10 -47.22
N LEU B 486 -1.08 -18.60 -47.71
CA LEU B 486 0.24 -18.00 -47.40
C LEU B 486 0.56 -16.91 -48.41
N LYS B 487 -0.18 -15.80 -48.32
CA LYS B 487 -0.06 -14.63 -49.24
C LYS B 487 1.26 -13.90 -48.96
N GLU B 488 1.82 -13.23 -49.98
CA GLU B 488 3.02 -12.38 -49.80
C GLU B 488 2.59 -11.05 -49.17
N SER B 489 3.43 -10.45 -48.32
CA SER B 489 2.97 -9.32 -47.47
C SER B 489 2.86 -8.02 -48.27
N LYS B 490 1.87 -7.19 -47.91
CA LYS B 490 1.76 -5.79 -48.42
C LYS B 490 3.06 -5.05 -48.10
N TYR B 491 3.57 -5.28 -46.89
CA TYR B 491 4.72 -4.54 -46.31
C TYR B 491 6.04 -5.00 -46.95
N LYS B 492 6.89 -4.03 -47.32
CA LYS B 492 8.30 -4.29 -47.71
C LYS B 492 9.23 -3.55 -46.72
N ARG B 493 10.35 -4.17 -46.35
CA ARG B 493 11.37 -3.51 -45.48
C ARG B 493 12.05 -2.37 -46.25
N SER B 494 12.15 -2.51 -47.59
CA SER B 494 12.69 -1.46 -48.49
C SER B 494 12.22 -0.06 -48.06
N SER B 495 10.90 0.08 -47.83
CA SER B 495 10.29 1.38 -47.44
C SER B 495 10.92 1.93 -46.15
N GLY B 496 11.34 1.03 -45.24
CA GLY B 496 12.00 1.44 -43.98
C GLY B 496 10.99 1.96 -42.97
N GLY B 497 9.82 1.32 -42.90
CA GLY B 497 8.74 1.71 -41.94
C GLY B 497 8.37 0.55 -41.04
N LEU B 498 7.59 0.82 -39.99
CA LEU B 498 7.16 -0.24 -39.03
C LEU B 498 5.81 -0.80 -39.50
N PRO B 499 5.70 -2.12 -39.78
CA PRO B 499 4.54 -2.68 -40.47
C PRO B 499 3.18 -2.46 -39.76
N ALA B 500 2.10 -2.43 -40.55
CA ALA B 500 0.73 -2.15 -40.06
C ALA B 500 0.26 -3.29 -39.15
N PRO B 501 -0.94 -3.17 -38.51
CA PRO B 501 -1.44 -4.20 -37.59
C PRO B 501 -1.76 -5.52 -38.31
N SER B 502 -2.39 -5.44 -39.49
CA SER B 502 -2.88 -6.64 -40.23
C SER B 502 -1.97 -6.92 -41.43
N ASP B 503 -0.72 -6.45 -41.41
CA ASP B 503 0.17 -6.54 -42.60
C ASP B 503 0.70 -7.97 -42.79
N PHE B 504 0.71 -8.78 -41.71
CA PHE B 504 1.26 -10.16 -41.79
C PHE B 504 0.15 -11.21 -41.72
N LYS B 505 -1.12 -10.80 -41.55
CA LYS B 505 -2.22 -11.75 -41.31
C LYS B 505 -2.57 -12.48 -42.62
N CYS B 506 -2.87 -13.79 -42.51
CA CYS B 506 -3.22 -14.64 -43.69
C CYS B 506 -4.73 -14.74 -43.82
N PRO B 507 -5.28 -14.75 -45.05
CA PRO B 507 -6.70 -15.05 -45.25
C PRO B 507 -7.06 -16.49 -44.84
N ILE B 508 -8.26 -16.68 -44.29
CA ILE B 508 -8.72 -18.04 -43.83
C ILE B 508 -9.54 -18.67 -44.96
N LYS B 509 -8.96 -19.62 -45.71
CA LYS B 509 -9.67 -20.28 -46.84
C LYS B 509 -10.90 -21.03 -46.31
N GLU B 510 -10.72 -21.88 -45.30
CA GLU B 510 -11.87 -22.60 -44.68
C GLU B 510 -11.66 -22.70 -43.17
N GLU B 511 -12.75 -22.73 -42.40
CA GLU B 511 -12.71 -22.93 -40.94
C GLU B 511 -13.79 -23.94 -40.57
N ILE B 512 -13.50 -25.23 -40.79
CA ILE B 512 -14.48 -26.33 -40.52
C ILE B 512 -14.42 -26.67 -39.03
N ALA B 513 -15.58 -26.66 -38.34
CA ALA B 513 -15.63 -27.07 -36.91
C ALA B 513 -15.78 -28.59 -36.83
N ILE B 514 -14.78 -29.28 -36.26
CA ILE B 514 -14.79 -30.76 -36.14
C ILE B 514 -15.75 -31.18 -35.01
N THR B 515 -15.86 -30.35 -33.96
CA THR B 515 -16.76 -30.66 -32.81
C THR B 515 -17.56 -29.42 -32.44
N SER B 516 -18.66 -29.62 -31.70
CA SER B 516 -19.45 -28.50 -31.10
C SER B 516 -20.44 -29.07 -30.09
N GLY B 517 -20.98 -28.21 -29.20
CA GLY B 517 -21.91 -28.66 -28.14
C GLY B 517 -21.69 -27.88 -26.85
N GLU B 518 -22.53 -28.13 -25.84
CA GLU B 518 -22.35 -27.53 -24.50
C GLU B 518 -21.44 -28.45 -23.68
N TRP B 519 -20.25 -28.70 -24.22
CA TRP B 519 -19.20 -29.54 -23.57
C TRP B 519 -17.86 -29.15 -24.20
N GLU B 520 -16.74 -29.55 -23.59
CA GLU B 520 -15.42 -29.08 -24.10
C GLU B 520 -14.49 -30.27 -24.39
N VAL B 521 -13.61 -30.07 -25.38
CA VAL B 521 -12.41 -30.92 -25.62
C VAL B 521 -11.34 -30.56 -24.57
N LEU B 522 -10.60 -31.56 -24.08
CA LEU B 522 -9.51 -31.32 -23.10
C LEU B 522 -8.17 -31.26 -23.84
N GLY B 523 -7.30 -30.31 -23.45
CA GLY B 523 -5.96 -30.18 -24.07
C GLY B 523 -4.89 -29.74 -23.06
N ARG B 524 -5.07 -30.06 -21.79
CA ARG B 524 -4.09 -29.71 -20.73
C ARG B 524 -3.79 -30.96 -19.89
N HIS B 525 -2.70 -30.91 -19.11
CA HIS B 525 -2.27 -32.03 -18.24
C HIS B 525 -2.23 -33.34 -19.04
N GLY B 526 -1.66 -33.30 -20.26
CA GLY B 526 -1.39 -34.53 -21.03
C GLY B 526 -2.57 -35.00 -21.85
N SER B 527 -3.73 -34.34 -21.71
CA SER B 527 -4.83 -34.51 -22.69
C SER B 527 -4.41 -33.88 -24.01
N ASN B 528 -4.76 -34.52 -25.13
CA ASN B 528 -4.35 -34.00 -26.45
C ASN B 528 -5.20 -34.70 -27.51
N ILE B 529 -4.87 -34.47 -28.79
CA ILE B 529 -5.52 -35.20 -29.91
C ILE B 529 -4.49 -36.13 -30.55
N GLN B 530 -4.97 -37.01 -31.42
CA GLN B 530 -4.09 -37.95 -32.17
C GLN B 530 -4.75 -38.12 -33.54
N VAL B 531 -4.08 -37.67 -34.59
CA VAL B 531 -4.69 -37.65 -35.95
C VAL B 531 -4.37 -38.97 -36.66
N ASP B 532 -5.37 -39.57 -37.31
CA ASP B 532 -5.19 -40.75 -38.18
C ASP B 532 -5.28 -40.27 -39.63
N GLU B 533 -4.14 -39.90 -40.22
CA GLU B 533 -4.13 -39.25 -41.57
C GLU B 533 -4.53 -40.26 -42.65
N VAL B 534 -4.41 -41.57 -42.38
CA VAL B 534 -4.91 -42.63 -43.30
C VAL B 534 -6.44 -42.57 -43.35
N ARG B 535 -7.08 -42.75 -42.19
CA ARG B 535 -8.57 -42.86 -42.09
C ARG B 535 -9.19 -41.46 -41.95
N ARG B 536 -8.36 -40.42 -41.89
CA ARG B 536 -8.82 -39.01 -41.80
C ARG B 536 -9.69 -38.83 -40.54
N LEU B 537 -9.22 -39.40 -39.42
CA LEU B 537 -9.91 -39.30 -38.10
C LEU B 537 -9.06 -38.47 -37.13
N VAL B 538 -9.64 -38.12 -35.98
CA VAL B 538 -8.91 -37.45 -34.87
C VAL B 538 -9.49 -37.95 -33.55
N TYR B 539 -8.66 -38.58 -32.71
CA TYR B 539 -9.10 -39.02 -31.36
C TYR B 539 -8.88 -37.85 -30.39
N PHE B 540 -9.82 -37.62 -29.47
CA PHE B 540 -9.68 -36.53 -28.47
C PHE B 540 -10.34 -36.94 -27.15
N GLU B 541 -10.11 -36.17 -26.09
CA GLU B 541 -10.74 -36.42 -24.77
C GLU B 541 -11.76 -35.30 -24.51
N GLY B 542 -12.92 -35.63 -23.93
CA GLY B 542 -14.03 -34.66 -23.87
C GLY B 542 -14.92 -34.83 -22.66
N THR B 543 -15.75 -33.81 -22.41
CA THR B 543 -16.78 -33.84 -21.34
C THR B 543 -18.18 -34.00 -21.97
N LYS B 544 -18.26 -34.50 -23.22
CA LYS B 544 -19.55 -34.56 -23.95
C LYS B 544 -20.56 -35.41 -23.16
N ASP B 545 -20.12 -36.54 -22.60
CA ASP B 545 -21.06 -37.46 -21.91
C ASP B 545 -21.38 -36.92 -20.50
N SER B 546 -20.49 -36.12 -19.90
CA SER B 546 -20.77 -35.51 -18.57
C SER B 546 -19.62 -34.61 -18.15
N PRO B 547 -19.87 -33.57 -17.32
CA PRO B 547 -18.79 -32.76 -16.74
C PRO B 547 -17.95 -33.51 -15.69
N LEU B 548 -18.51 -34.60 -15.14
CA LEU B 548 -17.84 -35.36 -14.04
C LEU B 548 -17.02 -36.54 -14.60
N GLU B 549 -17.06 -36.76 -15.91
CA GLU B 549 -16.34 -37.92 -16.52
C GLU B 549 -15.63 -37.46 -17.79
N HIS B 550 -14.30 -37.66 -17.83
CA HIS B 550 -13.50 -37.45 -19.06
C HIS B 550 -13.52 -38.73 -19.88
N HIS B 551 -13.79 -38.65 -21.19
CA HIS B 551 -13.96 -39.86 -22.04
C HIS B 551 -13.18 -39.69 -23.35
N LEU B 552 -12.81 -40.81 -23.96
CA LEU B 552 -12.09 -40.81 -25.27
C LEU B 552 -13.14 -40.82 -26.39
N TYR B 553 -12.93 -40.00 -27.42
CA TYR B 553 -13.85 -39.89 -28.57
C TYR B 553 -13.04 -39.96 -29.86
N VAL B 554 -13.70 -40.21 -31.00
CA VAL B 554 -13.05 -40.15 -32.33
C VAL B 554 -14.05 -39.52 -33.31
N VAL B 555 -13.56 -38.91 -34.39
CA VAL B 555 -14.44 -38.16 -35.33
C VAL B 555 -13.65 -37.87 -36.60
N SER B 556 -14.33 -37.91 -37.76
CA SER B 556 -13.67 -37.54 -39.04
C SER B 556 -13.42 -36.03 -39.05
N TYR B 557 -12.25 -35.59 -39.52
CA TYR B 557 -11.97 -34.13 -39.65
C TYR B 557 -12.32 -33.67 -41.08
N VAL B 558 -12.42 -34.61 -42.02
CA VAL B 558 -12.82 -34.30 -43.43
C VAL B 558 -14.30 -33.90 -43.43
N ASN B 559 -15.18 -34.86 -43.13
CA ASN B 559 -16.64 -34.61 -43.07
C ASN B 559 -17.12 -34.93 -41.66
N PRO B 560 -16.93 -34.03 -40.67
CA PRO B 560 -17.26 -34.34 -39.29
C PRO B 560 -18.78 -34.48 -39.07
N GLY B 561 -19.16 -35.27 -38.07
CA GLY B 561 -20.57 -35.38 -37.66
C GLY B 561 -20.70 -36.13 -36.36
N GLU B 562 -21.13 -37.39 -36.42
CA GLU B 562 -21.24 -38.23 -35.21
C GLU B 562 -19.89 -38.26 -34.49
N VAL B 563 -19.93 -38.23 -33.16
CA VAL B 563 -18.70 -38.27 -32.31
C VAL B 563 -18.72 -39.58 -31.52
N THR B 564 -18.06 -40.62 -32.01
CA THR B 564 -18.07 -41.96 -31.36
C THR B 564 -17.24 -41.95 -30.07
N ARG B 565 -17.86 -42.33 -28.94
CA ARG B 565 -17.12 -42.51 -27.67
C ARG B 565 -16.48 -43.91 -27.66
N LEU B 566 -15.31 -44.04 -27.03
CA LEU B 566 -14.56 -45.34 -27.01
C LEU B 566 -14.39 -45.85 -25.56
N THR B 567 -14.52 -44.98 -24.56
CA THR B 567 -14.37 -45.42 -23.14
C THR B 567 -15.75 -45.76 -22.57
N ASP B 568 -15.79 -46.68 -21.59
CA ASP B 568 -17.07 -47.16 -20.98
C ASP B 568 -17.54 -46.15 -19.93
N ARG B 569 -18.84 -45.84 -19.90
CA ARG B 569 -19.43 -44.87 -18.94
C ARG B 569 -19.24 -45.36 -17.49
N GLY B 570 -19.41 -44.46 -16.52
CA GLY B 570 -19.29 -44.82 -15.09
C GLY B 570 -17.85 -44.75 -14.61
N TYR B 571 -16.95 -44.26 -15.47
CA TYR B 571 -15.50 -44.13 -15.15
C TYR B 571 -14.99 -42.80 -15.75
N SER B 572 -14.06 -42.14 -15.07
CA SER B 572 -13.33 -40.98 -15.68
C SER B 572 -11.99 -41.48 -16.23
N HIS B 573 -11.72 -41.23 -17.51
CA HIS B 573 -10.56 -41.88 -18.20
C HIS B 573 -9.46 -40.84 -18.51
N SER B 574 -8.21 -41.23 -18.22
CA SER B 574 -7.01 -40.56 -18.81
C SER B 574 -6.47 -41.47 -19.92
N CYS B 575 -6.35 -40.98 -21.15
CA CYS B 575 -6.17 -41.89 -22.32
C CYS B 575 -4.91 -41.54 -23.12
N CYS B 576 -4.36 -42.55 -23.80
CA CYS B 576 -3.11 -42.43 -24.59
C CYS B 576 -3.23 -43.35 -25.82
N ILE B 577 -3.12 -42.79 -27.03
CA ILE B 577 -3.40 -43.54 -28.29
C ILE B 577 -2.06 -43.89 -28.95
N SER B 578 -1.89 -45.15 -29.36
CA SER B 578 -0.68 -45.59 -30.11
C SER B 578 -0.45 -44.64 -31.30
N GLN B 579 0.81 -44.35 -31.61
CA GLN B 579 1.15 -43.52 -32.81
C GLN B 579 0.61 -44.19 -34.07
N HIS B 580 0.30 -45.50 -34.00
CA HIS B 580 -0.23 -46.28 -35.15
C HIS B 580 -1.78 -46.31 -35.13
N CYS B 581 -2.40 -45.80 -34.06
CA CYS B 581 -3.88 -45.66 -33.96
C CYS B 581 -4.57 -47.02 -34.05
N ASP B 582 -3.91 -48.08 -33.57
CA ASP B 582 -4.49 -49.44 -33.56
C ASP B 582 -4.63 -49.94 -32.12
N PHE B 583 -4.29 -49.10 -31.14
CA PHE B 583 -4.35 -49.45 -29.70
C PHE B 583 -4.51 -48.17 -28.89
N PHE B 584 -5.20 -48.23 -27.75
CA PHE B 584 -5.15 -47.11 -26.79
C PHE B 584 -5.09 -47.67 -25.37
N ILE B 585 -4.70 -46.81 -24.44
CA ILE B 585 -4.53 -47.19 -23.01
C ILE B 585 -5.37 -46.23 -22.19
N SER B 586 -6.18 -46.76 -21.27
CA SER B 586 -7.03 -45.90 -20.41
C SER B 586 -6.58 -46.09 -18.96
N LYS B 587 -6.24 -44.99 -18.28
CA LYS B 587 -6.17 -44.99 -16.79
C LYS B 587 -7.51 -44.45 -16.29
N TYR B 588 -8.37 -45.35 -15.80
CA TYR B 588 -9.77 -45.01 -15.45
C TYR B 588 -10.00 -45.28 -13.95
N SER B 589 -10.93 -44.52 -13.36
CA SER B 589 -11.38 -44.76 -11.96
C SER B 589 -12.81 -44.24 -11.82
N ASN B 590 -13.42 -44.50 -10.65
CA ASN B 590 -14.67 -43.80 -10.26
C ASN B 590 -14.66 -43.64 -8.74
N GLN B 591 -15.70 -43.01 -8.19
CA GLN B 591 -15.71 -42.62 -6.76
C GLN B 591 -15.41 -43.85 -5.88
N LYS B 592 -15.85 -45.05 -6.29
CA LYS B 592 -15.78 -46.27 -5.44
C LYS B 592 -14.59 -47.18 -5.81
N ASN B 593 -14.02 -47.02 -7.01
CA ASN B 593 -12.96 -47.93 -7.50
C ASN B 593 -11.66 -47.16 -7.73
N PRO B 594 -10.52 -47.61 -7.16
CA PRO B 594 -9.21 -47.01 -7.46
C PRO B 594 -8.79 -47.22 -8.92
N HIS B 595 -7.80 -46.43 -9.34
CA HIS B 595 -7.40 -46.33 -10.78
C HIS B 595 -6.90 -47.70 -11.28
N CYS B 596 -7.39 -48.10 -12.46
CA CYS B 596 -6.79 -49.22 -13.25
C CYS B 596 -6.21 -48.67 -14.55
N VAL B 597 -5.10 -49.25 -15.05
CA VAL B 597 -4.64 -48.98 -16.43
C VAL B 597 -4.92 -50.22 -17.28
N SER B 598 -5.66 -50.05 -18.38
CA SER B 598 -5.98 -51.19 -19.28
C SER B 598 -5.66 -50.79 -20.73
N LEU B 599 -5.39 -51.80 -21.56
CA LEU B 599 -4.99 -51.59 -22.98
C LEU B 599 -6.10 -52.14 -23.89
N TYR B 600 -6.66 -51.26 -24.73
CA TYR B 600 -7.77 -51.63 -25.65
C TYR B 600 -7.25 -51.64 -27.09
N LYS B 601 -7.71 -52.59 -27.90
CA LYS B 601 -7.31 -52.67 -29.34
C LYS B 601 -8.38 -52.00 -30.21
N LEU B 602 -7.94 -51.20 -31.19
CA LEU B 602 -8.85 -50.52 -32.16
C LEU B 602 -8.86 -51.28 -33.48
N SER B 603 -10.06 -51.68 -33.93
CA SER B 603 -10.25 -52.23 -35.30
C SER B 603 -11.47 -51.55 -35.94
N SER B 604 -11.58 -51.64 -37.26
CA SER B 604 -12.72 -51.03 -38.00
C SER B 604 -13.48 -52.13 -38.75
N PRO B 605 -14.83 -52.06 -38.80
CA PRO B 605 -15.59 -52.93 -39.69
C PRO B 605 -15.11 -52.73 -41.14
N GLU B 606 -14.89 -53.82 -41.87
CA GLU B 606 -14.16 -53.78 -43.16
C GLU B 606 -14.97 -53.03 -44.24
N ASP B 607 -16.22 -52.64 -43.94
CA ASP B 607 -17.08 -51.92 -44.91
C ASP B 607 -16.94 -50.40 -44.76
N ASP B 608 -16.27 -49.91 -43.69
CA ASP B 608 -16.21 -48.46 -43.41
C ASP B 608 -15.04 -48.18 -42.45
N PRO B 609 -13.82 -47.94 -42.97
CA PRO B 609 -12.70 -47.48 -42.14
C PRO B 609 -12.97 -46.22 -41.28
N THR B 610 -13.84 -45.31 -41.72
CA THR B 610 -14.24 -44.13 -40.90
C THR B 610 -14.80 -44.57 -39.54
N CYS B 611 -15.31 -45.81 -39.45
CA CYS B 611 -15.96 -46.27 -38.20
C CYS B 611 -14.98 -47.05 -37.33
N LYS B 612 -14.91 -46.72 -36.04
CA LYS B 612 -13.90 -47.29 -35.10
C LYS B 612 -14.62 -47.92 -33.90
N THR B 613 -14.17 -49.12 -33.49
CA THR B 613 -14.67 -49.77 -32.26
C THR B 613 -13.49 -50.33 -31.46
N LYS B 614 -13.66 -50.50 -30.15
CA LYS B 614 -12.59 -50.99 -29.26
C LYS B 614 -12.86 -52.45 -28.88
N GLU B 615 -11.80 -53.17 -28.50
CA GLU B 615 -11.93 -54.49 -27.82
C GLU B 615 -10.93 -54.52 -26.68
N PHE B 616 -11.37 -54.75 -25.43
CA PHE B 616 -10.40 -54.90 -24.32
C PHE B 616 -9.40 -55.99 -24.69
N TRP B 617 -8.14 -55.79 -24.33
CA TRP B 617 -7.03 -56.64 -24.83
C TRP B 617 -6.25 -57.21 -23.65
N ALA B 618 -5.70 -56.34 -22.80
CA ALA B 618 -4.88 -56.79 -21.67
C ALA B 618 -4.86 -55.71 -20.58
N THR B 619 -4.71 -56.13 -19.32
CA THR B 619 -4.56 -55.18 -18.19
C THR B 619 -3.07 -54.86 -18.01
N ILE B 620 -2.75 -53.57 -17.84
CA ILE B 620 -1.37 -53.14 -17.49
C ILE B 620 -1.30 -52.97 -15.96
N LEU B 621 -2.34 -52.41 -15.34
CA LEU B 621 -2.37 -52.25 -13.86
C LEU B 621 -3.77 -52.59 -13.34
N ASP B 622 -3.86 -53.62 -12.49
CA ASP B 622 -5.13 -54.01 -11.83
C ASP B 622 -5.34 -53.14 -10.60
N SER B 623 -6.58 -52.71 -10.33
CA SER B 623 -6.90 -51.98 -9.08
C SER B 623 -6.79 -52.92 -7.88
N ALA B 624 -6.47 -52.37 -6.70
CA ALA B 624 -6.46 -53.15 -5.44
C ALA B 624 -7.89 -53.57 -5.07
N GLY B 625 -8.92 -52.95 -5.67
CA GLY B 625 -10.32 -53.31 -5.44
C GLY B 625 -10.91 -52.55 -4.26
N PRO B 626 -12.19 -52.13 -4.30
CA PRO B 626 -12.73 -51.14 -3.37
C PRO B 626 -12.04 -51.18 -1.99
N LEU B 627 -11.08 -50.25 -1.79
CA LEU B 627 -10.26 -50.14 -0.55
C LEU B 627 -11.17 -50.22 0.68
N PRO B 628 -10.90 -51.13 1.65
CA PRO B 628 -11.66 -51.18 2.90
C PRO B 628 -11.17 -50.07 3.85
N ASP B 629 -12.00 -49.68 4.82
CA ASP B 629 -11.70 -48.54 5.74
C ASP B 629 -11.93 -47.20 5.01
N TYR B 630 -12.33 -47.22 3.74
CA TYR B 630 -12.60 -45.96 2.99
C TYR B 630 -14.05 -45.94 2.54
N THR B 631 -14.85 -45.03 3.12
CA THR B 631 -16.23 -44.74 2.66
C THR B 631 -16.19 -43.59 1.65
N PRO B 632 -16.54 -43.84 0.37
CA PRO B 632 -16.53 -42.79 -0.65
C PRO B 632 -17.63 -41.77 -0.42
N PRO B 633 -17.46 -40.51 -0.86
CA PRO B 633 -18.49 -39.49 -0.72
C PRO B 633 -19.53 -39.66 -1.84
N GLU B 634 -20.75 -39.16 -1.63
CA GLU B 634 -21.77 -39.20 -2.71
C GLU B 634 -21.82 -37.81 -3.38
N ILE B 635 -21.69 -37.79 -4.71
CA ILE B 635 -21.80 -36.55 -5.52
C ILE B 635 -23.23 -36.04 -5.39
N PHE B 636 -23.42 -34.72 -5.39
CA PHE B 636 -24.78 -34.11 -5.48
C PHE B 636 -24.72 -32.89 -6.39
N SER B 637 -25.90 -32.31 -6.69
CA SER B 637 -25.98 -31.06 -7.49
C SER B 637 -27.11 -30.18 -6.93
N PHE B 638 -27.15 -28.91 -7.35
CA PHE B 638 -28.23 -27.99 -6.93
C PHE B 638 -28.26 -26.81 -7.90
N GLU B 639 -29.46 -26.33 -8.26
CA GLU B 639 -29.60 -25.13 -9.12
C GLU B 639 -29.24 -23.89 -8.30
N SER B 640 -28.29 -23.09 -8.79
CA SER B 640 -27.88 -21.84 -8.10
C SER B 640 -28.93 -20.75 -8.39
N THR B 641 -29.00 -19.74 -7.52
CA THR B 641 -29.77 -18.50 -7.81
C THR B 641 -29.12 -17.77 -9.00
N THR B 642 -27.95 -18.24 -9.44
CA THR B 642 -27.21 -17.66 -10.59
C THR B 642 -27.54 -18.40 -11.88
N GLY B 643 -28.35 -19.47 -11.80
CA GLY B 643 -28.85 -20.17 -13.01
C GLY B 643 -27.85 -21.16 -13.57
N PHE B 644 -26.95 -21.69 -12.73
CA PHE B 644 -26.02 -22.78 -13.12
C PHE B 644 -26.26 -23.99 -12.21
N THR B 645 -26.03 -25.20 -12.73
CA THR B 645 -25.99 -26.41 -11.87
C THR B 645 -24.59 -26.50 -11.24
N LEU B 646 -24.50 -26.45 -9.91
CA LEU B 646 -23.22 -26.64 -9.18
C LEU B 646 -23.17 -28.07 -8.63
N TYR B 647 -22.01 -28.70 -8.69
CA TYR B 647 -21.84 -30.09 -8.17
C TYR B 647 -21.06 -30.04 -6.85
N GLY B 648 -21.28 -31.04 -6.00
CA GLY B 648 -20.60 -31.12 -4.70
C GLY B 648 -20.30 -32.56 -4.30
N MET B 649 -19.47 -32.75 -3.27
CA MET B 649 -19.29 -34.07 -2.64
C MET B 649 -19.72 -33.97 -1.19
N LEU B 650 -20.39 -35.01 -0.68
CA LEU B 650 -20.83 -35.04 0.74
C LEU B 650 -20.26 -36.31 1.40
N TYR B 651 -19.42 -36.13 2.41
CA TYR B 651 -18.99 -37.26 3.28
C TYR B 651 -19.93 -37.26 4.51
N LYS B 652 -21.02 -38.04 4.46
CA LYS B 652 -21.86 -38.24 5.68
C LYS B 652 -20.99 -38.85 6.76
N PRO B 653 -21.20 -38.54 8.06
CA PRO B 653 -20.39 -39.13 9.12
C PRO B 653 -20.67 -40.63 9.24
N HIS B 654 -19.64 -41.43 9.57
CA HIS B 654 -19.82 -42.89 9.78
C HIS B 654 -20.61 -43.11 11.07
N ASP B 655 -21.49 -44.12 11.10
CA ASP B 655 -22.29 -44.45 12.31
C ASP B 655 -23.20 -43.25 12.63
N LEU B 656 -24.12 -42.94 11.71
CA LEU B 656 -25.00 -41.74 11.82
C LEU B 656 -26.04 -41.95 12.93
N GLN B 657 -25.90 -41.24 14.06
CA GLN B 657 -26.91 -41.27 15.15
C GLN B 657 -28.12 -40.46 14.70
N PRO B 658 -29.33 -41.06 14.61
CA PRO B 658 -30.53 -40.27 14.33
C PRO B 658 -30.87 -39.39 15.54
N GLY B 659 -31.45 -38.21 15.28
CA GLY B 659 -31.77 -37.23 16.34
C GLY B 659 -30.56 -36.40 16.75
N LYS B 660 -29.51 -36.38 15.92
CA LYS B 660 -28.25 -35.67 16.26
C LYS B 660 -27.75 -34.85 15.07
N LYS B 661 -27.07 -33.74 15.36
CA LYS B 661 -26.45 -32.86 14.33
C LYS B 661 -24.94 -32.85 14.57
N TYR B 662 -24.15 -32.87 13.49
CA TYR B 662 -22.67 -33.03 13.57
C TYR B 662 -21.98 -31.77 13.07
N PRO B 663 -20.73 -31.49 13.49
CA PRO B 663 -19.99 -30.33 13.00
C PRO B 663 -19.62 -30.56 11.53
N THR B 664 -19.72 -29.51 10.72
CA THR B 664 -19.50 -29.63 9.25
C THR B 664 -18.17 -28.97 8.90
N VAL B 665 -17.28 -29.69 8.22
CA VAL B 665 -15.98 -29.13 7.74
C VAL B 665 -16.02 -29.05 6.21
N LEU B 666 -16.07 -27.83 5.69
CA LEU B 666 -16.08 -27.59 4.22
C LEU B 666 -14.65 -27.50 3.72
N PHE B 667 -14.16 -28.50 2.99
CA PHE B 667 -12.85 -28.40 2.29
C PHE B 667 -13.06 -27.69 0.96
N ILE B 668 -12.12 -26.81 0.57
CA ILE B 668 -12.34 -25.91 -0.60
C ILE B 668 -11.03 -25.72 -1.37
N TYR B 669 -11.16 -25.55 -2.70
CA TYR B 669 -10.14 -24.87 -3.53
C TYR B 669 -10.80 -23.65 -4.17
N GLY B 670 -11.72 -23.86 -5.13
CA GLY B 670 -12.58 -22.78 -5.65
C GLY B 670 -11.90 -21.90 -6.68
N GLY B 671 -10.65 -22.21 -7.03
CA GLY B 671 -9.89 -21.41 -8.02
C GLY B 671 -10.08 -21.91 -9.44
N PRO B 672 -9.54 -21.18 -10.44
CA PRO B 672 -9.66 -21.59 -11.85
C PRO B 672 -8.67 -22.70 -12.18
N GLN B 673 -8.87 -23.34 -13.35
CA GLN B 673 -7.98 -24.42 -13.87
C GLN B 673 -8.10 -25.68 -13.01
N VAL B 674 -9.17 -25.82 -12.22
CA VAL B 674 -9.29 -26.95 -11.26
C VAL B 674 -10.75 -27.41 -11.16
N GLN B 675 -10.96 -28.70 -10.87
CA GLN B 675 -12.29 -29.25 -10.50
C GLN B 675 -12.05 -30.30 -9.40
N LEU B 676 -12.63 -30.11 -8.21
CA LEU B 676 -12.49 -31.12 -7.12
C LEU B 676 -13.58 -32.19 -7.25
N VAL B 677 -14.77 -31.78 -7.70
CA VAL B 677 -15.96 -32.67 -7.71
C VAL B 677 -16.07 -33.33 -9.09
N ASN B 678 -15.70 -34.61 -9.17
CA ASN B 678 -15.89 -35.42 -10.40
C ASN B 678 -15.96 -36.90 -10.01
N ASN B 679 -16.24 -37.78 -10.97
CA ASN B 679 -16.38 -39.23 -10.67
C ASN B 679 -15.00 -39.88 -10.79
N ARG B 680 -14.06 -39.48 -9.93
CA ARG B 680 -12.74 -40.14 -9.82
C ARG B 680 -12.56 -40.68 -8.40
N PHE B 681 -11.59 -41.57 -8.21
CA PHE B 681 -11.35 -42.14 -6.87
C PHE B 681 -10.63 -41.11 -5.99
N LYS B 682 -11.26 -40.66 -4.90
CA LYS B 682 -10.65 -39.64 -4.00
C LYS B 682 -10.01 -40.33 -2.79
N GLY B 683 -9.83 -41.65 -2.86
CA GLY B 683 -9.34 -42.43 -1.69
C GLY B 683 -7.87 -42.17 -1.45
N VAL B 684 -7.09 -41.93 -2.50
CA VAL B 684 -5.63 -41.67 -2.34
C VAL B 684 -5.47 -40.26 -1.75
N LYS B 685 -5.84 -39.24 -2.53
CA LYS B 685 -5.45 -37.84 -2.23
C LYS B 685 -6.28 -37.29 -1.07
N TYR B 686 -7.60 -37.54 -1.07
CA TYR B 686 -8.51 -36.95 -0.05
C TYR B 686 -8.92 -38.03 0.96
N PHE B 687 -7.98 -38.89 1.34
CA PHE B 687 -8.23 -39.97 2.34
C PHE B 687 -8.61 -39.35 3.68
N ARG B 688 -8.05 -38.18 4.00
CA ARG B 688 -8.24 -37.54 5.33
C ARG B 688 -9.61 -36.85 5.41
N LEU B 689 -10.24 -36.54 4.27
CA LEU B 689 -11.66 -36.10 4.30
C LEU B 689 -12.52 -37.27 4.81
N ASN B 690 -12.20 -38.48 4.35
CA ASN B 690 -12.85 -39.71 4.89
C ASN B 690 -12.57 -39.82 6.40
N THR B 691 -11.30 -39.74 6.80
CA THR B 691 -10.92 -39.86 8.24
C THR B 691 -11.71 -38.85 9.08
N LEU B 692 -11.92 -37.63 8.59
CA LEU B 692 -12.73 -36.63 9.33
C LEU B 692 -14.15 -37.19 9.53
N ALA B 693 -14.74 -37.75 8.46
CA ALA B 693 -16.08 -38.38 8.58
C ALA B 693 -16.04 -39.49 9.65
N SER B 694 -14.98 -40.29 9.69
CA SER B 694 -14.88 -41.41 10.66
C SER B 694 -14.84 -40.89 12.11
N LEU B 695 -14.43 -39.64 12.31
CA LEU B 695 -14.40 -39.03 13.67
C LEU B 695 -15.71 -38.28 13.96
N GLY B 696 -16.65 -38.25 13.00
CA GLY B 696 -17.97 -37.63 13.20
C GLY B 696 -17.99 -36.16 12.78
N TYR B 697 -17.34 -35.82 11.67
CA TYR B 697 -17.49 -34.49 11.02
C TYR B 697 -18.26 -34.69 9.70
N VAL B 698 -19.20 -33.82 9.38
CA VAL B 698 -19.71 -33.75 7.98
C VAL B 698 -18.59 -33.08 7.16
N VAL B 699 -18.21 -33.66 6.03
CA VAL B 699 -17.20 -33.00 5.15
C VAL B 699 -17.87 -32.67 3.82
N VAL B 700 -17.80 -31.39 3.42
CA VAL B 700 -18.49 -30.91 2.17
C VAL B 700 -17.43 -30.32 1.22
N VAL B 701 -17.62 -30.52 -0.07
CA VAL B 701 -16.73 -29.97 -1.13
C VAL B 701 -17.65 -29.49 -2.27
N ILE B 702 -17.48 -28.25 -2.74
CA ILE B 702 -18.38 -27.70 -3.79
C ILE B 702 -17.52 -27.06 -4.88
N ASP B 703 -17.66 -27.53 -6.13
CA ASP B 703 -17.08 -26.80 -7.30
C ASP B 703 -17.95 -25.58 -7.56
N ASN B 704 -17.48 -24.40 -7.13
CA ASN B 704 -18.21 -23.12 -7.31
C ASN B 704 -17.94 -22.58 -8.71
N ARG B 705 -18.51 -21.41 -9.03
CA ARG B 705 -18.29 -20.77 -10.36
C ARG B 705 -16.80 -20.41 -10.48
N GLY B 706 -16.23 -20.51 -11.68
CA GLY B 706 -14.79 -20.28 -11.90
C GLY B 706 -14.02 -21.59 -12.01
N SER B 707 -14.56 -22.68 -11.44
CA SER B 707 -13.97 -24.03 -11.60
C SER B 707 -13.92 -24.38 -13.09
N CYS B 708 -13.04 -25.30 -13.50
CA CYS B 708 -12.87 -25.64 -14.94
C CYS B 708 -13.78 -26.81 -15.34
N HIS B 709 -13.81 -27.12 -16.63
CA HIS B 709 -14.58 -28.25 -17.22
C HIS B 709 -16.06 -27.90 -17.31
N ARG B 710 -16.41 -26.61 -17.44
CA ARG B 710 -17.84 -26.20 -17.53
C ARG B 710 -18.02 -25.12 -18.61
N GLY B 711 -17.00 -24.89 -19.45
CA GLY B 711 -17.10 -23.84 -20.49
C GLY B 711 -16.57 -22.51 -19.99
N LEU B 712 -16.35 -21.57 -20.91
CA LEU B 712 -15.66 -20.29 -20.59
C LEU B 712 -16.61 -19.38 -19.81
N LYS B 713 -17.89 -19.31 -20.23
CA LYS B 713 -18.93 -18.53 -19.50
C LYS B 713 -18.85 -18.84 -18.00
N PHE B 714 -18.96 -20.12 -17.64
CA PHE B 714 -18.91 -20.57 -16.23
C PHE B 714 -17.62 -20.08 -15.56
N GLU B 715 -16.50 -20.19 -16.28
CA GLU B 715 -15.15 -19.92 -15.72
C GLU B 715 -14.95 -18.41 -15.56
N GLY B 716 -15.38 -17.62 -16.55
CA GLY B 716 -15.19 -16.16 -16.57
C GLY B 716 -16.02 -15.44 -15.52
N ALA B 717 -16.76 -16.20 -14.70
CA ALA B 717 -17.71 -15.63 -13.72
C ALA B 717 -17.01 -14.68 -12.73
N PHE B 718 -15.75 -14.93 -12.36
CA PHE B 718 -15.06 -14.06 -11.38
C PHE B 718 -13.96 -13.23 -12.05
N LYS B 719 -14.06 -12.95 -13.35
CA LYS B 719 -13.09 -12.02 -13.98
C LYS B 719 -13.18 -10.67 -13.25
N TYR B 720 -12.04 -10.13 -12.82
CA TYR B 720 -11.95 -8.84 -12.08
C TYR B 720 -12.57 -8.93 -10.68
N LYS B 721 -13.17 -10.08 -10.32
CA LYS B 721 -13.98 -10.19 -9.07
C LYS B 721 -13.46 -11.32 -8.19
N MET B 722 -12.15 -11.57 -8.16
CA MET B 722 -11.63 -12.74 -7.41
C MET B 722 -11.92 -12.55 -5.92
N GLY B 723 -12.50 -13.58 -5.28
CA GLY B 723 -12.81 -13.57 -3.85
C GLY B 723 -14.14 -12.91 -3.52
N GLN B 724 -14.95 -12.59 -4.56
CA GLN B 724 -16.21 -11.83 -4.34
C GLN B 724 -17.44 -12.68 -4.75
N ILE B 725 -17.25 -13.88 -5.28
CA ILE B 725 -18.41 -14.71 -5.77
C ILE B 725 -18.35 -16.14 -5.22
N GLU B 726 -17.16 -16.64 -4.92
CA GLU B 726 -16.97 -18.11 -4.72
C GLU B 726 -17.67 -18.56 -3.44
N ILE B 727 -17.66 -17.73 -2.39
CA ILE B 727 -18.19 -18.15 -1.05
C ILE B 727 -19.73 -18.20 -1.10
N ASP B 728 -20.37 -17.30 -1.87
CA ASP B 728 -21.85 -17.27 -1.98
C ASP B 728 -22.35 -18.60 -2.58
N ASP B 729 -21.53 -19.26 -3.41
CA ASP B 729 -21.84 -20.60 -3.96
C ASP B 729 -21.54 -21.68 -2.91
N GLN B 730 -20.44 -21.51 -2.16
CA GLN B 730 -20.11 -22.47 -1.06
C GLN B 730 -21.26 -22.48 -0.05
N VAL B 731 -21.82 -21.32 0.25
CA VAL B 731 -22.90 -21.20 1.28
C VAL B 731 -24.22 -21.68 0.67
N GLU B 732 -24.52 -21.26 -0.56
CA GLU B 732 -25.74 -21.74 -1.28
C GLU B 732 -25.78 -23.28 -1.27
N GLY B 733 -24.66 -23.92 -1.60
CA GLY B 733 -24.56 -25.39 -1.54
C GLY B 733 -24.60 -25.91 -0.11
N LEU B 734 -23.99 -25.17 0.82
CA LEU B 734 -23.94 -25.61 2.25
C LEU B 734 -25.35 -25.56 2.86
N GLN B 735 -26.21 -24.67 2.34
CA GLN B 735 -27.61 -24.53 2.83
C GLN B 735 -28.51 -25.55 2.12
N TYR B 736 -28.35 -25.72 0.81
CA TYR B 736 -29.07 -26.80 0.07
C TYR B 736 -28.91 -28.13 0.81
N LEU B 737 -27.72 -28.39 1.38
CA LEU B 737 -27.50 -29.63 2.18
C LEU B 737 -28.27 -29.54 3.49
N ALA B 738 -28.10 -28.45 4.25
CA ALA B 738 -28.73 -28.30 5.59
C ALA B 738 -30.26 -28.48 5.48
N SER B 739 -30.87 -27.85 4.48
CA SER B 739 -32.32 -28.00 4.20
C SER B 739 -32.67 -29.48 3.96
N ARG B 740 -31.74 -30.27 3.41
CA ARG B 740 -32.02 -31.68 3.01
C ARG B 740 -31.53 -32.67 4.08
N TYR B 741 -30.69 -32.24 5.03
CA TYR B 741 -30.13 -33.18 6.04
C TYR B 741 -30.06 -32.45 7.38
N ASP B 742 -30.92 -32.85 8.33
CA ASP B 742 -30.99 -32.19 9.66
C ASP B 742 -29.76 -32.61 10.50
N PHE B 743 -28.89 -33.47 9.98
CA PHE B 743 -27.68 -33.91 10.75
C PHE B 743 -26.52 -32.92 10.54
N ILE B 744 -26.73 -31.82 9.79
CA ILE B 744 -25.66 -30.80 9.57
C ILE B 744 -25.82 -29.70 10.61
N ASP B 745 -24.90 -29.59 11.56
CA ASP B 745 -24.94 -28.50 12.58
C ASP B 745 -24.37 -27.22 11.95
N LEU B 746 -25.23 -26.32 11.48
CA LEU B 746 -24.79 -25.05 10.85
C LEU B 746 -24.14 -24.13 11.88
N ASP B 747 -24.28 -24.43 13.18
CA ASP B 747 -23.68 -23.59 14.26
C ASP B 747 -22.19 -23.94 14.43
N ARG B 748 -21.75 -25.09 13.90
CA ARG B 748 -20.34 -25.52 14.06
C ARG B 748 -19.78 -25.86 12.67
N VAL B 749 -19.63 -24.86 11.80
CA VAL B 749 -19.09 -25.09 10.42
C VAL B 749 -17.68 -24.50 10.33
N GLY B 750 -16.70 -25.33 9.93
CA GLY B 750 -15.33 -24.87 9.69
C GLY B 750 -14.95 -24.98 8.22
N ILE B 751 -14.01 -24.14 7.75
CA ILE B 751 -13.58 -24.15 6.33
C ILE B 751 -12.06 -24.33 6.27
N HIS B 752 -11.57 -25.19 5.36
CA HIS B 752 -10.12 -25.42 5.21
C HIS B 752 -9.76 -25.57 3.73
N GLY B 753 -8.64 -24.97 3.32
CA GLY B 753 -8.15 -25.11 1.94
C GLY B 753 -6.68 -24.75 1.84
N TRP B 754 -6.05 -25.11 0.71
CA TRP B 754 -4.63 -24.78 0.46
C TRP B 754 -4.50 -23.86 -0.75
N SER B 755 -3.58 -22.90 -0.66
CA SER B 755 -3.27 -22.01 -1.81
C SER B 755 -4.49 -21.12 -2.09
N TYR B 756 -5.08 -21.19 -3.28
CA TYR B 756 -6.36 -20.46 -3.58
C TYR B 756 -7.43 -20.89 -2.57
N GLY B 757 -7.43 -22.17 -2.19
CA GLY B 757 -8.35 -22.67 -1.16
C GLY B 757 -8.11 -21.97 0.18
N GLY B 758 -6.84 -21.80 0.55
CA GLY B 758 -6.50 -21.07 1.79
C GLY B 758 -6.91 -19.61 1.71
N TYR B 759 -6.78 -19.02 0.51
CA TYR B 759 -7.28 -17.66 0.23
C TYR B 759 -8.77 -17.57 0.58
N LEU B 760 -9.60 -18.41 -0.05
CA LEU B 760 -11.07 -18.38 0.15
C LEU B 760 -11.41 -18.72 1.61
N SER B 761 -10.62 -19.56 2.27
CA SER B 761 -10.83 -19.83 3.72
C SER B 761 -10.81 -18.51 4.50
N LEU B 762 -9.90 -17.59 4.15
CA LEU B 762 -9.79 -16.27 4.83
C LEU B 762 -10.94 -15.36 4.37
N MET B 763 -11.30 -15.40 3.09
CA MET B 763 -12.47 -14.62 2.60
C MET B 763 -13.75 -15.11 3.29
N ALA B 764 -13.87 -16.43 3.49
CA ALA B 764 -15.05 -17.03 4.16
C ALA B 764 -15.21 -16.45 5.56
N LEU B 765 -14.10 -16.23 6.28
CA LEU B 765 -14.15 -15.81 7.70
C LEU B 765 -14.39 -14.30 7.80
N MET B 766 -13.90 -13.52 6.82
CA MET B 766 -14.17 -12.06 6.78
C MET B 766 -15.62 -11.83 6.39
N GLN B 767 -16.00 -12.36 5.22
CA GLN B 767 -17.33 -12.09 4.62
C GLN B 767 -18.42 -12.69 5.51
N ARG B 768 -18.16 -13.85 6.13
CA ARG B 768 -19.23 -14.62 6.82
C ARG B 768 -18.78 -15.13 8.20
N SER B 769 -18.54 -14.21 9.15
CA SER B 769 -18.44 -14.56 10.60
C SER B 769 -19.62 -15.44 11.01
N ASP B 770 -20.81 -15.15 10.48
CA ASP B 770 -22.07 -15.85 10.84
C ASP B 770 -21.98 -17.36 10.53
N ILE B 771 -21.56 -17.74 9.31
CA ILE B 771 -21.59 -19.18 8.89
C ILE B 771 -20.40 -19.91 9.49
N PHE B 772 -19.18 -19.42 9.21
CA PHE B 772 -17.94 -20.22 9.41
C PHE B 772 -17.34 -19.92 10.79
N ARG B 773 -17.36 -20.93 11.67
CA ARG B 773 -16.76 -20.81 13.03
C ARG B 773 -15.25 -20.63 12.90
N VAL B 774 -14.58 -21.50 12.14
CA VAL B 774 -13.09 -21.46 12.06
C VAL B 774 -12.64 -21.59 10.61
N ALA B 775 -11.60 -20.82 10.24
CA ALA B 775 -10.93 -20.94 8.93
C ALA B 775 -9.50 -21.45 9.15
N ILE B 776 -9.10 -22.47 8.39
CA ILE B 776 -7.69 -22.96 8.40
C ILE B 776 -7.11 -22.69 7.01
N ALA B 777 -6.34 -21.61 6.88
CA ALA B 777 -5.81 -21.19 5.57
C ALA B 777 -4.37 -21.68 5.42
N GLY B 778 -4.10 -22.47 4.38
CA GLY B 778 -2.73 -22.93 4.05
C GLY B 778 -2.17 -22.17 2.86
N ALA B 779 -0.94 -21.66 2.99
CA ALA B 779 -0.26 -20.93 1.90
C ALA B 779 -1.24 -19.99 1.20
N PRO B 780 -1.98 -19.14 1.95
CA PRO B 780 -3.00 -18.30 1.34
C PRO B 780 -2.40 -17.16 0.51
N VAL B 781 -3.07 -16.77 -0.57
CA VAL B 781 -2.69 -15.56 -1.33
C VAL B 781 -3.41 -14.37 -0.68
N THR B 782 -2.71 -13.60 0.15
CA THR B 782 -3.33 -12.49 0.92
C THR B 782 -3.31 -11.17 0.15
N LEU B 783 -2.70 -11.12 -1.04
CA LEU B 783 -2.32 -9.82 -1.66
C LEU B 783 -1.99 -10.00 -3.15
N TRP B 784 -2.98 -9.83 -4.04
CA TRP B 784 -2.80 -10.17 -5.47
C TRP B 784 -1.74 -9.26 -6.11
N ILE B 785 -1.45 -8.13 -5.46
CA ILE B 785 -0.43 -7.18 -6.01
C ILE B 785 0.94 -7.87 -5.98
N PHE B 786 1.09 -8.96 -5.21
CA PHE B 786 2.38 -9.70 -5.09
C PHE B 786 2.45 -10.94 -5.98
N TYR B 787 1.32 -11.50 -6.42
CA TYR B 787 1.38 -12.72 -7.25
C TYR B 787 1.99 -12.35 -8.62
N ASP B 788 2.24 -13.35 -9.48
CA ASP B 788 2.95 -13.12 -10.76
C ASP B 788 2.00 -12.56 -11.82
N THR B 789 2.56 -12.07 -12.93
CA THR B 789 1.77 -11.45 -14.03
C THR B 789 0.94 -12.51 -14.76
N GLY B 790 1.59 -13.56 -15.23
CA GLY B 790 0.93 -14.61 -16.05
C GLY B 790 -0.43 -15.02 -15.49
N TYR B 791 -0.56 -15.15 -14.17
CA TYR B 791 -1.82 -15.64 -13.54
C TYR B 791 -2.73 -14.45 -13.22
N THR B 792 -2.24 -13.56 -12.36
CA THR B 792 -3.07 -12.47 -11.79
C THR B 792 -3.73 -11.63 -12.89
N GLU B 793 -2.95 -11.20 -13.89
CA GLU B 793 -3.49 -10.33 -14.97
C GLU B 793 -4.46 -11.12 -15.86
N ARG B 794 -4.30 -12.44 -15.96
CA ARG B 794 -5.24 -13.26 -16.78
C ARG B 794 -6.66 -13.10 -16.24
N TYR B 795 -6.81 -12.94 -14.92
CA TYR B 795 -8.14 -12.94 -14.26
C TYR B 795 -8.50 -11.53 -13.77
N MET B 796 -7.51 -10.76 -13.28
CA MET B 796 -7.80 -9.46 -12.62
C MET B 796 -7.34 -8.28 -13.50
N GLY B 797 -6.66 -8.54 -14.62
CA GLY B 797 -6.11 -7.47 -15.46
C GLY B 797 -5.05 -6.68 -14.73
N HIS B 798 -4.57 -5.59 -15.35
CA HIS B 798 -3.56 -4.70 -14.70
C HIS B 798 -4.21 -4.03 -13.49
N PRO B 799 -3.53 -3.94 -12.32
CA PRO B 799 -4.12 -3.32 -11.13
C PRO B 799 -4.48 -1.83 -11.26
N ASP B 800 -4.10 -1.19 -12.37
CA ASP B 800 -4.59 0.19 -12.68
C ASP B 800 -6.03 0.12 -13.18
N GLN B 801 -6.37 -0.89 -13.99
CA GLN B 801 -7.73 -1.04 -14.58
C GLN B 801 -8.63 -1.87 -13.67
N ASN B 802 -8.22 -2.10 -12.42
CA ASN B 802 -9.06 -2.88 -11.47
C ASN B 802 -8.66 -2.49 -10.04
N GLU B 803 -8.45 -1.19 -9.80
CA GLU B 803 -8.08 -0.67 -8.46
C GLU B 803 -8.93 -1.32 -7.37
N GLN B 804 -10.24 -1.39 -7.59
CA GLN B 804 -11.20 -1.89 -6.56
C GLN B 804 -11.15 -3.41 -6.46
N GLY B 805 -11.04 -4.11 -7.59
CA GLY B 805 -11.03 -5.59 -7.60
C GLY B 805 -9.83 -6.13 -6.85
N TYR B 806 -8.66 -5.50 -7.06
CA TYR B 806 -7.43 -5.86 -6.31
C TYR B 806 -7.61 -5.56 -4.82
N TYR B 807 -8.27 -4.44 -4.48
CA TYR B 807 -8.50 -4.08 -3.05
C TYR B 807 -9.41 -5.12 -2.40
N LEU B 808 -10.55 -5.42 -3.03
CA LEU B 808 -11.59 -6.28 -2.42
C LEU B 808 -11.14 -7.74 -2.42
N GLY B 809 -10.19 -8.10 -3.29
CA GLY B 809 -9.67 -9.49 -3.36
C GLY B 809 -8.39 -9.72 -2.56
N SER B 810 -7.92 -8.71 -1.82
CA SER B 810 -6.66 -8.84 -1.03
C SER B 810 -6.99 -8.86 0.46
N VAL B 811 -6.99 -10.05 1.09
CA VAL B 811 -7.50 -10.19 2.50
C VAL B 811 -6.62 -9.39 3.48
N ALA B 812 -5.34 -9.15 3.16
CA ALA B 812 -4.45 -8.41 4.07
C ALA B 812 -4.80 -6.92 4.08
N MET B 813 -5.41 -6.44 2.99
CA MET B 813 -5.88 -5.03 2.91
C MET B 813 -7.15 -4.84 3.77
N GLN B 814 -7.65 -5.92 4.38
CA GLN B 814 -9.01 -5.90 5.03
C GLN B 814 -8.93 -6.62 6.37
N ALA B 815 -7.86 -6.38 7.13
CA ALA B 815 -7.61 -7.13 8.39
C ALA B 815 -8.63 -6.77 9.46
N GLU B 816 -9.18 -5.55 9.40
CA GLU B 816 -10.23 -5.09 10.37
C GLU B 816 -11.45 -6.01 10.30
N LYS B 817 -11.74 -6.61 9.14
CA LYS B 817 -12.93 -7.47 8.96
C LYS B 817 -12.78 -8.82 9.67
N PHE B 818 -11.60 -9.16 10.19
CA PHE B 818 -11.41 -10.47 10.87
C PHE B 818 -12.04 -10.43 12.26
N PRO B 819 -12.46 -11.60 12.80
CA PRO B 819 -13.04 -11.67 14.15
C PRO B 819 -12.08 -11.22 15.26
N SER B 820 -12.64 -10.75 16.37
CA SER B 820 -11.83 -10.39 17.57
C SER B 820 -11.96 -11.48 18.64
N GLU B 821 -12.43 -12.68 18.27
CA GLU B 821 -12.29 -13.88 19.14
C GLU B 821 -11.10 -14.71 18.65
N PRO B 822 -10.30 -15.29 19.56
CA PRO B 822 -9.29 -16.27 19.18
C PRO B 822 -9.91 -17.63 18.84
N ASN B 823 -9.07 -18.57 18.37
CA ASN B 823 -9.49 -19.98 18.11
C ASN B 823 -10.46 -20.01 16.92
N ARG B 824 -10.30 -19.09 15.97
CA ARG B 824 -11.13 -19.07 14.73
C ARG B 824 -10.21 -19.07 13.51
N LEU B 825 -9.11 -18.32 13.56
CA LEU B 825 -8.15 -18.24 12.43
C LEU B 825 -6.94 -19.14 12.70
N LEU B 826 -6.60 -20.04 11.78
CA LEU B 826 -5.30 -20.76 11.80
C LEU B 826 -4.60 -20.59 10.44
N LEU B 827 -3.36 -20.09 10.46
CA LEU B 827 -2.58 -19.87 9.22
C LEU B 827 -1.47 -20.92 9.14
N LEU B 828 -1.39 -21.60 7.98
CA LEU B 828 -0.29 -22.57 7.71
C LEU B 828 0.49 -22.06 6.50
N HIS B 829 1.80 -22.26 6.47
CA HIS B 829 2.61 -21.81 5.30
C HIS B 829 3.90 -22.65 5.20
N GLY B 830 4.31 -22.97 3.96
CA GLY B 830 5.67 -23.44 3.70
C GLY B 830 6.64 -22.27 3.80
N PHE B 831 7.64 -22.37 4.67
CA PHE B 831 8.54 -21.22 4.92
C PHE B 831 9.31 -20.88 3.64
N LEU B 832 9.63 -21.87 2.80
CA LEU B 832 10.46 -21.66 1.59
C LEU B 832 9.58 -21.56 0.33
N ASP B 833 8.28 -21.28 0.48
CA ASP B 833 7.37 -21.16 -0.68
C ASP B 833 7.93 -20.10 -1.64
N GLU B 834 8.19 -20.48 -2.89
CA GLU B 834 8.73 -19.56 -3.93
C GLU B 834 7.61 -19.19 -4.92
N ASN B 835 6.41 -19.72 -4.69
CA ASN B 835 5.24 -19.56 -5.60
C ASN B 835 4.26 -18.59 -4.93
N VAL B 836 3.72 -19.00 -3.78
CA VAL B 836 2.97 -18.07 -2.88
C VAL B 836 3.92 -17.66 -1.75
N HIS B 837 4.75 -16.65 -1.99
CA HIS B 837 5.85 -16.28 -1.05
C HIS B 837 5.31 -16.25 0.38
N PHE B 838 6.17 -16.53 1.36
CA PHE B 838 5.75 -16.52 2.79
C PHE B 838 5.36 -15.11 3.26
N ALA B 839 5.57 -14.09 2.43
CA ALA B 839 5.36 -12.69 2.84
C ALA B 839 3.86 -12.38 2.74
N HIS B 840 3.12 -13.15 1.94
CA HIS B 840 1.64 -13.14 2.00
C HIS B 840 1.22 -13.33 3.46
N THR B 841 1.75 -14.37 4.12
CA THR B 841 1.41 -14.65 5.53
C THR B 841 2.08 -13.62 6.45
N SER B 842 3.35 -13.27 6.19
CA SER B 842 4.09 -12.36 7.11
C SER B 842 3.47 -10.95 7.07
N ILE B 843 2.86 -10.56 5.95
CA ILE B 843 2.31 -9.17 5.80
C ILE B 843 0.85 -9.12 6.31
N LEU B 844 0.08 -10.20 6.15
CA LEU B 844 -1.27 -10.27 6.76
C LEU B 844 -1.11 -10.21 8.29
N LEU B 845 -0.24 -11.06 8.84
CA LEU B 845 0.05 -11.08 10.29
C LEU B 845 0.38 -9.66 10.76
N SER B 846 1.15 -8.92 9.96
CA SER B 846 1.53 -7.53 10.29
C SER B 846 0.28 -6.69 10.54
N PHE B 847 -0.71 -6.78 9.65
CA PHE B 847 -1.96 -5.98 9.75
C PHE B 847 -2.92 -6.55 10.80
N LEU B 848 -2.90 -7.86 11.04
CA LEU B 848 -3.70 -8.44 12.16
C LEU B 848 -3.15 -7.89 13.48
N VAL B 849 -1.83 -7.79 13.59
CA VAL B 849 -1.17 -7.26 14.83
C VAL B 849 -1.57 -5.79 15.03
N ARG B 850 -1.58 -4.98 13.95
CA ARG B 850 -1.98 -3.55 14.04
C ARG B 850 -3.46 -3.46 14.41
N ALA B 851 -4.28 -4.34 13.82
CA ALA B 851 -5.74 -4.33 14.05
C ALA B 851 -6.09 -5.01 15.38
N GLY B 852 -5.09 -5.41 16.17
CA GLY B 852 -5.33 -6.05 17.47
C GLY B 852 -6.16 -7.32 17.34
N LYS B 853 -6.09 -7.99 16.18
CA LYS B 853 -6.81 -9.27 15.98
C LYS B 853 -5.92 -10.42 16.42
N PRO B 854 -6.49 -11.59 16.81
CA PRO B 854 -5.71 -12.77 17.15
C PRO B 854 -5.61 -13.77 15.99
N TYR B 855 -4.54 -14.55 15.96
CA TYR B 855 -4.31 -15.61 14.94
C TYR B 855 -3.65 -16.82 15.60
N ASP B 856 -3.76 -17.98 14.97
CA ASP B 856 -2.90 -19.15 15.31
C ASP B 856 -2.05 -19.44 14.07
N LEU B 857 -0.79 -19.89 14.27
CA LEU B 857 0.17 -19.97 13.13
C LEU B 857 1.01 -21.25 13.25
N GLN B 858 0.98 -22.09 12.20
CA GLN B 858 1.96 -23.19 12.05
C GLN B 858 2.84 -22.90 10.82
N ILE B 859 4.15 -22.89 11.02
CA ILE B 859 5.11 -22.81 9.88
C ILE B 859 5.67 -24.21 9.63
N TYR B 860 5.87 -24.56 8.35
CA TYR B 860 6.57 -25.81 7.97
C TYR B 860 7.91 -25.42 7.35
N PRO B 861 8.99 -25.28 8.15
CA PRO B 861 10.21 -24.61 7.71
C PRO B 861 11.01 -25.29 6.60
N GLN B 862 10.79 -26.59 6.37
CA GLN B 862 11.53 -27.33 5.31
C GLN B 862 10.71 -27.37 4.01
N GLU B 863 9.47 -26.87 4.02
CA GLU B 863 8.56 -27.08 2.86
C GLU B 863 8.47 -25.83 2.00
N ARG B 864 8.19 -26.05 0.70
CA ARG B 864 7.94 -24.96 -0.28
C ARG B 864 6.42 -24.88 -0.46
N HIS B 865 5.94 -24.66 -1.70
CA HIS B 865 4.47 -24.62 -1.92
C HIS B 865 3.88 -25.97 -1.51
N SER B 866 4.38 -27.06 -2.11
CA SER B 866 3.91 -28.43 -1.77
C SER B 866 4.54 -28.91 -0.45
N ILE B 867 4.00 -29.99 0.12
CA ILE B 867 4.59 -30.69 1.30
C ILE B 867 5.23 -32.01 0.82
N ARG B 868 6.57 -32.10 0.81
CA ARG B 868 7.29 -33.29 0.30
C ARG B 868 7.75 -34.17 1.47
N VAL B 869 8.50 -33.59 2.42
CA VAL B 869 8.92 -34.33 3.65
C VAL B 869 7.67 -34.89 4.33
N PRO B 870 7.63 -36.19 4.68
CA PRO B 870 6.43 -36.79 5.28
C PRO B 870 6.23 -36.37 6.74
N GLU B 871 7.32 -36.31 7.53
CA GLU B 871 7.27 -35.75 8.90
C GLU B 871 6.39 -34.48 8.90
N SER B 872 6.56 -33.62 7.88
CA SER B 872 5.74 -32.39 7.74
C SER B 872 4.27 -32.74 7.51
N GLY B 873 3.99 -33.56 6.49
CA GLY B 873 2.61 -33.98 6.18
C GLY B 873 1.92 -34.59 7.38
N GLU B 874 2.64 -35.38 8.19
CA GLU B 874 2.07 -36.03 9.39
C GLU B 874 1.70 -34.98 10.43
N HIS B 875 2.60 -34.02 10.66
CA HIS B 875 2.37 -32.91 11.63
C HIS B 875 1.17 -32.09 11.17
N TYR B 876 1.06 -31.78 9.88
CA TYR B 876 -0.08 -30.98 9.34
C TYR B 876 -1.40 -31.71 9.66
N GLU B 877 -1.48 -33.01 9.35
CA GLU B 877 -2.71 -33.80 9.59
C GLU B 877 -2.99 -33.88 11.09
N LEU B 878 -1.95 -34.21 11.88
CA LEU B 878 -2.08 -34.32 13.35
C LEU B 878 -2.62 -33.00 13.90
N HIS B 879 -1.95 -31.87 13.60
CA HIS B 879 -2.37 -30.54 14.12
C HIS B 879 -3.80 -30.23 13.66
N LEU B 880 -4.10 -30.44 12.37
CA LEU B 880 -5.41 -30.05 11.78
C LEU B 880 -6.53 -30.78 12.53
N LEU B 881 -6.39 -32.09 12.76
CA LEU B 881 -7.41 -32.86 13.52
C LEU B 881 -7.53 -32.29 14.94
N HIS B 882 -6.42 -32.28 15.68
CA HIS B 882 -6.43 -31.74 17.06
C HIS B 882 -7.11 -30.36 17.08
N TYR B 883 -6.77 -29.50 16.11
CA TYR B 883 -7.30 -28.11 16.08
C TYR B 883 -8.82 -28.12 15.87
N LEU B 884 -9.30 -28.85 14.85
CA LEU B 884 -10.77 -28.95 14.60
C LEU B 884 -11.44 -29.55 15.84
N GLN B 885 -10.91 -30.67 16.35
CA GLN B 885 -11.43 -31.27 17.59
C GLN B 885 -11.49 -30.22 18.69
N GLU B 886 -10.36 -29.61 19.01
CA GLU B 886 -10.27 -28.67 20.18
C GLU B 886 -11.10 -27.40 19.95
N ASN B 887 -11.32 -26.98 18.70
CA ASN B 887 -11.95 -25.67 18.41
C ASN B 887 -13.23 -25.83 17.58
N LEU B 888 -13.77 -27.05 17.44
CA LEU B 888 -15.02 -27.24 16.65
C LEU B 888 -15.88 -28.38 17.22
N GLY B 889 -15.45 -29.64 17.06
CA GLY B 889 -16.32 -30.80 17.33
C GLY B 889 -16.54 -31.04 18.81
N SER B 890 -15.45 -31.17 19.58
CA SER B 890 -15.48 -31.73 20.96
C SER B 890 -16.35 -30.87 21.90
N ARG B 891 -16.63 -31.39 23.09
CA ARG B 891 -17.39 -30.65 24.14
C ARG B 891 -16.66 -29.37 24.50
N ILE B 892 -15.37 -29.49 24.88
CA ILE B 892 -14.52 -28.37 25.36
C ILE B 892 -14.64 -27.17 24.41
N ALA B 893 -14.85 -27.42 23.11
CA ALA B 893 -14.98 -26.34 22.09
C ALA B 893 -16.22 -25.48 22.37
N ALA B 894 -17.38 -26.10 22.61
CA ALA B 894 -18.64 -25.37 22.89
C ALA B 894 -18.53 -24.61 24.20
N LEU B 895 -17.74 -25.10 25.17
CA LEU B 895 -17.52 -24.39 26.46
C LEU B 895 -16.67 -23.13 26.19
N LYS B 896 -15.60 -23.25 25.41
CA LYS B 896 -14.67 -22.12 25.12
C LYS B 896 -15.45 -20.85 24.76
N VAL B 897 -16.48 -20.97 23.90
CA VAL B 897 -17.22 -19.79 23.38
C VAL B 897 -17.66 -18.92 24.55
N LEU C 48 -6.69 -26.55 51.00
CA LEU C 48 -5.98 -25.85 49.88
C LEU C 48 -6.88 -25.87 48.63
N GLU C 49 -7.72 -24.84 48.45
CA GLU C 49 -8.66 -24.79 47.30
C GLU C 49 -8.01 -24.05 46.14
N PRO C 50 -8.12 -24.56 44.89
CA PRO C 50 -7.53 -23.90 43.73
C PRO C 50 -8.29 -22.62 43.34
N PHE C 51 -7.59 -21.48 43.24
CA PHE C 51 -8.18 -20.23 42.69
C PHE C 51 -8.13 -20.28 41.16
N TYR C 52 -9.14 -19.71 40.50
CA TYR C 52 -9.20 -19.68 39.02
C TYR C 52 -9.45 -18.23 38.56
N VAL C 53 -8.65 -17.76 37.61
CA VAL C 53 -8.70 -16.31 37.20
C VAL C 53 -9.95 -16.07 36.36
N GLU C 54 -10.56 -14.89 36.52
CA GLU C 54 -11.76 -14.50 35.75
C GLU C 54 -11.45 -14.62 34.26
N ARG C 55 -12.19 -15.48 33.56
CA ARG C 55 -12.04 -15.61 32.08
C ARG C 55 -12.61 -14.37 31.39
N TYR C 56 -11.77 -13.37 31.15
CA TYR C 56 -12.16 -12.23 30.28
C TYR C 56 -12.08 -12.68 28.82
N SER C 57 -12.86 -12.05 27.93
CA SER C 57 -12.74 -12.27 26.47
C SER C 57 -11.51 -11.53 25.94
N TRP C 58 -11.15 -11.77 24.68
CA TRP C 58 -10.02 -11.07 24.01
C TRP C 58 -10.29 -9.56 23.96
N SER C 59 -11.52 -9.17 23.60
CA SER C 59 -11.88 -7.73 23.53
C SER C 59 -11.90 -7.13 24.95
N GLN C 60 -12.37 -7.90 25.93
CA GLN C 60 -12.42 -7.43 27.35
C GLN C 60 -10.99 -7.18 27.85
N LEU C 61 -10.13 -8.20 27.75
CA LEU C 61 -8.70 -8.11 28.19
C LEU C 61 -7.98 -6.94 27.52
N LYS C 62 -8.26 -6.67 26.24
CA LYS C 62 -7.64 -5.54 25.51
C LYS C 62 -8.05 -4.22 26.18
N LYS C 63 -9.32 -4.11 26.58
CA LYS C 63 -9.83 -2.91 27.31
C LYS C 63 -9.10 -2.80 28.66
N LEU C 64 -9.12 -3.88 29.45
CA LEU C 64 -8.44 -3.93 30.77
C LEU C 64 -7.02 -3.38 30.65
N LEU C 65 -6.26 -3.84 29.65
CA LEU C 65 -4.86 -3.38 29.45
C LEU C 65 -4.85 -1.91 29.02
N ALA C 66 -5.68 -1.53 28.04
CA ALA C 66 -5.71 -0.14 27.53
C ALA C 66 -6.07 0.83 28.67
N ASP C 67 -6.98 0.42 29.56
CA ASP C 67 -7.39 1.26 30.72
C ASP C 67 -6.19 1.47 31.66
N THR C 68 -5.50 0.39 32.03
CA THR C 68 -4.35 0.46 32.97
C THR C 68 -3.14 1.10 32.28
N ARG C 69 -2.97 0.85 30.97
CA ARG C 69 -1.87 1.43 30.15
C ARG C 69 -2.08 2.95 30.02
N LYS C 70 -3.33 3.41 30.06
CA LYS C 70 -3.69 4.86 29.93
C LYS C 70 -2.94 5.69 31.00
N TYR C 71 -2.85 5.16 32.23
CA TYR C 71 -2.02 5.79 33.29
C TYR C 71 -0.55 5.77 32.85
N HIS C 72 0.35 6.32 33.68
CA HIS C 72 1.81 6.35 33.39
C HIS C 72 2.08 7.38 32.28
N LYS C 78 11.61 10.45 30.36
CA LYS C 78 12.98 9.98 30.70
C LYS C 78 13.65 11.00 31.63
N ALA C 79 14.30 10.53 32.70
CA ALA C 79 15.05 11.40 33.65
C ALA C 79 16.25 12.03 32.96
N PRO C 80 16.82 13.13 33.49
CA PRO C 80 18.00 13.75 32.88
C PRO C 80 19.27 12.90 33.00
N HIS C 81 20.22 13.13 32.09
CA HIS C 81 21.47 12.32 32.01
C HIS C 81 22.54 13.12 31.25
N ASP C 82 23.72 12.53 31.03
CA ASP C 82 24.86 13.26 30.41
C ASP C 82 24.97 14.63 31.06
N PHE C 83 25.11 14.68 32.39
CA PHE C 83 25.27 15.97 33.11
C PHE C 83 26.68 16.53 32.87
N MET C 84 26.85 17.83 33.02
CA MET C 84 28.18 18.48 32.88
C MET C 84 28.18 19.83 33.60
N PHE C 85 29.18 20.06 34.46
CA PHE C 85 29.26 21.27 35.31
C PHE C 85 30.25 22.27 34.69
N VAL C 86 29.83 23.52 34.51
CA VAL C 86 30.79 24.59 34.09
C VAL C 86 30.76 25.70 35.14
N LYS C 87 31.95 26.06 35.67
CA LYS C 87 32.08 27.12 36.69
C LYS C 87 31.77 28.48 36.05
N ARG C 88 30.96 29.30 36.72
CA ARG C 88 30.55 30.62 36.19
C ARG C 88 31.73 31.60 36.28
N ASN C 89 32.59 31.46 37.28
CA ASN C 89 33.68 32.44 37.53
C ASN C 89 33.07 33.85 37.54
N ASP C 90 31.94 34.02 38.21
CA ASP C 90 31.31 35.35 38.40
C ASP C 90 31.38 35.69 39.88
N PRO C 91 32.47 36.34 40.36
CA PRO C 91 32.64 36.63 41.78
C PRO C 91 31.51 37.50 42.35
N ASP C 92 30.82 38.27 41.49
CA ASP C 92 29.71 39.17 41.92
C ASP C 92 28.34 38.51 41.68
N GLY C 93 28.26 37.50 40.80
CA GLY C 93 26.99 36.85 40.47
C GLY C 93 26.50 35.94 41.60
N PRO C 94 25.20 35.55 41.63
CA PRO C 94 24.67 34.67 42.67
C PRO C 94 24.86 33.18 42.38
N HIS C 95 25.44 32.83 41.22
CA HIS C 95 25.51 31.42 40.74
C HIS C 95 26.97 30.93 40.76
N SER C 96 27.23 29.76 41.34
CA SER C 96 28.59 29.17 41.36
C SER C 96 28.85 28.44 40.03
N ASP C 97 27.96 27.50 39.68
CA ASP C 97 28.11 26.70 38.43
C ASP C 97 26.82 26.82 37.59
N ARG C 98 26.92 26.44 36.32
CA ARG C 98 25.73 26.12 35.48
C ARG C 98 25.88 24.67 34.98
N ILE C 99 24.89 23.82 35.26
CA ILE C 99 24.94 22.40 34.82
C ILE C 99 24.20 22.27 33.49
N TYR C 100 24.78 21.52 32.54
CA TYR C 100 24.12 21.18 31.26
C TYR C 100 23.73 19.70 31.29
N TYR C 101 22.62 19.33 30.65
CA TYR C 101 22.17 17.91 30.67
C TYR C 101 21.14 17.64 29.58
N LEU C 102 21.07 16.38 29.15
CA LEU C 102 20.02 15.91 28.20
C LEU C 102 18.82 15.44 29.01
N ALA C 103 17.62 15.75 28.54
CA ALA C 103 16.36 15.31 29.18
C ALA C 103 15.21 15.49 28.20
N MET C 104 14.05 14.89 28.51
CA MET C 104 12.84 15.01 27.67
C MET C 104 12.01 16.20 28.16
N SER C 105 11.62 17.09 27.25
CA SER C 105 10.83 18.32 27.60
C SER C 105 9.90 18.03 28.78
N ARG C 109 7.48 14.07 23.63
CA ARG C 109 8.31 15.25 23.26
C ARG C 109 9.75 14.79 22.96
N GLU C 110 10.55 15.67 22.34
CA GLU C 110 11.93 15.33 21.91
C GLU C 110 12.87 15.28 23.13
N ASN C 111 14.07 14.74 22.92
CA ASN C 111 15.15 14.66 23.95
C ASN C 111 16.23 15.70 23.59
N THR C 112 16.41 16.75 24.40
CA THR C 112 17.32 17.87 24.04
C THR C 112 18.12 18.41 25.23
N LEU C 113 19.06 19.32 24.95
CA LEU C 113 19.93 19.94 25.98
C LEU C 113 19.14 20.96 26.82
N PHE C 114 19.29 20.90 28.14
CA PHE C 114 18.81 21.95 29.08
C PHE C 114 19.98 22.42 29.96
N TYR C 115 19.83 23.60 30.58
CA TYR C 115 20.77 24.04 31.65
C TYR C 115 19.96 24.44 32.89
N SER C 116 20.60 24.33 34.05
CA SER C 116 20.07 24.90 35.31
C SER C 116 21.19 25.70 35.98
N GLU C 117 20.81 26.63 36.87
CA GLU C 117 21.80 27.48 37.58
C GLU C 117 22.06 26.87 38.96
N ILE C 118 23.33 26.74 39.36
CA ILE C 118 23.64 26.31 40.76
C ILE C 118 23.83 27.58 41.59
N PRO C 119 23.04 27.78 42.67
CA PRO C 119 23.23 28.92 43.56
C PRO C 119 24.59 28.83 44.30
N LYS C 120 25.25 29.97 44.47
CA LYS C 120 26.46 30.05 45.33
C LYS C 120 26.10 29.63 46.76
N THR C 121 24.84 29.84 47.15
CA THR C 121 24.38 29.66 48.55
C THR C 121 22.89 29.28 48.55
N ILE C 122 22.41 28.62 49.60
CA ILE C 122 20.99 28.17 49.67
C ILE C 122 20.39 28.51 51.03
N ASN C 123 19.09 28.81 51.07
CA ASN C 123 18.30 28.75 52.32
C ASN C 123 18.15 27.27 52.71
N ARG C 124 18.73 26.87 53.86
CA ARG C 124 18.72 25.44 54.26
C ARG C 124 17.35 25.06 54.82
N ALA C 125 16.53 26.04 55.23
CA ALA C 125 15.17 25.78 55.77
C ALA C 125 14.31 25.07 54.73
N ALA C 126 14.38 25.50 53.46
CA ALA C 126 13.47 25.03 52.39
C ALA C 126 14.23 24.25 51.31
N VAL C 127 13.49 23.48 50.51
CA VAL C 127 14.03 22.72 49.34
C VAL C 127 14.06 23.67 48.12
N LEU C 128 15.12 23.59 47.33
CA LEU C 128 15.19 24.33 46.04
C LEU C 128 14.97 23.34 44.88
N MET C 129 14.01 23.60 43.99
CA MET C 129 13.85 22.78 42.75
C MET C 129 14.35 23.61 41.55
N LEU C 130 15.49 23.22 40.97
CA LEU C 130 16.11 23.96 39.85
C LEU C 130 15.14 23.98 38.65
N SER C 131 14.82 25.18 38.15
CA SER C 131 14.01 25.31 36.91
C SER C 131 14.90 24.96 35.70
N TRP C 132 14.36 24.20 34.73
CA TRP C 132 15.11 23.76 33.53
C TRP C 132 14.97 24.82 32.43
N LYS C 133 16.07 25.51 32.10
CA LYS C 133 16.08 26.43 30.92
C LYS C 133 16.42 25.62 29.68
N PRO C 134 15.59 25.66 28.61
CA PRO C 134 15.99 25.07 27.33
C PRO C 134 17.22 25.82 26.77
N LEU C 135 18.24 25.06 26.35
CA LEU C 135 19.45 25.66 25.74
C LEU C 135 19.20 25.95 24.25
N LEU C 136 18.18 25.33 23.66
CA LEU C 136 18.06 25.30 22.18
C LEU C 136 16.72 25.89 21.71
N ASP C 137 16.68 26.30 20.43
CA ASP C 137 15.56 27.07 19.85
C ASP C 137 14.88 26.20 18.77
N LEU C 138 13.69 25.67 19.07
CA LEU C 138 13.02 24.67 18.20
C LEU C 138 11.54 25.05 18.03
N TYR C 148 14.64 7.60 9.99
CA TYR C 148 15.98 7.05 10.32
C TYR C 148 16.56 6.33 9.09
N SER C 149 17.86 6.49 8.85
CA SER C 149 18.59 5.69 7.82
C SER C 149 18.73 4.25 8.33
N ARG C 150 19.29 3.35 7.50
CA ARG C 150 19.50 1.93 7.92
C ARG C 150 20.62 1.87 8.98
N GLU C 151 21.63 2.73 8.87
CA GLU C 151 22.83 2.67 9.77
C GLU C 151 22.56 3.44 11.08
N GLU C 152 21.63 4.40 11.08
CA GLU C 152 21.24 5.08 12.34
C GLU C 152 20.25 4.21 13.12
N GLU C 153 19.50 3.35 12.41
CA GLU C 153 18.50 2.44 13.04
C GLU C 153 19.22 1.26 13.70
N LEU C 154 20.30 0.75 13.08
CA LEU C 154 21.11 -0.36 13.65
C LEU C 154 21.88 0.13 14.88
N LEU C 155 22.51 1.31 14.81
CA LEU C 155 23.22 1.93 15.97
C LEU C 155 22.28 1.97 17.18
N ARG C 156 21.02 2.37 16.99
CA ARG C 156 20.04 2.54 18.10
C ARG C 156 19.64 1.17 18.68
N GLU C 157 19.71 0.12 17.87
CA GLU C 157 19.49 -1.28 18.37
C GLU C 157 20.70 -1.72 19.20
N ARG C 158 21.92 -1.42 18.72
CA ARG C 158 23.18 -1.83 19.40
C ARG C 158 23.32 -1.07 20.72
N LYS C 159 23.08 0.25 20.70
CA LYS C 159 23.10 1.10 21.93
C LYS C 159 21.86 0.83 22.79
N ARG C 160 20.76 0.37 22.17
CA ARG C 160 19.46 0.13 22.87
C ARG C 160 18.81 1.48 23.21
N ILE C 161 18.97 2.49 22.35
CA ILE C 161 18.29 3.81 22.50
C ILE C 161 16.80 3.63 22.20
N GLY C 162 15.93 4.09 23.10
CA GLY C 162 14.49 4.22 22.81
C GLY C 162 14.12 5.64 22.41
N THR C 163 14.86 6.63 22.91
CA THR C 163 14.46 8.06 22.84
C THR C 163 14.76 8.65 21.46
N VAL C 164 14.08 9.74 21.11
CA VAL C 164 14.27 10.47 19.83
C VAL C 164 14.85 11.86 20.14
N GLY C 165 15.75 12.36 19.29
CA GLY C 165 16.31 13.72 19.44
C GLY C 165 17.82 13.68 19.56
N ILE C 166 18.36 14.24 20.66
CA ILE C 166 19.84 14.26 20.89
C ILE C 166 20.19 13.12 21.85
N ALA C 167 21.03 12.18 21.39
CA ALA C 167 21.41 10.99 22.18
C ALA C 167 22.62 11.32 23.06
N SER C 168 23.63 11.98 22.48
CA SER C 168 24.86 12.38 23.21
C SER C 168 25.28 13.78 22.75
N TYR C 169 26.39 14.31 23.30
CA TYR C 169 26.95 15.60 22.83
C TYR C 169 28.40 15.76 23.30
N ASP C 170 29.14 16.66 22.65
CA ASP C 170 30.54 16.99 23.04
C ASP C 170 30.58 18.40 23.62
N TYR C 171 31.69 18.73 24.30
CA TYR C 171 31.89 20.10 24.83
C TYR C 171 33.39 20.37 24.92
N HIS C 172 33.86 21.40 24.23
CA HIS C 172 35.27 21.86 24.35
C HIS C 172 35.34 22.85 25.52
N GLN C 173 35.96 22.43 26.63
CA GLN C 173 36.02 23.24 27.88
C GLN C 173 36.46 24.67 27.53
N GLY C 174 37.52 24.80 26.73
CA GLY C 174 38.15 26.11 26.41
C GLY C 174 37.20 27.07 25.70
N SER C 175 36.47 26.59 24.69
CA SER C 175 35.75 27.48 23.73
C SER C 175 34.26 27.60 24.09
N GLY C 176 33.71 26.61 24.81
CA GLY C 176 32.26 26.57 25.08
C GLY C 176 31.49 25.91 23.95
N THR C 177 32.20 25.31 22.98
CA THR C 177 31.58 24.71 21.77
C THR C 177 30.89 23.39 22.15
N PHE C 178 29.56 23.36 22.08
CA PHE C 178 28.82 22.06 22.05
C PHE C 178 28.84 21.53 20.61
N LEU C 179 28.78 20.20 20.46
CA LEU C 179 28.62 19.57 19.12
C LEU C 179 27.75 18.33 19.28
N PHE C 180 26.65 18.23 18.53
CA PHE C 180 25.71 17.09 18.69
C PHE C 180 25.04 16.76 17.36
N GLN C 181 24.84 15.46 17.11
CA GLN C 181 23.96 15.00 16.01
C GLN C 181 22.51 15.10 16.50
N ALA C 182 21.58 15.35 15.58
CA ALA C 182 20.13 15.38 15.89
C ALA C 182 19.36 15.09 14.61
N GLY C 183 18.78 13.88 14.50
CA GLY C 183 18.37 13.34 13.20
C GLY C 183 19.59 13.23 12.27
N SER C 184 19.43 13.62 11.01
CA SER C 184 20.55 13.58 10.04
C SER C 184 21.54 14.73 10.33
N GLY C 185 21.04 15.82 10.92
CA GLY C 185 21.83 17.05 11.06
C GLY C 185 22.92 16.94 12.11
N ILE C 186 24.00 17.70 11.91
CA ILE C 186 25.08 17.89 12.92
C ILE C 186 25.11 19.39 13.27
N TYR C 187 25.06 19.72 14.56
CA TYR C 187 24.88 21.13 14.97
C TYR C 187 25.93 21.51 16.03
N HIS C 188 26.16 22.82 16.19
CA HIS C 188 27.03 23.33 17.29
C HIS C 188 26.41 24.61 17.86
N VAL C 189 26.61 24.84 19.16
CA VAL C 189 26.33 26.16 19.81
C VAL C 189 27.53 26.48 20.70
N LYS C 190 27.63 27.72 21.19
CA LYS C 190 28.69 28.06 22.18
C LYS C 190 28.00 28.56 23.46
N ASP C 191 28.45 28.08 24.62
CA ASP C 191 27.93 28.61 25.92
C ASP C 191 28.90 28.25 27.05
N GLY C 192 29.31 29.24 27.84
CA GLY C 192 30.16 29.03 29.03
C GLY C 192 31.64 29.23 28.73
N GLY C 193 31.99 29.48 27.47
CA GLY C 193 33.41 29.69 27.09
C GLY C 193 33.89 31.09 27.47
N PRO C 194 34.87 31.67 26.74
CA PRO C 194 35.21 33.08 26.89
C PRO C 194 33.99 33.98 26.65
N GLN C 195 33.05 33.51 25.83
CA GLN C 195 31.93 34.37 25.31
C GLN C 195 30.73 34.35 26.27
N GLY C 196 30.89 33.79 27.48
CA GLY C 196 29.89 33.98 28.56
C GLY C 196 28.64 33.13 28.37
N PHE C 197 27.58 33.45 29.11
CA PHE C 197 26.44 32.51 29.33
C PHE C 197 25.14 33.13 28.79
N THR C 198 24.44 32.38 27.93
CA THR C 198 23.13 32.81 27.39
C THR C 198 22.10 32.89 28.52
N GLN C 199 21.21 33.88 28.48
CA GLN C 199 20.02 33.92 29.36
C GLN C 199 18.79 33.44 28.59
N GLN C 200 18.92 33.24 27.27
CA GLN C 200 17.79 32.83 26.39
C GLN C 200 18.25 31.69 25.48
N PRO C 201 17.33 30.81 25.01
CA PRO C 201 17.70 29.68 24.15
C PRO C 201 18.63 30.09 23.00
N LEU C 202 19.65 29.28 22.72
CA LEU C 202 20.54 29.50 21.55
C LEU C 202 19.97 28.79 20.32
N ARG C 203 20.42 29.18 19.12
CA ARG C 203 19.91 28.58 17.87
C ARG C 203 20.97 27.61 17.34
N PRO C 204 20.61 26.35 17.00
CA PRO C 204 21.58 25.35 16.58
C PRO C 204 22.18 25.67 15.22
N ASN C 205 23.51 25.69 15.12
CA ASN C 205 24.21 26.02 13.84
C ASN C 205 24.50 24.74 13.07
N LEU C 206 23.80 24.52 11.95
CA LEU C 206 23.99 23.30 11.12
C LEU C 206 25.41 23.29 10.52
N VAL C 207 26.17 22.23 10.80
CA VAL C 207 27.45 21.96 10.06
C VAL C 207 27.07 21.53 8.66
N GLU C 208 27.32 22.39 7.66
CA GLU C 208 26.93 22.10 6.26
C GLU C 208 27.84 20.99 5.70
N THR C 209 27.42 20.31 4.62
CA THR C 209 28.26 19.25 4.00
C THR C 209 27.96 19.13 2.50
N SER C 210 28.88 18.52 1.76
CA SER C 210 28.65 18.03 0.38
C SER C 210 28.35 16.52 0.39
N CYS C 211 28.49 15.87 1.55
CA CYS C 211 28.41 14.39 1.65
C CYS C 211 26.98 13.92 1.33
N PRO C 212 26.82 13.02 0.33
CA PRO C 212 25.48 12.55 -0.07
C PRO C 212 24.67 11.93 1.07
N ASN C 213 25.13 10.78 1.59
CA ASN C 213 24.41 9.99 2.62
C ASN C 213 24.65 10.57 4.02
N ILE C 214 23.91 10.06 5.01
CA ILE C 214 23.90 10.59 6.41
C ILE C 214 25.31 10.52 7.02
N ARG C 215 25.59 11.40 8.00
CA ARG C 215 26.88 11.38 8.74
C ARG C 215 26.67 10.79 10.14
N MET C 216 27.50 9.80 10.51
CA MET C 216 27.40 9.14 11.84
C MET C 216 28.60 9.53 12.71
N ASP C 217 28.38 9.63 14.03
CA ASP C 217 29.47 9.64 15.06
C ASP C 217 30.32 10.90 14.92
N PRO C 218 29.75 12.11 15.14
CA PRO C 218 30.55 13.33 15.12
C PRO C 218 31.36 13.48 16.42
N LYS C 219 32.59 13.99 16.31
CA LYS C 219 33.43 14.28 17.51
C LYS C 219 34.22 15.58 17.30
N LEU C 220 34.22 16.45 18.32
CA LEU C 220 35.05 17.69 18.32
C LEU C 220 36.52 17.33 18.50
N CYS C 221 37.39 17.90 17.67
CA CYS C 221 38.85 17.90 17.98
C CYS C 221 39.04 18.69 19.28
N PRO C 222 39.63 18.11 20.33
CA PRO C 222 39.96 18.85 21.55
C PRO C 222 41.12 19.83 21.33
N ALA C 223 42.00 19.55 20.37
CA ALA C 223 43.20 20.39 20.12
C ALA C 223 42.85 21.62 19.27
N ASP C 224 41.68 21.65 18.64
CA ASP C 224 41.16 22.86 17.94
C ASP C 224 39.67 22.68 17.68
N PRO C 225 38.77 23.37 18.44
CA PRO C 225 37.34 23.16 18.31
C PRO C 225 36.65 23.81 17.09
N ASP C 226 37.45 24.33 16.14
CA ASP C 226 36.92 24.68 14.79
C ASP C 226 36.77 23.38 13.99
N TRP C 227 37.68 22.42 14.18
CA TRP C 227 37.66 21.14 13.43
C TRP C 227 36.77 20.09 14.13
N ILE C 228 36.02 19.33 13.34
CA ILE C 228 35.28 18.12 13.83
C ILE C 228 35.62 16.95 12.91
N ALA C 229 35.28 15.73 13.33
CA ALA C 229 35.37 14.55 12.43
C ALA C 229 34.02 13.82 12.46
N PHE C 230 33.79 12.96 11.47
CA PHE C 230 32.57 12.12 11.45
C PHE C 230 32.80 10.96 10.47
N ILE C 231 31.90 9.99 10.48
CA ILE C 231 31.98 8.85 9.52
C ILE C 231 30.94 9.07 8.42
N HIS C 232 31.32 8.79 7.17
CA HIS C 232 30.40 8.82 6.02
C HIS C 232 30.74 7.65 5.08
N SER C 233 29.82 6.69 4.95
CA SER C 233 30.05 5.48 4.13
C SER C 233 31.35 4.79 4.56
N ASN C 234 31.51 4.59 5.87
CA ASN C 234 32.66 3.83 6.46
C ASN C 234 34.00 4.46 6.09
N ASP C 235 34.07 5.80 6.03
CA ASP C 235 35.37 6.48 5.91
C ASP C 235 35.33 7.71 6.81
N ILE C 236 36.50 8.16 7.29
CA ILE C 236 36.57 9.29 8.26
C ILE C 236 36.65 10.60 7.46
N TRP C 237 35.78 11.54 7.79
CA TRP C 237 35.80 12.90 7.19
C TRP C 237 36.13 13.91 8.29
N ILE C 238 36.76 15.03 7.92
CA ILE C 238 36.88 16.18 8.86
C ILE C 238 36.24 17.40 8.19
N SER C 239 35.71 18.30 9.01
CA SER C 239 34.99 19.50 8.52
C SER C 239 35.27 20.66 9.48
N ASN C 240 35.84 21.75 8.97
CA ASN C 240 36.05 22.99 9.78
C ASN C 240 34.72 23.73 9.84
N ILE C 241 34.29 24.15 11.04
CA ILE C 241 32.92 24.74 11.21
C ILE C 241 33.02 26.27 11.27
N VAL C 242 34.09 26.86 10.70
CA VAL C 242 34.08 28.32 10.39
C VAL C 242 34.51 28.51 8.92
N THR C 243 35.55 27.80 8.45
CA THR C 243 35.98 27.89 7.03
C THR C 243 35.09 27.01 6.14
N ARG C 244 34.23 26.16 6.74
CA ARG C 244 33.34 25.26 5.97
C ARG C 244 34.15 24.32 5.08
N GLU C 245 35.47 24.27 5.26
CA GLU C 245 36.33 23.31 4.51
C GLU C 245 35.96 21.89 4.97
N GLU C 246 35.98 20.94 4.04
CA GLU C 246 35.49 19.56 4.31
C GLU C 246 36.41 18.58 3.57
N ARG C 247 37.12 17.73 4.31
CA ARG C 247 38.14 16.82 3.70
C ARG C 247 37.83 15.39 4.08
N ARG C 248 38.01 14.47 3.12
CA ARG C 248 37.87 13.02 3.37
C ARG C 248 39.25 12.44 3.69
N LEU C 249 39.41 11.79 4.84
CA LEU C 249 40.73 11.34 5.35
C LEU C 249 41.03 9.89 4.94
N THR C 250 40.02 9.08 4.66
CA THR C 250 40.23 7.65 4.33
C THR C 250 39.46 7.28 3.06
N TYR C 251 40.04 6.41 2.22
CA TYR C 251 39.43 6.02 0.93
C TYR C 251 39.33 4.50 0.88
N VAL C 252 38.74 3.91 1.92
CA VAL C 252 38.76 2.44 2.15
C VAL C 252 37.45 1.80 1.68
N HIS C 253 36.35 2.57 1.59
CA HIS C 253 35.03 1.97 1.25
C HIS C 253 34.44 2.68 0.04
N ASN C 254 34.06 1.92 -0.99
CA ASN C 254 33.29 2.44 -2.15
C ASN C 254 31.79 2.31 -1.82
N GLU C 255 31.12 3.45 -1.55
CA GLU C 255 29.68 3.44 -1.18
C GLU C 255 28.86 2.79 -2.30
N LEU C 256 29.27 2.97 -3.56
CA LEU C 256 28.48 2.49 -4.74
C LEU C 256 28.73 1.00 -5.00
N ALA C 257 29.87 0.45 -4.57
CA ALA C 257 30.16 -0.99 -4.75
C ALA C 257 29.26 -1.82 -3.81
N ASN C 258 29.00 -3.09 -4.16
CA ASN C 258 28.10 -3.95 -3.34
C ASN C 258 28.86 -4.39 -2.09
N MET C 259 28.14 -4.67 -1.00
CA MET C 259 28.76 -4.90 0.34
C MET C 259 29.48 -6.27 0.35
N GLU C 260 29.03 -7.21 -0.49
CA GLU C 260 29.68 -8.54 -0.63
C GLU C 260 31.12 -8.38 -1.15
N GLU C 261 31.34 -7.44 -2.08
CA GLU C 261 32.67 -7.29 -2.72
C GLU C 261 33.51 -6.24 -1.97
N ASP C 262 32.90 -5.41 -1.12
CA ASP C 262 33.63 -4.31 -0.43
C ASP C 262 34.04 -4.78 0.98
N ALA C 263 33.15 -4.61 1.98
CA ALA C 263 33.39 -5.13 3.35
C ALA C 263 34.69 -4.60 3.95
N ARG C 264 34.95 -3.30 3.80
CA ARG C 264 36.10 -2.63 4.47
C ARG C 264 35.60 -1.34 5.10
N SER C 265 36.18 -0.95 6.25
CA SER C 265 35.71 0.26 6.97
C SER C 265 36.87 0.90 7.74
N ALA C 266 36.74 2.20 8.04
CA ALA C 266 37.76 2.95 8.81
C ALA C 266 37.04 3.91 9.77
N GLY C 267 37.39 3.86 11.05
CA GLY C 267 36.82 4.78 12.06
C GLY C 267 35.52 4.25 12.64
N VAL C 268 35.18 2.98 12.36
CA VAL C 268 33.87 2.41 12.78
C VAL C 268 34.12 1.17 13.62
N ALA C 269 33.30 0.96 14.67
CA ALA C 269 33.29 -0.30 15.41
C ALA C 269 32.45 -1.33 14.64
N THR C 270 32.98 -2.55 14.45
CA THR C 270 32.22 -3.63 13.76
C THR C 270 31.09 -4.14 14.67
N PHE C 271 30.27 -5.06 14.17
CA PHE C 271 29.01 -5.46 14.87
C PHE C 271 29.31 -5.99 16.27
N VAL C 272 30.21 -6.97 16.39
CA VAL C 272 30.49 -7.64 17.71
C VAL C 272 30.98 -6.60 18.72
N LEU C 273 31.78 -5.63 18.29
CA LEU C 273 32.34 -4.62 19.21
C LEU C 273 31.21 -3.74 19.77
N GLN C 274 30.18 -3.48 18.96
CA GLN C 274 29.02 -2.67 19.42
C GLN C 274 28.10 -3.53 20.27
N GLU C 275 27.88 -4.78 19.86
CA GLU C 275 26.87 -5.66 20.50
C GLU C 275 27.42 -6.21 21.83
N GLU C 276 28.68 -6.66 21.84
CA GLU C 276 29.20 -7.49 22.95
C GLU C 276 30.21 -6.73 23.81
N PHE C 277 30.83 -5.67 23.28
CA PHE C 277 31.85 -4.90 24.05
C PHE C 277 31.39 -3.46 24.26
N ASP C 278 30.12 -3.17 23.93
CA ASP C 278 29.53 -1.81 24.05
C ASP C 278 30.59 -0.75 23.79
N ARG C 279 31.28 -0.87 22.64
CA ARG C 279 32.14 0.19 22.06
C ARG C 279 31.54 0.60 20.71
N TYR C 280 31.17 1.87 20.57
CA TYR C 280 30.34 2.32 19.42
C TYR C 280 31.16 3.21 18.49
N SER C 281 32.48 3.25 18.69
CA SER C 281 33.37 4.20 17.97
C SER C 281 34.69 3.52 17.60
N GLY C 282 35.31 3.96 16.50
CA GLY C 282 36.57 3.37 16.01
C GLY C 282 37.59 4.43 15.60
N TYR C 283 37.43 5.66 16.06
CA TYR C 283 38.44 6.73 15.81
C TYR C 283 38.54 7.63 17.03
N TRP C 284 39.70 8.28 17.22
CA TRP C 284 39.97 9.07 18.44
C TRP C 284 40.88 10.26 18.08
N TRP C 285 40.43 11.48 18.40
CA TRP C 285 41.26 12.70 18.21
C TRP C 285 42.45 12.66 19.17
N CYS C 286 43.64 12.99 18.66
CA CYS C 286 44.77 13.35 19.56
C CYS C 286 44.44 14.67 20.26
N PRO C 287 44.50 14.73 21.61
CA PRO C 287 43.98 15.87 22.36
C PRO C 287 44.91 17.08 22.49
N LYS C 288 46.13 16.99 21.95
CA LYS C 288 47.04 18.17 21.82
C LYS C 288 47.52 18.24 20.37
N ALA C 289 47.85 19.44 19.88
CA ALA C 289 48.31 19.64 18.48
C ALA C 289 49.79 20.04 18.48
N GLU C 290 50.64 19.28 17.78
CA GLU C 290 52.06 19.65 17.57
C GLU C 290 52.13 20.91 16.69
N THR C 291 53.06 21.84 16.99
CA THR C 291 53.20 23.11 16.23
C THR C 291 54.17 22.91 15.06
N THR C 292 54.07 23.76 14.02
CA THR C 292 54.97 23.70 12.84
C THR C 292 55.89 24.91 12.85
N PRO C 293 56.98 24.93 12.03
CA PRO C 293 57.87 26.08 11.95
C PRO C 293 57.15 27.32 11.39
N SER C 294 56.26 27.12 10.41
CA SER C 294 55.57 28.23 9.71
C SER C 294 54.54 28.92 10.63
N GLY C 295 54.06 28.23 11.66
CA GLY C 295 53.03 28.79 12.58
C GLY C 295 51.70 28.06 12.47
N GLY C 296 51.65 26.97 11.69
CA GLY C 296 50.46 26.09 11.65
C GLY C 296 50.50 25.04 12.75
N LYS C 297 49.93 23.85 12.51
CA LYS C 297 50.00 22.73 13.49
C LYS C 297 49.64 21.39 12.84
N ILE C 298 50.05 20.28 13.47
CA ILE C 298 49.65 18.92 13.04
C ILE C 298 48.58 18.40 14.01
N LEU C 299 47.35 18.20 13.52
CA LEU C 299 46.34 17.42 14.27
C LEU C 299 46.54 15.94 13.95
N ARG C 300 46.11 15.05 14.85
CA ARG C 300 46.25 13.60 14.64
C ARG C 300 44.92 12.90 14.97
N ILE C 301 44.61 11.83 14.22
CA ILE C 301 43.45 10.94 14.56
C ILE C 301 43.97 9.49 14.53
N LEU C 302 43.88 8.79 15.66
CA LEU C 302 44.03 7.31 15.70
C LEU C 302 42.70 6.70 15.26
N TYR C 303 42.73 5.64 14.45
CA TYR C 303 41.47 4.97 14.04
C TYR C 303 41.70 3.47 13.80
N GLU C 304 40.72 2.66 14.20
CA GLU C 304 40.69 1.20 13.88
C GLU C 304 40.29 1.07 12.41
N GLU C 305 40.97 0.19 11.66
CA GLU C 305 40.58 -0.12 10.26
C GLU C 305 40.28 -1.62 10.15
N ASN C 306 39.02 -1.96 9.84
CA ASN C 306 38.57 -3.39 9.83
C ASN C 306 38.46 -3.87 8.37
N ASP C 307 38.63 -5.18 8.17
CA ASP C 307 38.31 -5.84 6.88
C ASP C 307 37.41 -7.06 7.17
N GLU C 308 36.14 -6.98 6.79
CA GLU C 308 35.16 -8.06 7.09
C GLU C 308 35.04 -9.01 5.89
N SER C 309 36.08 -9.10 5.04
CA SER C 309 36.01 -9.87 3.77
C SER C 309 35.86 -11.37 4.05
N GLU C 310 36.44 -11.86 5.16
CA GLU C 310 36.41 -13.30 5.49
C GLU C 310 35.31 -13.61 6.51
N VAL C 311 34.48 -12.61 6.85
CA VAL C 311 33.42 -12.81 7.90
C VAL C 311 32.17 -13.36 7.22
N GLU C 312 31.54 -14.38 7.83
CA GLU C 312 30.36 -15.03 7.20
C GLU C 312 29.27 -13.99 6.95
N ILE C 313 28.59 -14.11 5.81
CA ILE C 313 27.47 -13.17 5.45
C ILE C 313 26.14 -13.84 5.80
N ILE C 314 25.25 -13.08 6.42
CA ILE C 314 23.90 -13.56 6.82
C ILE C 314 22.88 -12.66 6.11
N HIS C 315 21.65 -13.14 5.91
CA HIS C 315 20.57 -12.30 5.31
C HIS C 315 19.39 -12.20 6.30
N VAL C 316 19.12 -10.99 6.79
CA VAL C 316 17.90 -10.70 7.61
C VAL C 316 16.85 -10.09 6.69
N THR C 317 15.56 -10.36 6.94
CA THR C 317 14.47 -9.84 6.08
C THR C 317 14.51 -8.31 6.09
N SER C 318 14.29 -7.68 4.94
CA SER C 318 14.12 -6.20 4.90
C SER C 318 12.83 -5.85 5.64
N PRO C 319 12.78 -4.74 6.40
CA PRO C 319 11.58 -4.36 7.15
C PRO C 319 10.44 -3.97 6.21
N MET C 320 10.77 -3.42 5.05
CA MET C 320 9.78 -3.20 3.97
C MET C 320 9.38 -4.58 3.41
N LEU C 321 8.39 -5.22 4.04
CA LEU C 321 7.99 -6.61 3.69
C LEU C 321 7.48 -6.64 2.24
N GLU C 322 6.99 -5.50 1.73
CA GLU C 322 6.44 -5.40 0.34
C GLU C 322 7.51 -5.86 -0.65
N THR C 323 8.77 -5.50 -0.43
CA THR C 323 9.87 -5.78 -1.38
C THR C 323 10.17 -7.28 -1.42
N ARG C 324 9.96 -7.99 -0.32
CA ARG C 324 10.30 -9.44 -0.21
C ARG C 324 11.79 -9.61 -0.55
N ARG C 325 12.62 -8.71 -0.01
CA ARG C 325 14.10 -8.76 -0.19
C ARG C 325 14.72 -8.87 1.20
N ALA C 326 16.02 -9.16 1.25
CA ALA C 326 16.74 -9.38 2.52
C ALA C 326 18.03 -8.55 2.51
N ASP C 327 18.34 -7.92 3.65
CA ASP C 327 19.59 -7.13 3.78
C ASP C 327 20.73 -8.08 4.13
N SER C 328 21.81 -8.06 3.35
CA SER C 328 23.07 -8.77 3.72
C SER C 328 23.75 -8.02 4.86
N PHE C 329 24.23 -8.73 5.89
CA PHE C 329 25.14 -8.11 6.89
C PHE C 329 26.08 -9.17 7.46
N ARG C 330 27.24 -8.73 7.98
CA ARG C 330 28.37 -9.62 8.38
C ARG C 330 28.22 -10.06 9.83
N TYR C 331 28.01 -11.37 10.08
CA TYR C 331 27.80 -11.89 11.46
C TYR C 331 28.89 -12.91 11.77
N PRO C 332 29.89 -12.56 12.60
CA PRO C 332 30.85 -13.54 13.13
C PRO C 332 30.16 -14.62 13.97
N LYS C 333 29.76 -15.72 13.32
CA LYS C 333 29.15 -16.89 14.01
C LYS C 333 30.22 -17.52 14.90
N THR C 334 29.82 -18.09 16.05
CA THR C 334 30.78 -18.76 16.97
C THR C 334 31.74 -19.66 16.20
N GLY C 335 33.05 -19.47 16.38
CA GLY C 335 34.04 -20.38 15.77
C GLY C 335 34.48 -19.95 14.38
N THR C 336 33.75 -19.02 13.75
CA THR C 336 34.16 -18.51 12.41
C THR C 336 35.09 -17.29 12.60
N ALA C 337 35.47 -16.63 11.51
CA ALA C 337 36.48 -15.54 11.55
C ALA C 337 35.84 -14.24 12.06
N ASN C 338 36.51 -13.58 13.00
CA ASN C 338 36.22 -12.16 13.34
C ASN C 338 36.93 -11.29 12.29
N PRO C 339 36.53 -10.02 12.09
CA PRO C 339 37.16 -9.18 11.06
C PRO C 339 38.66 -8.96 11.32
N LYS C 340 39.47 -8.89 10.25
CA LYS C 340 40.90 -8.52 10.38
C LYS C 340 40.98 -7.03 10.70
N VAL C 341 41.64 -6.66 11.81
CA VAL C 341 41.66 -5.25 12.29
C VAL C 341 43.10 -4.77 12.46
N THR C 342 43.31 -3.46 12.38
CA THR C 342 44.64 -2.84 12.61
C THR C 342 44.46 -1.37 13.03
N PHE C 343 45.50 -0.78 13.62
CA PHE C 343 45.53 0.67 13.95
C PHE C 343 46.13 1.43 12.76
N LYS C 344 45.64 2.65 12.55
CA LYS C 344 46.19 3.60 11.53
C LYS C 344 46.13 5.00 12.12
N MET C 345 46.80 5.98 11.50
CA MET C 345 46.77 7.36 12.02
C MET C 345 46.75 8.34 10.85
N SER C 346 45.88 9.36 10.92
CA SER C 346 45.87 10.45 9.91
C SER C 346 46.55 11.68 10.51
N GLU C 347 47.72 12.05 9.97
CA GLU C 347 48.35 13.37 10.26
C GLU C 347 47.70 14.43 9.36
N ILE C 348 47.00 15.40 9.95
CA ILE C 348 46.43 16.53 9.17
C ILE C 348 47.30 17.77 9.45
N MET C 349 48.01 18.26 8.42
CA MET C 349 48.83 19.51 8.52
C MET C 349 47.93 20.72 8.19
N ILE C 350 47.78 21.64 9.15
CA ILE C 350 46.93 22.86 8.97
C ILE C 350 47.85 24.10 8.95
N ASP C 351 47.53 25.10 8.14
CA ASP C 351 48.35 26.34 8.05
C ASP C 351 47.95 27.31 9.16
N ALA C 352 48.66 28.44 9.26
CA ALA C 352 48.34 29.49 10.26
C ALA C 352 46.97 30.10 9.96
N GLU C 353 46.53 30.06 8.69
CA GLU C 353 45.23 30.63 8.27
C GLU C 353 44.07 29.70 8.71
N GLY C 354 44.38 28.42 8.98
CA GLY C 354 43.36 27.42 9.36
C GLY C 354 42.92 26.57 8.17
N ARG C 355 43.53 26.76 7.00
CA ARG C 355 43.25 25.92 5.80
C ARG C 355 44.07 24.63 5.93
N ILE C 356 43.57 23.51 5.39
CA ILE C 356 44.33 22.23 5.38
C ILE C 356 45.48 22.39 4.40
N ILE C 357 46.72 22.17 4.85
CA ILE C 357 47.91 22.16 3.95
C ILE C 357 47.99 20.79 3.27
N ASP C 358 48.11 19.72 4.06
CA ASP C 358 48.29 18.35 3.50
C ASP C 358 47.75 17.33 4.51
N VAL C 359 47.51 16.10 4.04
CA VAL C 359 47.00 14.98 4.89
C VAL C 359 47.84 13.73 4.61
N ILE C 360 48.72 13.34 5.54
CA ILE C 360 49.48 12.07 5.40
C ILE C 360 48.74 10.97 6.15
N ASP C 361 48.51 9.83 5.48
CA ASP C 361 47.92 8.63 6.13
C ASP C 361 49.07 7.69 6.54
N LYS C 362 48.98 7.08 7.73
CA LYS C 362 50.12 6.33 8.32
C LYS C 362 49.66 4.96 8.84
N GLU C 363 50.45 3.92 8.57
CA GLU C 363 50.18 2.54 9.05
C GLU C 363 51.25 2.15 10.08
N LEU C 364 50.96 1.15 10.92
CA LEU C 364 51.97 0.61 11.87
C LEU C 364 53.24 0.22 11.10
N ILE C 365 54.41 0.34 11.74
CA ILE C 365 55.71 -0.03 11.09
C ILE C 365 55.74 -1.54 10.83
N GLN C 366 55.03 -2.34 11.65
CA GLN C 366 54.91 -3.80 11.40
C GLN C 366 53.44 -4.20 11.53
N PRO C 367 53.02 -5.34 10.94
CA PRO C 367 51.63 -5.79 11.02
C PRO C 367 51.12 -5.96 12.46
N PHE C 368 49.79 -5.87 12.62
CA PHE C 368 49.12 -5.98 13.94
C PHE C 368 49.35 -7.37 14.54
N GLU C 369 49.48 -8.41 13.70
CA GLU C 369 49.69 -9.81 14.18
C GLU C 369 51.08 -9.94 14.82
N ILE C 370 52.03 -9.09 14.41
CA ILE C 370 53.44 -9.17 14.89
C ILE C 370 53.55 -8.36 16.19
N LEU C 371 53.22 -7.07 16.13
CA LEU C 371 53.36 -6.15 17.29
C LEU C 371 52.46 -6.61 18.45
N PHE C 372 51.29 -7.17 18.14
CA PHE C 372 50.30 -7.55 19.18
C PHE C 372 49.89 -9.02 19.00
N GLU C 373 50.87 -9.93 19.08
CA GLU C 373 50.60 -11.39 18.97
C GLU C 373 49.52 -11.79 19.96
N GLY C 374 48.44 -12.43 19.48
CA GLY C 374 47.39 -12.97 20.35
C GLY C 374 46.12 -12.13 20.32
N VAL C 375 46.25 -10.82 20.10
CA VAL C 375 45.09 -9.87 20.22
C VAL C 375 44.05 -10.20 19.13
N GLU C 376 42.82 -10.53 19.54
CA GLU C 376 41.70 -10.76 18.60
C GLU C 376 40.84 -9.49 18.52
N TYR C 377 40.39 -8.98 19.67
CA TYR C 377 39.53 -7.78 19.73
C TYR C 377 40.32 -6.60 20.31
N ILE C 378 40.28 -5.44 19.62
CA ILE C 378 40.61 -4.14 20.25
C ILE C 378 39.39 -3.75 21.08
N ALA C 379 39.48 -3.76 22.41
CA ALA C 379 38.31 -3.61 23.29
C ALA C 379 38.01 -2.13 23.52
N ARG C 380 39.00 -1.39 24.02
CA ARG C 380 38.91 0.10 24.16
C ARG C 380 40.16 0.71 23.54
N ALA C 381 40.15 2.02 23.31
CA ALA C 381 41.34 2.72 22.77
C ALA C 381 41.19 4.22 23.00
N GLY C 382 42.30 4.96 22.91
CA GLY C 382 42.28 6.41 23.12
C GLY C 382 43.67 7.02 23.16
N TRP C 383 43.78 8.19 23.80
CA TRP C 383 45.08 8.89 23.99
C TRP C 383 45.29 9.18 25.49
N THR C 384 46.55 9.20 25.93
CA THR C 384 46.89 9.74 27.27
C THR C 384 46.63 11.24 27.26
N PRO C 385 46.47 11.91 28.43
CA PRO C 385 46.03 13.30 28.47
C PRO C 385 46.93 14.25 27.66
N GLU C 386 48.25 14.03 27.66
CA GLU C 386 49.19 14.90 26.90
C GLU C 386 49.22 14.48 25.43
N GLY C 387 48.73 13.28 25.12
CA GLY C 387 48.73 12.77 23.73
C GLY C 387 50.12 12.32 23.30
N LYS C 388 51.02 12.10 24.27
CA LYS C 388 52.36 11.55 23.95
C LYS C 388 52.18 10.16 23.35
N TYR C 389 51.46 9.28 24.06
CA TYR C 389 51.15 7.92 23.58
C TYR C 389 49.65 7.79 23.31
N ALA C 390 49.29 7.00 22.29
CA ALA C 390 47.92 6.43 22.19
C ALA C 390 47.90 5.14 23.02
N TRP C 391 46.78 4.85 23.70
CA TRP C 391 46.67 3.60 24.51
C TRP C 391 45.60 2.68 23.93
N SER C 392 45.58 1.42 24.38
CA SER C 392 44.60 0.43 23.88
C SER C 392 44.51 -0.78 24.82
N ILE C 393 43.29 -1.14 25.24
CA ILE C 393 43.00 -2.43 25.94
C ILE C 393 42.73 -3.50 24.88
N LEU C 394 43.40 -4.65 24.97
CA LEU C 394 43.40 -5.67 23.88
C LEU C 394 43.13 -7.08 24.43
N LEU C 395 42.09 -7.75 23.93
CA LEU C 395 41.71 -9.12 24.40
C LEU C 395 42.29 -10.18 23.44
N ASP C 396 42.66 -11.34 24.00
CA ASP C 396 42.86 -12.58 23.19
C ASP C 396 41.47 -13.11 22.82
N ARG C 397 41.38 -14.04 21.86
CA ARG C 397 40.07 -14.49 21.30
C ARG C 397 39.25 -15.22 22.37
N SER C 398 39.90 -15.93 23.30
CA SER C 398 39.16 -16.63 24.38
C SER C 398 38.79 -15.64 25.49
N GLN C 399 39.33 -14.42 25.43
CA GLN C 399 38.96 -13.32 26.36
C GLN C 399 39.34 -13.74 27.78
N THR C 400 40.53 -14.34 27.91
CA THR C 400 41.11 -14.72 29.22
C THR C 400 42.42 -13.96 29.43
N ARG C 401 42.78 -13.05 28.52
CA ARG C 401 44.09 -12.33 28.58
C ARG C 401 43.90 -10.89 28.12
N LEU C 402 43.65 -9.98 29.06
CA LEU C 402 43.61 -8.52 28.80
C LEU C 402 45.03 -7.96 28.76
N GLN C 403 45.39 -7.20 27.73
CA GLN C 403 46.63 -6.38 27.73
C GLN C 403 46.26 -4.89 27.59
N ILE C 404 46.86 -4.04 28.43
CA ILE C 404 46.89 -2.58 28.17
C ILE C 404 48.18 -2.30 27.37
N VAL C 405 48.15 -1.33 26.46
CA VAL C 405 49.32 -1.11 25.54
C VAL C 405 49.45 0.38 25.21
N LEU C 406 50.69 0.91 25.24
CA LEU C 406 50.97 2.28 24.75
C LEU C 406 51.61 2.19 23.36
N ILE C 407 51.09 2.97 22.42
CA ILE C 407 51.58 2.98 21.00
C ILE C 407 51.99 4.42 20.69
N SER C 408 53.29 4.66 20.53
CA SER C 408 53.77 6.03 20.18
C SER C 408 53.33 6.34 18.74
N PRO C 409 52.94 7.60 18.42
CA PRO C 409 52.76 8.02 17.04
C PRO C 409 54.00 7.73 16.16
N GLU C 410 55.17 7.59 16.79
CA GLU C 410 56.44 7.30 16.07
C GLU C 410 56.43 5.88 15.47
N LEU C 411 55.54 4.99 15.96
CA LEU C 411 55.41 3.64 15.38
C LEU C 411 54.73 3.69 13.99
N PHE C 412 54.13 4.83 13.64
CA PHE C 412 53.35 4.94 12.38
C PHE C 412 54.19 5.63 11.29
N ILE C 413 54.41 4.91 10.19
CA ILE C 413 55.17 5.45 9.01
C ILE C 413 54.16 5.77 7.91
N PRO C 414 54.40 6.80 7.05
CA PRO C 414 53.56 7.03 5.88
C PRO C 414 53.33 5.76 5.05
N VAL C 415 52.10 5.59 4.52
CA VAL C 415 51.76 4.40 3.68
C VAL C 415 52.26 4.69 2.26
N GLU C 416 53.25 3.92 1.79
CA GLU C 416 53.93 4.19 0.49
C GLU C 416 53.71 3.02 -0.46
N ASP C 417 53.40 3.30 -1.73
CA ASP C 417 53.18 2.26 -2.77
C ASP C 417 54.54 1.63 -3.14
N ASP C 418 55.60 2.45 -3.20
CA ASP C 418 56.95 2.00 -3.64
C ASP C 418 57.49 0.97 -2.64
N VAL C 419 58.05 -0.14 -3.15
CA VAL C 419 58.59 -1.23 -2.29
C VAL C 419 59.97 -0.81 -1.73
N MET C 420 60.67 0.12 -2.41
CA MET C 420 62.07 0.50 -2.02
C MET C 420 62.06 1.76 -1.15
N GLU C 421 61.11 2.68 -1.34
CA GLU C 421 61.02 3.88 -0.46
C GLU C 421 60.45 3.48 0.90
N ARG C 422 59.51 2.53 0.92
CA ARG C 422 58.97 1.98 2.21
C ARG C 422 60.09 1.36 3.03
N GLN C 423 61.06 0.71 2.38
CA GLN C 423 62.22 0.10 3.09
C GLN C 423 63.11 1.19 3.71
N ARG C 424 63.33 2.28 2.98
CA ARG C 424 64.13 3.43 3.49
C ARG C 424 63.39 4.04 4.69
N LEU C 425 62.06 4.05 4.67
CA LEU C 425 61.24 4.65 5.77
C LEU C 425 61.25 3.75 7.01
N ILE C 426 61.18 2.42 6.83
CA ILE C 426 61.17 1.47 7.97
C ILE C 426 62.42 1.68 8.82
N GLU C 427 63.60 1.69 8.19
CA GLU C 427 64.90 1.78 8.90
C GLU C 427 65.07 3.16 9.56
N SER C 428 64.42 4.20 9.01
CA SER C 428 64.52 5.57 9.56
C SER C 428 63.97 5.64 10.98
N VAL C 429 62.94 4.84 11.30
CA VAL C 429 62.35 4.81 12.67
C VAL C 429 63.30 4.07 13.61
N PRO C 430 63.67 4.66 14.76
CA PRO C 430 64.54 4.01 15.73
C PRO C 430 64.08 2.59 16.11
N ASP C 431 65.03 1.70 16.42
CA ASP C 431 64.70 0.33 16.90
C ASP C 431 64.26 0.38 18.37
N SER C 432 64.62 1.46 19.09
CA SER C 432 64.17 1.68 20.49
C SER C 432 62.64 1.81 20.54
N VAL C 433 62.08 2.58 19.59
CA VAL C 433 60.61 2.83 19.50
C VAL C 433 59.89 1.50 19.32
N THR C 434 58.93 1.20 20.20
CA THR C 434 58.35 -0.15 20.31
C THR C 434 57.05 -0.08 21.12
N PRO C 435 56.03 -0.93 20.82
CA PRO C 435 54.84 -1.01 21.66
C PRO C 435 55.24 -1.27 23.12
N LEU C 436 54.50 -0.68 24.07
CA LEU C 436 54.78 -0.90 25.51
C LEU C 436 53.54 -1.50 26.18
N ILE C 437 53.57 -2.82 26.42
CA ILE C 437 52.56 -3.47 27.30
C ILE C 437 52.84 -3.03 28.75
N ILE C 438 51.96 -2.21 29.33
CA ILE C 438 52.19 -1.66 30.70
C ILE C 438 51.40 -2.46 31.73
N TYR C 439 50.51 -3.35 31.27
CA TYR C 439 49.71 -4.20 32.19
C TYR C 439 49.18 -5.40 31.40
N GLU C 440 49.29 -6.59 32.00
CA GLU C 440 48.72 -7.83 31.42
C GLU C 440 48.09 -8.61 32.57
N GLU C 441 46.87 -9.10 32.38
CA GLU C 441 46.25 -9.98 33.42
C GLU C 441 45.58 -11.16 32.70
N THR C 442 45.48 -12.31 33.38
CA THR C 442 44.85 -13.51 32.81
C THR C 442 43.96 -14.16 33.88
N THR C 443 42.85 -14.76 33.45
CA THR C 443 41.95 -15.49 34.37
C THR C 443 41.49 -16.76 33.65
N ASP C 444 41.15 -17.81 34.40
CA ASP C 444 40.66 -19.08 33.79
C ASP C 444 39.12 -19.05 33.76
N ILE C 445 38.52 -17.94 34.19
CA ILE C 445 37.04 -17.73 34.01
C ILE C 445 36.85 -16.90 32.73
N TRP C 446 37.08 -15.58 32.79
CA TRP C 446 37.04 -14.71 31.57
C TRP C 446 37.20 -13.25 31.99
N ILE C 447 37.50 -12.38 31.02
CA ILE C 447 37.72 -10.93 31.30
C ILE C 447 36.45 -10.15 30.97
N ASN C 448 35.89 -9.46 31.97
CA ASN C 448 34.77 -8.51 31.74
C ASN C 448 35.37 -7.14 31.41
N ILE C 449 35.14 -6.65 30.18
CA ILE C 449 35.66 -5.32 29.74
C ILE C 449 34.86 -4.23 30.47
N HIS C 450 35.49 -3.08 30.71
CA HIS C 450 34.85 -1.98 31.47
C HIS C 450 35.52 -0.65 31.10
N ASP C 451 34.86 0.46 31.45
CA ASP C 451 35.24 1.81 30.96
C ASP C 451 36.15 2.51 31.98
N ILE C 452 36.54 1.80 33.05
CA ILE C 452 37.43 2.38 34.09
C ILE C 452 38.89 2.28 33.60
N PHE C 453 39.58 3.41 33.55
CA PHE C 453 41.01 3.50 33.14
C PHE C 453 41.43 4.96 33.21
N HIS C 454 42.42 5.28 34.05
CA HIS C 454 42.83 6.69 34.29
C HIS C 454 44.35 6.80 34.26
N VAL C 455 44.90 7.68 33.42
CA VAL C 455 46.38 7.87 33.33
C VAL C 455 46.74 9.22 33.94
N PHE C 456 47.72 9.26 34.85
CA PHE C 456 48.13 10.51 35.52
C PHE C 456 49.16 11.25 34.66
N PRO C 457 49.22 12.60 34.72
CA PRO C 457 50.30 13.35 34.07
C PRO C 457 51.67 12.72 34.39
N GLN C 458 52.52 12.56 33.37
CA GLN C 458 53.79 11.79 33.51
C GLN C 458 54.82 12.63 34.28
N SER C 459 55.33 12.11 35.41
CA SER C 459 56.35 12.83 36.21
C SER C 459 57.76 12.43 35.76
N HIS C 460 58.11 11.16 35.91
CA HIS C 460 59.35 10.58 35.30
C HIS C 460 59.02 10.13 33.87
N GLU C 461 59.92 10.38 32.91
CA GLU C 461 59.65 10.11 31.47
C GLU C 461 59.96 8.65 31.13
N GLU C 462 60.37 7.84 32.10
CA GLU C 462 60.52 6.37 31.90
C GLU C 462 59.52 5.62 32.79
N GLU C 463 58.55 6.32 33.36
CA GLU C 463 57.51 5.70 34.24
C GLU C 463 56.13 6.21 33.82
N ILE C 464 55.08 5.45 34.12
CA ILE C 464 53.68 5.90 33.90
C ILE C 464 52.81 5.38 35.05
N GLU C 465 52.08 6.28 35.73
CA GLU C 465 51.13 5.90 36.80
C GLU C 465 49.72 5.87 36.22
N PHE C 466 48.91 4.88 36.60
CA PHE C 466 47.51 4.80 36.12
C PHE C 466 46.64 4.05 37.12
N ILE C 467 45.31 4.21 37.01
CA ILE C 467 44.33 3.45 37.84
C ILE C 467 43.53 2.51 36.93
N PHE C 468 43.52 1.22 37.24
CA PHE C 468 42.74 0.22 36.45
C PHE C 468 41.87 -0.60 37.43
N ALA C 469 40.95 -1.41 36.90
CA ALA C 469 40.09 -2.28 37.73
C ALA C 469 40.21 -3.73 37.25
N SER C 470 40.16 -4.70 38.17
CA SER C 470 40.40 -6.12 37.80
C SER C 470 39.70 -7.06 38.79
N GLU C 471 39.02 -8.08 38.25
CA GLU C 471 38.49 -9.21 39.08
C GLU C 471 39.57 -10.30 39.18
N CYS C 472 40.61 -10.24 38.34
CA CYS C 472 41.59 -11.36 38.22
C CYS C 472 42.32 -11.59 39.55
N LYS C 473 42.65 -10.50 40.27
CA LYS C 473 43.46 -10.61 41.51
C LYS C 473 42.62 -11.27 42.61
N THR C 474 41.54 -10.59 43.03
CA THR C 474 40.82 -10.92 44.31
C THR C 474 39.57 -11.75 44.05
N GLY C 475 39.07 -11.81 42.81
CA GLY C 475 37.79 -12.48 42.49
C GLY C 475 36.62 -11.50 42.45
N PHE C 476 36.86 -10.24 42.85
CA PHE C 476 35.90 -9.12 42.74
C PHE C 476 36.59 -7.93 42.08
N ARG C 477 35.84 -7.09 41.37
CA ARG C 477 36.43 -5.95 40.61
C ARG C 477 36.82 -4.84 41.61
N HIS C 478 38.10 -4.51 41.67
CA HIS C 478 38.59 -3.46 42.62
C HIS C 478 39.58 -2.54 41.89
N LEU C 479 39.76 -1.31 42.39
CA LEU C 479 40.68 -0.35 41.74
C LEU C 479 42.13 -0.65 42.17
N TYR C 480 43.09 -0.31 41.31
CA TYR C 480 44.54 -0.56 41.60
C TYR C 480 45.36 0.60 41.03
N LYS C 481 46.17 1.27 41.87
CA LYS C 481 47.09 2.33 41.38
C LYS C 481 48.40 1.67 40.95
N ILE C 482 48.71 1.72 39.65
CA ILE C 482 49.85 0.96 39.08
C ILE C 482 50.87 1.94 38.48
N THR C 483 52.13 1.82 38.89
CA THR C 483 53.27 2.46 38.18
C THR C 483 53.93 1.37 37.33
N SER C 484 54.21 1.65 36.06
CA SER C 484 54.90 0.69 35.14
C SER C 484 56.11 1.36 34.53
N ILE C 485 57.22 0.61 34.38
CA ILE C 485 58.50 1.19 33.90
C ILE C 485 58.54 1.05 32.38
N LEU C 486 58.78 2.15 31.67
CA LEU C 486 58.82 2.16 30.18
C LEU C 486 60.25 1.86 29.71
N LYS C 487 60.72 0.64 30.00
CA LYS C 487 62.09 0.21 29.64
C LYS C 487 62.16 -0.09 28.14
N GLU C 488 63.05 0.59 27.41
CA GLU C 488 63.28 0.32 25.97
C GLU C 488 63.43 -1.20 25.78
N SER C 489 62.86 -1.75 24.69
CA SER C 489 62.69 -3.21 24.53
C SER C 489 63.99 -3.86 24.02
N LYS C 490 64.10 -5.18 24.18
CA LYS C 490 65.30 -5.95 23.73
C LYS C 490 65.18 -6.20 22.21
N TYR C 491 64.01 -6.64 21.76
CA TYR C 491 63.73 -6.86 20.32
C TYR C 491 64.25 -5.68 19.48
N LYS C 492 64.84 -5.99 18.31
CA LYS C 492 65.21 -4.98 17.30
C LYS C 492 64.69 -5.41 15.92
N ARG C 493 64.21 -4.45 15.12
CA ARG C 493 63.80 -4.73 13.72
C ARG C 493 65.04 -4.99 12.85
N SER C 494 66.18 -4.39 13.21
CA SER C 494 67.46 -4.62 12.49
C SER C 494 67.76 -6.12 12.44
N SER C 495 67.78 -6.77 13.62
CA SER C 495 67.96 -8.25 13.71
C SER C 495 67.02 -8.96 12.71
N GLY C 496 65.79 -8.45 12.57
CA GLY C 496 64.89 -8.89 11.48
C GLY C 496 64.18 -10.19 11.78
N GLY C 497 63.94 -10.49 13.06
CA GLY C 497 63.07 -11.61 13.46
C GLY C 497 61.73 -11.11 13.95
N LEU C 498 60.81 -12.02 14.28
CA LEU C 498 59.56 -11.64 15.02
C LEU C 498 59.88 -11.64 16.50
N PRO C 499 59.16 -10.86 17.35
CA PRO C 499 59.48 -10.78 18.77
C PRO C 499 58.89 -11.96 19.56
N ALA C 500 59.53 -12.32 20.68
CA ALA C 500 58.94 -13.31 21.61
C ALA C 500 57.75 -12.66 22.31
N PRO C 501 56.75 -13.44 22.80
CA PRO C 501 55.54 -12.87 23.37
C PRO C 501 55.79 -12.03 24.66
N SER C 502 57.04 -11.91 25.09
CA SER C 502 57.38 -11.17 26.34
C SER C 502 58.26 -9.94 26.03
N ASP C 503 58.50 -9.64 24.75
CA ASP C 503 59.56 -8.66 24.37
C ASP C 503 59.09 -7.22 24.62
N PHE C 504 57.78 -6.96 24.56
CA PHE C 504 57.25 -5.58 24.75
C PHE C 504 56.75 -5.38 26.18
N LYS C 505 56.75 -6.45 27.00
CA LYS C 505 56.22 -6.40 28.39
C LYS C 505 56.97 -5.33 29.19
N CYS C 506 56.36 -4.85 30.27
CA CYS C 506 56.96 -3.76 31.09
C CYS C 506 57.05 -4.21 32.55
N PRO C 507 58.17 -3.90 33.25
CA PRO C 507 58.27 -4.12 34.69
C PRO C 507 57.27 -3.27 35.47
N ILE C 508 56.75 -3.82 36.57
CA ILE C 508 55.61 -3.22 37.33
C ILE C 508 56.16 -2.65 38.65
N LYS C 509 56.57 -1.39 38.66
CA LYS C 509 57.26 -0.78 39.84
C LYS C 509 56.43 -1.02 41.10
N GLU C 510 55.21 -0.48 41.17
CA GLU C 510 54.30 -0.73 42.33
C GLU C 510 52.90 -1.11 41.82
N GLU C 511 52.05 -1.58 42.74
CA GLU C 511 50.64 -1.95 42.42
C GLU C 511 49.83 -1.93 43.72
N ILE C 512 49.37 -0.75 44.14
CA ILE C 512 48.65 -0.58 45.44
C ILE C 512 47.15 -0.76 45.18
N ALA C 513 46.55 -1.85 45.68
CA ALA C 513 45.08 -2.02 45.61
C ALA C 513 44.41 -0.86 46.36
N ILE C 514 43.57 -0.07 45.66
CA ILE C 514 42.86 1.08 46.29
C ILE C 514 41.66 0.53 47.08
N THR C 515 41.00 -0.50 46.55
CA THR C 515 39.87 -1.15 47.27
C THR C 515 40.10 -2.67 47.33
N SER C 516 39.27 -3.34 48.13
CA SER C 516 39.32 -4.81 48.30
C SER C 516 38.09 -5.24 49.12
N GLY C 517 37.71 -6.52 49.06
CA GLY C 517 36.54 -7.00 49.81
C GLY C 517 35.65 -7.88 48.96
N GLU C 518 34.61 -8.44 49.56
CA GLU C 518 33.65 -9.32 48.83
C GLU C 518 32.50 -8.44 48.32
N TRP C 519 32.83 -7.57 47.37
CA TRP C 519 31.90 -6.61 46.73
C TRP C 519 32.66 -5.98 45.56
N GLU C 520 31.97 -5.61 44.48
CA GLU C 520 32.67 -5.13 43.26
C GLU C 520 32.51 -3.62 43.10
N VAL C 521 33.56 -2.97 42.60
CA VAL C 521 33.46 -1.64 41.92
C VAL C 521 32.69 -1.82 40.60
N LEU C 522 31.83 -0.86 40.26
CA LEU C 522 31.05 -0.90 38.99
C LEU C 522 31.74 -0.05 37.93
N GLY C 523 31.88 -0.58 36.71
CA GLY C 523 32.52 0.16 35.59
C GLY C 523 31.84 -0.07 34.25
N ARG C 524 30.58 -0.56 34.26
CA ARG C 524 29.82 -0.77 33.00
C ARG C 524 28.58 0.12 33.01
N HIS C 525 27.95 0.30 31.84
CA HIS C 525 26.63 0.97 31.71
C HIS C 525 26.68 2.40 32.24
N GLY C 526 27.83 3.09 32.11
CA GLY C 526 27.93 4.51 32.51
C GLY C 526 28.57 4.69 33.88
N SER C 527 28.63 3.64 34.71
CA SER C 527 29.39 3.69 35.99
C SER C 527 30.87 3.89 35.66
N ASN C 528 31.54 4.79 36.37
CA ASN C 528 32.97 5.07 36.13
C ASN C 528 33.57 5.65 37.42
N ILE C 529 34.77 6.23 37.33
CA ILE C 529 35.46 6.82 38.51
C ILE C 529 35.84 8.28 38.18
N GLN C 530 35.48 9.21 39.07
CA GLN C 530 36.03 10.59 39.00
C GLN C 530 37.27 10.64 39.90
N VAL C 531 38.32 11.33 39.46
CA VAL C 531 39.63 11.32 40.20
C VAL C 531 39.99 12.77 40.58
N ASP C 532 39.99 13.06 41.88
CA ASP C 532 40.46 14.38 42.40
C ASP C 532 42.00 14.34 42.47
N GLU C 533 42.69 14.93 41.50
CA GLU C 533 44.18 14.89 41.47
C GLU C 533 44.74 15.88 42.50
N VAL C 534 43.97 16.91 42.86
CA VAL C 534 44.41 17.95 43.84
C VAL C 534 44.46 17.32 45.24
N ARG C 535 43.37 16.66 45.66
CA ARG C 535 43.28 16.03 47.00
C ARG C 535 43.72 14.57 46.94
N ARG C 536 44.04 14.06 45.74
CA ARG C 536 44.49 12.66 45.55
C ARG C 536 43.42 11.70 46.09
N LEU C 537 42.17 11.88 45.64
CA LEU C 537 41.04 10.97 45.95
C LEU C 537 40.53 10.34 44.66
N VAL C 538 39.75 9.26 44.78
CA VAL C 538 39.00 8.70 43.61
C VAL C 538 37.58 8.34 44.07
N TYR C 539 36.58 8.96 43.43
CA TYR C 539 35.15 8.63 43.68
C TYR C 539 34.75 7.47 42.76
N PHE C 540 33.99 6.50 43.27
CA PHE C 540 33.57 5.32 42.45
C PHE C 540 32.23 4.78 42.96
N GLU C 541 31.53 4.01 42.13
CA GLU C 541 30.29 3.31 42.57
C GLU C 541 30.62 1.85 42.86
N GLY C 542 29.92 1.24 43.83
CA GLY C 542 30.24 -0.14 44.26
C GLY C 542 29.09 -0.81 44.97
N THR C 543 29.24 -2.11 45.26
CA THR C 543 28.21 -2.93 45.93
C THR C 543 28.62 -3.24 47.38
N LYS C 544 29.49 -2.42 47.97
CA LYS C 544 30.07 -2.71 49.31
C LYS C 544 28.95 -2.83 50.35
N ASP C 545 28.08 -1.83 50.43
CA ASP C 545 26.98 -1.83 51.42
C ASP C 545 26.03 -2.99 51.13
N SER C 546 25.67 -3.21 49.86
CA SER C 546 24.80 -4.35 49.49
C SER C 546 24.90 -4.64 48.00
N PRO C 547 24.59 -5.89 47.56
CA PRO C 547 24.39 -6.17 46.13
C PRO C 547 23.09 -5.56 45.56
N LEU C 548 22.08 -5.37 46.41
CA LEU C 548 20.74 -4.91 45.96
C LEU C 548 20.68 -3.38 45.91
N GLU C 549 21.77 -2.69 46.27
CA GLU C 549 21.86 -1.21 46.16
C GLU C 549 23.25 -0.83 45.63
N HIS C 550 23.30 0.03 44.61
CA HIS C 550 24.57 0.64 44.15
C HIS C 550 24.73 1.95 44.92
N HIS C 551 25.95 2.28 45.36
CA HIS C 551 26.17 3.52 46.17
C HIS C 551 27.42 4.24 45.68
N LEU C 552 27.56 5.54 46.00
CA LEU C 552 28.74 6.34 45.62
C LEU C 552 29.76 6.34 46.76
N TYR C 553 30.99 5.93 46.48
CA TYR C 553 32.07 5.86 47.49
C TYR C 553 33.21 6.80 47.10
N VAL C 554 34.04 7.19 48.08
CA VAL C 554 35.30 7.95 47.81
C VAL C 554 36.39 7.41 48.72
N VAL C 555 37.65 7.51 48.27
CA VAL C 555 38.81 6.91 48.99
C VAL C 555 40.10 7.53 48.42
N SER C 556 41.15 7.65 49.22
CA SER C 556 42.47 8.12 48.71
C SER C 556 43.06 7.03 47.80
N TYR C 557 43.87 7.45 46.82
CA TYR C 557 44.66 6.49 46.00
C TYR C 557 46.13 6.54 46.44
N VAL C 558 46.50 7.49 47.31
CA VAL C 558 47.88 7.58 47.86
C VAL C 558 48.00 6.59 49.03
N ASN C 559 47.31 6.88 50.13
CA ASN C 559 47.23 5.98 51.31
C ASN C 559 45.83 5.38 51.34
N PRO C 560 45.56 4.30 50.58
CA PRO C 560 44.20 3.79 50.45
C PRO C 560 43.72 3.20 51.79
N GLY C 561 43.06 4.04 52.60
CA GLY C 561 42.53 3.60 53.90
C GLY C 561 41.16 2.97 53.75
N GLU C 562 40.16 3.54 54.42
CA GLU C 562 38.77 2.98 54.39
C GLU C 562 37.92 3.80 53.41
N VAL C 563 36.73 3.31 53.13
CA VAL C 563 35.93 3.82 51.98
C VAL C 563 34.72 4.58 52.53
N THR C 564 34.72 5.92 52.37
CA THR C 564 33.59 6.77 52.84
C THR C 564 32.42 6.62 51.86
N ARG C 565 31.26 6.18 52.36
CA ARG C 565 30.02 6.16 51.54
C ARG C 565 29.41 7.57 51.54
N LEU C 566 28.92 8.02 50.39
CA LEU C 566 28.33 9.38 50.27
C LEU C 566 26.82 9.29 50.02
N THR C 567 26.32 8.22 49.42
CA THR C 567 24.86 8.08 49.16
C THR C 567 24.15 7.51 50.40
N ASP C 568 22.84 7.76 50.53
CA ASP C 568 22.06 7.31 51.72
C ASP C 568 21.51 5.90 51.46
N ARG C 569 21.63 5.00 52.45
CA ARG C 569 21.13 3.61 52.30
C ARG C 569 19.60 3.62 52.15
N GLY C 570 19.02 2.49 51.75
CA GLY C 570 17.56 2.39 51.55
C GLY C 570 17.14 2.73 50.13
N TYR C 571 18.09 3.22 49.32
CA TYR C 571 17.85 3.53 47.88
C TYR C 571 18.99 2.94 47.05
N SER C 572 18.80 2.87 45.73
CA SER C 572 19.89 2.52 44.78
C SER C 572 20.18 3.73 43.89
N HIS C 573 21.45 4.16 43.80
CA HIS C 573 21.81 5.42 43.11
C HIS C 573 22.67 5.14 41.87
N SER C 574 22.33 5.76 40.74
CA SER C 574 23.31 6.04 39.65
C SER C 574 23.83 7.46 39.85
N CYS C 575 25.15 7.66 39.79
CA CYS C 575 25.74 8.96 40.20
C CYS C 575 26.60 9.56 39.09
N CYS C 576 26.90 10.86 39.24
CA CYS C 576 27.59 11.66 38.19
C CYS C 576 28.27 12.85 38.89
N ILE C 577 29.61 12.90 38.85
CA ILE C 577 30.40 13.77 39.78
C ILE C 577 31.02 14.92 38.99
N SER C 578 30.72 16.17 39.38
CA SER C 578 31.31 17.38 38.75
C SER C 578 32.81 17.14 38.47
N GLN C 579 33.31 17.60 37.31
CA GLN C 579 34.74 17.45 36.96
C GLN C 579 35.60 18.16 38.02
N HIS C 580 34.99 19.07 38.79
CA HIS C 580 35.69 19.83 39.86
C HIS C 580 35.64 19.06 41.19
N CYS C 581 34.87 17.97 41.26
CA CYS C 581 34.75 17.11 42.47
C CYS C 581 34.23 17.91 43.67
N ASP C 582 33.43 18.96 43.42
CA ASP C 582 32.82 19.76 44.51
C ASP C 582 31.29 19.61 44.49
N PHE C 583 30.79 18.74 43.60
CA PHE C 583 29.34 18.43 43.51
C PHE C 583 29.16 17.01 42.97
N PHE C 584 28.00 16.41 43.23
CA PHE C 584 27.64 15.13 42.54
C PHE C 584 26.12 15.09 42.40
N ILE C 585 25.66 14.35 41.38
CA ILE C 585 24.19 14.21 41.12
C ILE C 585 23.87 12.72 41.26
N SER C 586 22.79 12.40 41.98
CA SER C 586 22.37 10.99 42.13
C SER C 586 20.97 10.83 41.57
N LYS C 587 20.79 9.88 40.63
CA LYS C 587 19.45 9.39 40.26
C LYS C 587 19.17 8.14 41.09
N TYR C 588 18.17 8.18 41.98
CA TYR C 588 17.97 7.10 42.97
C TYR C 588 16.50 6.69 43.03
N SER C 589 16.28 5.44 43.44
CA SER C 589 14.92 4.89 43.65
C SER C 589 15.01 3.73 44.65
N ASN C 590 13.86 3.21 45.08
CA ASN C 590 13.80 1.89 45.73
C ASN C 590 12.53 1.18 45.25
N GLN C 591 12.28 -0.02 45.73
CA GLN C 591 11.13 -0.86 45.29
C GLN C 591 9.82 -0.05 45.32
N LYS C 592 9.73 0.95 46.21
CA LYS C 592 8.44 1.66 46.48
C LYS C 592 8.40 3.06 45.83
N ASN C 593 9.55 3.69 45.57
CA ASN C 593 9.58 5.13 45.17
C ASN C 593 10.19 5.30 43.78
N PRO C 594 9.49 5.95 42.82
CA PRO C 594 10.03 6.19 41.49
C PRO C 594 11.30 7.06 41.49
N HIS C 595 12.10 6.96 40.42
CA HIS C 595 13.45 7.57 40.38
C HIS C 595 13.36 9.07 40.69
N CYS C 596 14.17 9.53 41.65
CA CYS C 596 14.41 10.98 41.91
C CYS C 596 15.75 11.39 41.30
N VAL C 597 16.02 12.70 41.19
CA VAL C 597 17.38 13.19 40.83
C VAL C 597 17.67 14.43 41.65
N SER C 598 18.67 14.36 42.53
CA SER C 598 19.01 15.49 43.43
C SER C 598 20.48 15.88 43.24
N LEU C 599 20.81 17.13 43.60
CA LEU C 599 22.18 17.68 43.50
C LEU C 599 22.76 17.79 44.91
N TYR C 600 23.94 17.20 45.16
CA TYR C 600 24.60 17.25 46.48
C TYR C 600 25.93 18.01 46.36
N LYS C 601 26.29 18.77 47.40
CA LYS C 601 27.57 19.54 47.41
C LYS C 601 28.59 18.80 48.28
N LEU C 602 29.79 18.57 47.75
CA LEU C 602 30.87 17.89 48.50
C LEU C 602 31.65 18.92 49.32
N SER C 603 32.01 18.58 50.55
CA SER C 603 32.73 19.50 51.46
C SER C 603 33.81 18.73 52.24
N SER C 604 34.91 19.40 52.57
CA SER C 604 36.02 18.78 53.35
C SER C 604 36.36 19.69 54.53
N PRO C 605 36.54 19.16 55.76
CA PRO C 605 37.08 19.96 56.86
C PRO C 605 38.48 20.45 56.51
N GLU C 606 38.76 21.74 56.73
CA GLU C 606 40.06 22.36 56.35
C GLU C 606 41.23 21.72 57.11
N ASP C 607 40.94 20.94 58.16
CA ASP C 607 41.98 20.18 58.91
C ASP C 607 42.43 18.96 58.11
N ASP C 608 41.52 18.32 57.37
CA ASP C 608 41.81 17.06 56.65
C ASP C 608 41.10 17.05 55.30
N PRO C 609 41.83 17.10 54.16
CA PRO C 609 41.20 17.14 52.84
C PRO C 609 40.55 15.79 52.45
N THR C 610 40.98 14.68 53.05
CA THR C 610 40.43 13.33 52.76
C THR C 610 38.98 13.23 53.23
N CYS C 611 38.69 13.73 54.44
CA CYS C 611 37.31 13.64 55.01
C CYS C 611 36.34 14.36 54.07
N LYS C 612 35.35 13.62 53.54
CA LYS C 612 34.40 14.18 52.54
C LYS C 612 32.98 14.03 53.07
N THR C 613 32.23 15.15 53.07
CA THR C 613 30.83 15.19 53.55
C THR C 613 29.94 15.77 52.45
N LYS C 614 28.70 15.29 52.35
CA LYS C 614 27.74 15.81 51.35
C LYS C 614 26.71 16.70 52.05
N GLU C 615 25.96 17.48 51.27
CA GLU C 615 24.78 18.24 51.77
C GLU C 615 23.79 18.40 50.62
N PHE C 616 22.53 18.02 50.81
CA PHE C 616 21.48 18.29 49.79
C PHE C 616 21.62 19.74 49.33
N TRP C 617 21.45 19.99 48.03
CA TRP C 617 21.56 21.36 47.47
C TRP C 617 20.29 21.74 46.71
N ALA C 618 19.83 20.87 45.80
CA ALA C 618 18.63 21.17 44.98
C ALA C 618 17.99 19.88 44.45
N THR C 619 16.67 19.92 44.23
CA THR C 619 15.97 18.90 43.41
C THR C 619 16.21 19.19 41.93
N ILE C 620 16.67 18.19 41.16
CA ILE C 620 16.68 18.29 39.67
C ILE C 620 15.39 17.67 39.13
N LEU C 621 15.00 16.49 39.64
CA LEU C 621 13.68 15.92 39.26
C LEU C 621 13.04 15.30 40.50
N ASP C 622 11.87 15.82 40.88
CA ASP C 622 11.11 15.31 42.05
C ASP C 622 10.52 13.95 41.68
N SER C 623 10.46 13.02 42.66
CA SER C 623 9.75 11.73 42.47
C SER C 623 8.33 12.02 41.96
N ALA C 624 7.75 11.09 41.19
CA ALA C 624 6.33 11.20 40.78
C ALA C 624 5.41 10.88 41.97
N GLY C 625 5.98 10.58 43.15
CA GLY C 625 5.23 10.08 44.31
C GLY C 625 4.93 8.59 44.14
N PRO C 626 4.61 7.84 45.22
CA PRO C 626 4.27 6.42 45.09
C PRO C 626 3.06 6.23 44.17
N LEU C 627 3.25 5.47 43.09
CA LEU C 627 2.22 5.26 42.02
C LEU C 627 1.05 4.48 42.59
N PRO C 628 -0.22 4.85 42.30
CA PRO C 628 -1.38 4.05 42.73
C PRO C 628 -1.70 3.01 41.66
N ASP C 629 -2.49 2.00 42.00
CA ASP C 629 -2.71 0.83 41.10
C ASP C 629 -1.34 0.19 40.76
N TYR C 630 -0.41 0.22 41.72
CA TYR C 630 0.85 -0.55 41.65
C TYR C 630 1.29 -0.92 43.08
N THR C 631 1.07 -2.18 43.45
CA THR C 631 1.75 -2.77 44.63
C THR C 631 3.14 -3.23 44.20
N PRO C 632 4.21 -2.86 44.94
CA PRO C 632 5.55 -3.38 44.65
C PRO C 632 5.70 -4.85 45.07
N PRO C 633 6.76 -5.54 44.61
CA PRO C 633 7.09 -6.88 45.10
C PRO C 633 7.95 -6.80 46.36
N GLU C 634 8.02 -7.88 47.14
CA GLU C 634 8.91 -7.90 48.34
C GLU C 634 10.13 -8.77 48.01
N ILE C 635 11.32 -8.19 48.17
CA ILE C 635 12.59 -8.92 47.92
C ILE C 635 12.74 -10.01 48.99
N PHE C 636 13.21 -11.19 48.58
CA PHE C 636 13.48 -12.30 49.53
C PHE C 636 14.87 -12.87 49.25
N SER C 637 15.22 -13.97 49.93
CA SER C 637 16.54 -14.62 49.75
C SER C 637 16.46 -16.05 50.31
N PHE C 638 17.43 -16.90 49.98
CA PHE C 638 17.44 -18.30 50.47
C PHE C 638 18.84 -18.89 50.29
N GLU C 639 19.29 -19.68 51.27
CA GLU C 639 20.59 -20.39 51.19
C GLU C 639 20.45 -21.50 50.13
N SER C 640 21.25 -21.45 49.08
CA SER C 640 21.22 -22.49 48.01
C SER C 640 21.94 -23.74 48.50
N THR C 641 21.53 -24.91 48.02
CA THR C 641 22.31 -26.17 48.23
C THR C 641 23.72 -25.99 47.66
N THR C 642 23.90 -25.03 46.74
CA THR C 642 25.23 -24.70 46.15
C THR C 642 26.07 -23.85 47.11
N GLY C 643 25.47 -23.33 48.19
CA GLY C 643 26.21 -22.59 49.23
C GLY C 643 26.02 -21.09 49.12
N PHE C 644 25.80 -20.57 47.91
CA PHE C 644 25.56 -19.12 47.71
C PHE C 644 24.18 -18.72 48.23
N THR C 645 24.05 -17.46 48.69
CA THR C 645 22.72 -16.84 48.87
C THR C 645 22.19 -16.41 47.49
N LEU C 646 20.91 -16.67 47.22
CA LEU C 646 20.26 -16.15 45.99
C LEU C 646 19.13 -15.20 46.43
N TYR C 647 18.95 -14.08 45.73
CA TYR C 647 17.82 -13.16 46.04
C TYR C 647 16.67 -13.41 45.05
N GLY C 648 15.48 -12.92 45.39
CA GLY C 648 14.29 -13.06 44.55
C GLY C 648 13.33 -11.89 44.72
N MET C 649 12.27 -11.83 43.90
CA MET C 649 11.19 -10.82 44.06
C MET C 649 9.84 -11.55 44.02
N LEU C 650 9.00 -11.34 45.04
CA LEU C 650 7.65 -11.98 45.07
C LEU C 650 6.57 -10.92 44.93
N TYR C 651 5.77 -11.01 43.86
CA TYR C 651 4.49 -10.27 43.74
C TYR C 651 3.36 -11.18 44.23
N LYS C 652 2.89 -10.97 45.47
CA LYS C 652 1.72 -11.74 45.99
C LYS C 652 0.48 -11.32 45.21
N PRO C 653 -0.43 -12.27 44.87
CA PRO C 653 -1.64 -11.94 44.12
C PRO C 653 -2.51 -10.98 44.94
N HIS C 654 -2.79 -9.78 44.39
CA HIS C 654 -3.57 -8.73 45.08
C HIS C 654 -4.87 -9.32 45.63
N ASP C 655 -5.29 -8.87 46.82
CA ASP C 655 -6.59 -9.30 47.41
C ASP C 655 -6.51 -10.80 47.71
N LEU C 656 -5.52 -11.22 48.52
CA LEU C 656 -5.29 -12.66 48.84
C LEU C 656 -6.55 -13.28 49.47
N GLN C 657 -6.69 -14.60 49.33
CA GLN C 657 -7.79 -15.35 50.02
C GLN C 657 -7.18 -16.28 51.06
N PRO C 658 -7.90 -16.59 52.16
CA PRO C 658 -7.43 -17.59 53.13
C PRO C 658 -7.53 -19.01 52.56
N GLY C 659 -6.49 -19.82 52.77
CA GLY C 659 -6.55 -21.27 52.46
C GLY C 659 -6.48 -21.60 50.97
N LYS C 660 -6.56 -20.59 50.08
CA LYS C 660 -6.67 -20.83 48.62
C LYS C 660 -5.30 -20.83 47.96
N LYS C 661 -5.05 -21.77 47.03
CA LYS C 661 -3.76 -21.82 46.28
C LYS C 661 -3.99 -21.23 44.88
N TYR C 662 -2.96 -20.52 44.37
CA TYR C 662 -3.08 -19.63 43.19
C TYR C 662 -2.13 -20.11 42.09
N PRO C 663 -2.40 -19.75 40.80
CA PRO C 663 -1.48 -20.08 39.71
C PRO C 663 -0.26 -19.16 39.77
N THR C 664 0.89 -19.65 39.32
CA THR C 664 2.18 -18.95 39.53
C THR C 664 2.88 -18.75 38.17
N VAL C 665 3.36 -17.53 37.92
CA VAL C 665 4.12 -17.22 36.67
C VAL C 665 5.51 -16.74 37.06
N LEU C 666 6.53 -17.51 36.70
CA LEU C 666 7.94 -17.16 36.99
C LEU C 666 8.52 -16.40 35.79
N PHE C 667 8.71 -15.08 35.93
CA PHE C 667 9.46 -14.31 34.90
C PHE C 667 10.96 -14.54 35.13
N ILE C 668 11.72 -14.76 34.04
CA ILE C 668 13.15 -15.18 34.16
C ILE C 668 13.98 -14.50 33.09
N TYR C 669 15.25 -14.23 33.41
CA TYR C 669 16.30 -13.95 32.41
C TYR C 669 17.46 -14.92 32.65
N GLY C 670 18.20 -14.78 33.76
CA GLY C 670 19.17 -15.80 34.20
C GLY C 670 20.46 -15.78 33.43
N GLY C 671 20.59 -14.89 32.43
CA GLY C 671 21.85 -14.76 31.65
C GLY C 671 22.89 -13.97 32.43
N PRO C 672 24.14 -13.89 31.92
CA PRO C 672 25.18 -13.07 32.55
C PRO C 672 25.02 -11.58 32.20
N GLN C 673 25.76 -10.73 32.92
CA GLN C 673 25.81 -9.26 32.68
C GLN C 673 24.51 -8.58 33.14
N VAL C 674 23.61 -9.30 33.82
CA VAL C 674 22.27 -8.72 34.20
C VAL C 674 21.82 -9.25 35.57
N GLN C 675 21.31 -8.34 36.40
CA GLN C 675 20.63 -8.65 37.70
C GLN C 675 19.21 -8.05 37.62
N LEU C 676 18.17 -8.88 37.80
CA LEU C 676 16.76 -8.39 37.76
C LEU C 676 16.27 -8.01 39.16
N VAL C 677 16.73 -8.74 40.18
CA VAL C 677 16.31 -8.51 41.59
C VAL C 677 17.27 -7.49 42.22
N ASN C 678 16.74 -6.33 42.59
CA ASN C 678 17.53 -5.29 43.31
C ASN C 678 16.56 -4.27 43.90
N ASN C 679 17.07 -3.34 44.71
CA ASN C 679 16.22 -2.35 45.42
C ASN C 679 16.10 -1.10 44.54
N ARG C 680 15.49 -1.27 43.36
CA ARG C 680 15.20 -0.15 42.42
C ARG C 680 13.72 -0.21 42.04
N PHE C 681 13.17 0.88 41.48
CA PHE C 681 11.72 0.93 41.17
C PHE C 681 11.43 0.09 39.92
N LYS C 682 10.53 -0.90 40.06
CA LYS C 682 10.13 -1.77 38.92
C LYS C 682 8.73 -1.38 38.42
N GLY C 683 8.20 -0.24 38.88
CA GLY C 683 6.82 0.15 38.54
C GLY C 683 6.69 0.55 37.08
N VAL C 684 7.80 0.94 36.44
CA VAL C 684 7.78 1.32 35.00
C VAL C 684 8.11 0.07 34.18
N LYS C 685 9.31 -0.50 34.38
CA LYS C 685 9.83 -1.57 33.50
C LYS C 685 8.94 -2.82 33.64
N TYR C 686 8.75 -3.31 34.87
CA TYR C 686 8.01 -4.57 35.11
C TYR C 686 6.62 -4.26 35.69
N PHE C 687 5.95 -3.27 35.10
CA PHE C 687 4.58 -2.87 35.53
C PHE C 687 3.61 -4.04 35.38
N ARG C 688 3.78 -4.83 34.31
CA ARG C 688 2.78 -5.87 33.94
C ARG C 688 2.93 -7.11 34.82
N LEU C 689 4.05 -7.26 35.53
CA LEU C 689 4.15 -8.33 36.57
C LEU C 689 3.11 -8.03 37.65
N ASN C 690 2.99 -6.77 38.05
CA ASN C 690 1.94 -6.34 39.02
C ASN C 690 0.54 -6.54 38.40
N THR C 691 0.37 -6.19 37.12
CA THR C 691 -0.92 -6.43 36.41
C THR C 691 -1.26 -7.92 36.43
N LEU C 692 -0.24 -8.79 36.37
CA LEU C 692 -0.45 -10.26 36.49
C LEU C 692 -0.89 -10.60 37.93
N ALA C 693 -0.26 -9.98 38.94
CA ALA C 693 -0.65 -10.16 40.36
C ALA C 693 -2.08 -9.71 40.57
N SER C 694 -2.49 -8.60 39.93
CA SER C 694 -3.86 -8.03 40.09
C SER C 694 -4.92 -8.98 39.50
N LEU C 695 -4.53 -9.97 38.69
CA LEU C 695 -5.51 -10.88 38.05
C LEU C 695 -5.59 -12.22 38.81
N GLY C 696 -4.64 -12.50 39.71
CA GLY C 696 -4.67 -13.74 40.50
C GLY C 696 -3.37 -14.53 40.44
N TYR C 697 -2.42 -14.15 39.58
CA TYR C 697 -1.15 -14.92 39.44
C TYR C 697 -0.18 -14.50 40.55
N VAL C 698 0.42 -15.49 41.22
CA VAL C 698 1.68 -15.26 41.96
C VAL C 698 2.75 -14.96 40.92
N VAL C 699 3.58 -13.95 41.13
CA VAL C 699 4.68 -13.64 40.16
C VAL C 699 6.01 -13.70 40.90
N VAL C 700 6.97 -14.45 40.35
CA VAL C 700 8.24 -14.78 41.06
C VAL C 700 9.41 -14.47 40.12
N VAL C 701 10.49 -13.92 40.65
CA VAL C 701 11.71 -13.58 39.84
C VAL C 701 12.93 -13.90 40.71
N ILE C 702 13.87 -14.67 40.15
CA ILE C 702 15.03 -15.17 40.93
C ILE C 702 16.30 -14.89 40.14
N ASP C 703 17.33 -14.35 40.81
CA ASP C 703 18.66 -14.16 40.18
C ASP C 703 19.54 -15.36 40.51
N ASN C 704 19.55 -16.33 39.60
CA ASN C 704 20.35 -17.59 39.73
C ASN C 704 21.84 -17.28 39.53
N ARG C 705 22.70 -18.24 39.89
CA ARG C 705 24.16 -18.12 39.64
C ARG C 705 24.40 -17.73 38.18
N GLY C 706 25.41 -16.91 37.92
CA GLY C 706 25.67 -16.38 36.57
C GLY C 706 25.34 -14.89 36.45
N SER C 707 24.23 -14.46 37.07
CA SER C 707 23.80 -13.04 37.05
C SER C 707 24.90 -12.16 37.67
N CYS C 708 24.90 -10.86 37.35
CA CYS C 708 26.06 -9.99 37.66
C CYS C 708 25.95 -9.41 39.07
N HIS C 709 26.99 -8.68 39.49
CA HIS C 709 27.02 -7.87 40.75
C HIS C 709 27.29 -8.76 41.97
N ARG C 710 27.90 -9.93 41.77
CA ARG C 710 28.15 -10.85 42.91
C ARG C 710 29.53 -11.53 42.76
N GLY C 711 30.44 -10.92 41.99
CA GLY C 711 31.82 -11.42 41.88
C GLY C 711 32.01 -12.40 40.74
N LEU C 712 33.27 -12.70 40.41
CA LEU C 712 33.61 -13.50 39.21
C LEU C 712 33.32 -14.99 39.47
N LYS C 713 33.42 -15.44 40.72
CA LYS C 713 33.13 -16.87 41.05
C LYS C 713 31.63 -17.13 40.89
N PHE C 714 30.79 -16.24 41.44
CA PHE C 714 29.31 -16.36 41.27
C PHE C 714 28.96 -16.38 39.78
N GLU C 715 29.55 -15.47 39.01
CA GLU C 715 29.30 -15.36 37.55
C GLU C 715 29.83 -16.62 36.85
N GLY C 716 31.09 -17.00 37.12
CA GLY C 716 31.79 -18.10 36.41
C GLY C 716 31.12 -19.45 36.59
N ALA C 717 30.16 -19.54 37.51
CA ALA C 717 29.36 -20.77 37.78
C ALA C 717 29.14 -21.57 36.49
N PHE C 718 28.61 -20.94 35.43
CA PHE C 718 28.19 -21.72 34.22
C PHE C 718 29.20 -21.58 33.07
N LYS C 719 30.50 -21.57 33.36
CA LYS C 719 31.53 -21.62 32.30
C LYS C 719 31.42 -22.98 31.58
N TYR C 720 31.20 -22.96 30.26
CA TYR C 720 31.04 -24.18 29.41
C TYR C 720 29.71 -24.90 29.69
N LYS C 721 28.95 -24.46 30.71
CA LYS C 721 27.79 -25.24 31.20
C LYS C 721 26.50 -24.44 31.05
N MET C 722 26.43 -23.52 30.08
CA MET C 722 25.21 -22.67 29.94
C MET C 722 23.99 -23.57 29.72
N GLY C 723 22.90 -23.28 30.44
CA GLY C 723 21.63 -24.04 30.31
C GLY C 723 21.52 -25.17 31.33
N GLN C 724 22.64 -25.64 31.86
CA GLN C 724 22.68 -26.90 32.64
C GLN C 724 22.37 -26.61 34.12
N ILE C 725 22.68 -25.41 34.61
CA ILE C 725 22.57 -25.11 36.07
C ILE C 725 21.34 -24.23 36.35
N GLU C 726 21.13 -23.18 35.56
CA GLU C 726 20.29 -22.02 35.96
C GLU C 726 18.94 -22.47 36.52
N ILE C 727 18.30 -23.48 35.91
CA ILE C 727 16.91 -23.86 36.28
C ILE C 727 16.89 -24.49 37.68
N ASP C 728 17.95 -25.23 38.05
CA ASP C 728 18.03 -25.82 39.42
C ASP C 728 17.85 -24.71 40.46
N ASP C 729 18.51 -23.57 40.26
CA ASP C 729 18.39 -22.39 41.17
C ASP C 729 16.96 -21.84 41.11
N GLN C 730 16.39 -21.71 39.92
CA GLN C 730 15.02 -21.16 39.75
C GLN C 730 14.00 -22.07 40.45
N VAL C 731 14.21 -23.39 40.40
CA VAL C 731 13.24 -24.36 41.01
C VAL C 731 13.48 -24.44 42.52
N GLU C 732 14.74 -24.36 42.95
CA GLU C 732 15.08 -24.34 44.39
C GLU C 732 14.32 -23.19 45.08
N GLY C 733 14.47 -21.97 44.56
CA GLY C 733 13.80 -20.78 45.12
C GLY C 733 12.30 -20.86 45.00
N LEU C 734 11.79 -21.52 43.96
CA LEU C 734 10.33 -21.71 43.78
C LEU C 734 9.80 -22.61 44.90
N GLN C 735 10.59 -23.62 45.29
CA GLN C 735 10.17 -24.60 46.34
C GLN C 735 10.33 -23.95 47.72
N TYR C 736 11.38 -23.15 47.92
CA TYR C 736 11.53 -22.33 49.15
C TYR C 736 10.25 -21.52 49.36
N LEU C 737 9.81 -20.80 48.32
CA LEU C 737 8.58 -19.96 48.42
C LEU C 737 7.36 -20.86 48.68
N ALA C 738 7.30 -22.04 48.06
CA ALA C 738 6.13 -22.94 48.20
C ALA C 738 6.00 -23.43 49.64
N SER C 739 7.12 -23.64 50.34
CA SER C 739 7.09 -24.14 51.75
C SER C 739 6.57 -23.04 52.68
N ARG C 740 7.04 -21.79 52.52
CA ARG C 740 6.70 -20.68 53.47
C ARG C 740 5.29 -20.15 53.18
N TYR C 741 4.86 -20.09 51.92
CA TYR C 741 3.53 -19.54 51.56
C TYR C 741 2.74 -20.59 50.79
N ASP C 742 1.59 -21.01 51.33
CA ASP C 742 0.84 -22.17 50.78
C ASP C 742 -0.12 -21.73 49.68
N PHE C 743 -0.09 -20.44 49.29
CA PHE C 743 -0.94 -19.96 48.16
C PHE C 743 -0.30 -20.28 46.81
N ILE C 744 0.95 -20.77 46.80
CA ILE C 744 1.67 -21.09 45.53
C ILE C 744 1.28 -22.50 45.06
N ASP C 745 0.33 -22.59 44.14
CA ASP C 745 -0.01 -23.89 43.49
C ASP C 745 1.18 -24.32 42.63
N LEU C 746 1.80 -25.46 42.95
CA LEU C 746 2.93 -25.99 42.13
C LEU C 746 2.40 -26.89 41.01
N ASP C 747 1.09 -27.14 40.96
CA ASP C 747 0.47 -27.91 39.85
C ASP C 747 0.03 -26.95 38.74
N ARG C 748 0.29 -25.64 38.91
CA ARG C 748 -0.05 -24.63 37.89
C ARG C 748 1.04 -23.55 37.88
N VAL C 749 2.20 -23.87 37.28
CA VAL C 749 3.35 -22.91 37.21
C VAL C 749 3.71 -22.68 35.74
N GLY C 750 3.73 -21.41 35.32
CA GLY C 750 4.25 -21.04 33.99
C GLY C 750 5.61 -20.35 34.11
N ILE C 751 6.41 -20.40 33.04
CA ILE C 751 7.71 -19.67 32.99
C ILE C 751 7.74 -18.84 31.69
N HIS C 752 8.31 -17.64 31.75
CA HIS C 752 8.29 -16.70 30.59
C HIS C 752 9.48 -15.75 30.66
N GLY C 753 10.24 -15.65 29.57
CA GLY C 753 11.38 -14.72 29.49
C GLY C 753 11.64 -14.30 28.05
N TRP C 754 12.55 -13.34 27.85
CA TRP C 754 12.89 -12.84 26.49
C TRP C 754 14.39 -12.99 26.26
N SER C 755 14.75 -13.40 25.04
CA SER C 755 16.17 -13.63 24.66
C SER C 755 16.74 -14.76 25.51
N TYR C 756 17.78 -14.51 26.32
CA TYR C 756 18.31 -15.57 27.23
C TYR C 756 17.17 -16.08 28.12
N GLY C 757 16.28 -15.17 28.52
CA GLY C 757 15.12 -15.54 29.35
C GLY C 757 14.23 -16.54 28.65
N GLY C 758 13.96 -16.33 27.37
CA GLY C 758 13.18 -17.28 26.55
C GLY C 758 13.92 -18.59 26.36
N TYR C 759 15.25 -18.50 26.23
CA TYR C 759 16.12 -19.71 26.15
C TYR C 759 15.91 -20.59 27.39
N LEU C 760 16.03 -20.01 28.59
CA LEU C 760 15.86 -20.78 29.85
C LEU C 760 14.42 -21.29 29.97
N SER C 761 13.43 -20.50 29.53
CA SER C 761 12.03 -20.98 29.53
C SER C 761 11.94 -22.30 28.77
N LEU C 762 12.65 -22.43 27.65
CA LEU C 762 12.61 -23.68 26.85
C LEU C 762 13.37 -24.79 27.58
N MET C 763 14.48 -24.44 28.24
CA MET C 763 15.25 -25.43 29.05
C MET C 763 14.41 -25.93 30.22
N ALA C 764 13.74 -25.02 30.91
CA ALA C 764 12.84 -25.37 32.04
C ALA C 764 11.77 -26.37 31.57
N LEU C 765 11.23 -26.20 30.37
CA LEU C 765 10.13 -27.06 29.88
C LEU C 765 10.67 -28.43 29.44
N MET C 766 11.92 -28.49 28.94
CA MET C 766 12.59 -29.80 28.65
C MET C 766 12.96 -30.47 29.98
N GLN C 767 13.79 -29.80 30.77
CA GLN C 767 14.41 -30.39 31.99
C GLN C 767 13.31 -30.69 33.01
N ARG C 768 12.47 -29.71 33.33
CA ARG C 768 11.42 -29.86 34.38
C ARG C 768 10.04 -29.88 33.73
N SER C 769 9.79 -30.91 32.91
CA SER C 769 8.44 -31.16 32.29
C SER C 769 7.37 -31.35 33.38
N ASP C 770 7.78 -31.35 34.66
CA ASP C 770 6.87 -31.65 35.80
C ASP C 770 6.53 -30.36 36.56
N ILE C 771 7.54 -29.53 36.89
CA ILE C 771 7.32 -28.29 37.68
C ILE C 771 6.56 -27.27 36.81
N PHE C 772 6.91 -27.17 35.51
CA PHE C 772 6.41 -26.08 34.65
C PHE C 772 5.31 -26.60 33.70
N ARG C 773 4.11 -26.00 33.79
CA ARG C 773 2.94 -26.38 32.96
C ARG C 773 3.12 -25.80 31.55
N VAL C 774 3.32 -24.48 31.46
CA VAL C 774 3.55 -23.80 30.14
C VAL C 774 4.90 -23.09 30.20
N ALA C 775 5.53 -22.92 29.03
CA ALA C 775 6.70 -22.03 28.88
C ALA C 775 6.41 -21.06 27.73
N ILE C 776 6.74 -19.78 27.91
CA ILE C 776 6.50 -18.77 26.84
C ILE C 776 7.87 -18.16 26.48
N ALA C 777 8.48 -18.69 25.42
CA ALA C 777 9.87 -18.37 25.07
C ALA C 777 9.91 -17.22 24.07
N GLY C 778 10.44 -16.07 24.47
CA GLY C 778 10.56 -14.89 23.60
C GLY C 778 11.93 -14.80 22.96
N ALA C 779 12.00 -14.70 21.61
CA ALA C 779 13.25 -14.46 20.86
C ALA C 779 14.38 -15.29 21.44
N PRO C 780 14.19 -16.62 21.62
CA PRO C 780 15.12 -17.42 22.42
C PRO C 780 16.29 -17.98 21.61
N VAL C 781 17.51 -17.91 22.13
CA VAL C 781 18.66 -18.58 21.48
C VAL C 781 18.45 -20.10 21.59
N THR C 782 18.30 -20.78 20.46
CA THR C 782 18.07 -22.25 20.44
C THR C 782 19.32 -23.02 19.95
N LEU C 783 20.37 -22.32 19.54
CA LEU C 783 21.53 -22.97 18.89
C LEU C 783 22.77 -22.09 19.06
N TRP C 784 23.62 -22.39 20.04
CA TRP C 784 24.74 -21.47 20.40
C TRP C 784 25.74 -21.38 19.25
N ILE C 785 25.77 -22.36 18.35
CA ILE C 785 26.69 -22.30 17.18
C ILE C 785 26.27 -21.13 16.27
N PHE C 786 25.01 -20.67 16.35
CA PHE C 786 24.53 -19.52 15.55
C PHE C 786 24.86 -18.17 16.19
N TYR C 787 25.00 -18.10 17.53
CA TYR C 787 25.19 -16.78 18.18
C TYR C 787 26.64 -16.30 17.94
N ASP C 788 26.91 -15.02 18.23
CA ASP C 788 28.17 -14.38 17.74
C ASP C 788 29.37 -14.80 18.60
N THR C 789 30.57 -14.49 18.11
CA THR C 789 31.86 -14.91 18.71
C THR C 789 32.07 -14.27 20.09
N GLY C 790 32.04 -12.93 20.15
CA GLY C 790 32.46 -12.18 21.36
C GLY C 790 31.67 -12.57 22.60
N TYR C 791 30.45 -13.09 22.44
CA TYR C 791 29.61 -13.50 23.59
C TYR C 791 29.76 -15.00 23.84
N THR C 792 29.53 -15.82 22.81
CA THR C 792 29.43 -17.29 22.99
C THR C 792 30.80 -17.83 23.48
N GLU C 793 31.89 -17.48 22.79
CA GLU C 793 33.23 -17.99 23.17
C GLU C 793 33.65 -17.50 24.56
N ARG C 794 33.15 -16.33 24.97
CA ARG C 794 33.47 -15.78 26.32
C ARG C 794 33.01 -16.77 27.40
N TYR C 795 31.90 -17.47 27.19
CA TYR C 795 31.31 -18.33 28.25
C TYR C 795 31.42 -19.80 27.85
N MET C 796 31.00 -20.13 26.63
CA MET C 796 30.98 -21.55 26.15
C MET C 796 32.32 -21.94 25.52
N GLY C 797 33.23 -20.99 25.30
CA GLY C 797 34.51 -21.30 24.62
C GLY C 797 34.30 -21.64 23.16
N HIS C 798 35.39 -21.88 22.42
CA HIS C 798 35.31 -22.26 20.98
C HIS C 798 34.53 -23.57 20.88
N PRO C 799 33.65 -23.80 19.88
CA PRO C 799 32.76 -24.97 19.88
C PRO C 799 33.45 -26.33 19.68
N ASP C 800 34.65 -26.33 19.10
CA ASP C 800 35.36 -27.59 18.76
C ASP C 800 36.09 -28.14 20.00
N GLN C 801 36.14 -27.38 21.09
CA GLN C 801 36.80 -27.83 22.35
C GLN C 801 35.81 -27.84 23.52
N ASN C 802 34.56 -27.44 23.30
CA ASN C 802 33.49 -27.65 24.32
C ASN C 802 32.28 -28.27 23.59
N GLU C 803 32.52 -29.37 22.88
CA GLU C 803 31.50 -29.98 21.98
C GLU C 803 30.28 -30.45 22.79
N GLN C 804 30.49 -30.96 24.00
CA GLN C 804 29.36 -31.44 24.86
C GLN C 804 28.59 -30.24 25.39
N GLY C 805 29.32 -29.16 25.76
CA GLY C 805 28.68 -27.92 26.26
C GLY C 805 27.66 -27.38 25.27
N TYR C 806 28.09 -27.20 24.01
CA TYR C 806 27.21 -26.62 22.95
C TYR C 806 26.02 -27.53 22.72
N TYR C 807 26.21 -28.86 22.75
CA TYR C 807 25.09 -29.81 22.55
C TYR C 807 24.07 -29.66 23.69
N LEU C 808 24.54 -29.65 24.94
CA LEU C 808 23.62 -29.68 26.11
C LEU C 808 22.93 -28.32 26.28
N GLY C 809 23.56 -27.23 25.82
CA GLY C 809 23.01 -25.88 25.96
C GLY C 809 22.18 -25.43 24.76
N SER C 810 21.84 -26.34 23.85
CA SER C 810 21.14 -25.96 22.59
C SER C 810 19.82 -26.72 22.47
N VAL C 811 18.69 -26.03 22.68
CA VAL C 811 17.36 -26.70 22.84
C VAL C 811 16.94 -27.35 21.53
N ALA C 812 17.35 -26.82 20.38
CA ALA C 812 16.88 -27.33 19.07
C ALA C 812 17.59 -28.65 18.74
N MET C 813 18.78 -28.85 19.32
CA MET C 813 19.50 -30.15 19.21
C MET C 813 18.82 -31.22 20.08
N GLN C 814 17.80 -30.84 20.86
CA GLN C 814 17.13 -31.74 21.84
C GLN C 814 15.60 -31.63 21.73
N ALA C 815 15.06 -31.57 20.53
CA ALA C 815 13.61 -31.30 20.34
C ALA C 815 12.76 -32.45 20.88
N GLU C 816 13.31 -33.68 20.89
CA GLU C 816 12.60 -34.89 21.41
C GLU C 816 12.31 -34.74 22.91
N LYS C 817 13.02 -33.84 23.61
CA LYS C 817 12.84 -33.62 25.07
C LYS C 817 11.56 -32.80 25.37
N PHE C 818 10.93 -32.21 24.36
CA PHE C 818 9.77 -31.30 24.60
C PHE C 818 8.52 -32.13 24.87
N PRO C 819 7.52 -31.56 25.59
CA PRO C 819 6.24 -32.24 25.83
C PRO C 819 5.51 -32.71 24.56
N SER C 820 4.73 -33.78 24.70
CA SER C 820 3.84 -34.25 23.60
C SER C 820 2.40 -33.79 23.85
N GLU C 821 2.16 -32.99 24.90
CA GLU C 821 0.84 -32.32 25.06
C GLU C 821 0.92 -30.94 24.44
N PRO C 822 -0.15 -30.48 23.74
CA PRO C 822 -0.22 -29.11 23.25
C PRO C 822 -0.58 -28.13 24.38
N ASN C 823 -0.63 -26.83 24.05
CA ASN C 823 -1.02 -25.76 25.02
C ASN C 823 0.00 -25.69 26.17
N ARG C 824 1.28 -25.98 25.87
CA ARG C 824 2.37 -25.97 26.88
C ARG C 824 3.59 -25.17 26.37
N LEU C 825 3.70 -24.94 25.06
CA LEU C 825 4.87 -24.23 24.49
C LEU C 825 4.38 -23.06 23.65
N LEU C 826 4.89 -21.84 23.92
CA LEU C 826 4.59 -20.65 23.09
C LEU C 826 5.91 -20.00 22.68
N LEU C 827 6.18 -19.94 21.38
CA LEU C 827 7.39 -19.27 20.84
C LEU C 827 6.98 -17.89 20.30
N LEU C 828 7.57 -16.83 20.83
CA LEU C 828 7.36 -15.44 20.31
C LEU C 828 8.68 -14.98 19.69
N HIS C 829 8.64 -14.34 18.52
CA HIS C 829 9.90 -13.86 17.91
C HIS C 829 9.66 -12.61 17.05
N GLY C 830 10.56 -11.62 17.15
CA GLY C 830 10.65 -10.54 16.15
C GLY C 830 11.15 -11.10 14.83
N PHE C 831 10.38 -10.93 13.75
CA PHE C 831 10.73 -11.53 12.44
C PHE C 831 12.02 -10.92 11.89
N LEU C 832 12.25 -9.63 12.17
CA LEU C 832 13.43 -8.91 11.62
C LEU C 832 14.58 -8.90 12.63
N ASP C 833 14.47 -9.69 13.71
CA ASP C 833 15.53 -9.77 14.75
C ASP C 833 16.87 -10.06 14.09
N GLU C 834 17.86 -9.18 14.31
CA GLU C 834 19.20 -9.28 13.64
C GLU C 834 20.24 -9.73 14.67
N ASN C 835 19.81 -9.89 15.92
CA ASN C 835 20.73 -10.23 17.04
C ASN C 835 20.53 -11.71 17.36
N VAL C 836 19.31 -12.08 17.75
CA VAL C 836 18.88 -13.50 17.83
C VAL C 836 18.11 -13.81 16.54
N HIS C 837 18.84 -14.03 15.44
CA HIS C 837 18.23 -14.23 14.10
C HIS C 837 17.02 -15.17 14.23
N PHE C 838 15.96 -14.93 13.44
CA PHE C 838 14.70 -15.72 13.53
C PHE C 838 14.93 -17.20 13.19
N ALA C 839 16.14 -17.56 12.75
CA ALA C 839 16.49 -18.95 12.38
C ALA C 839 16.55 -19.81 13.64
N HIS C 840 16.97 -19.22 14.77
CA HIS C 840 16.87 -19.89 16.09
C HIS C 840 15.48 -20.50 16.23
N THR C 841 14.43 -19.71 15.97
CA THR C 841 13.05 -20.20 16.12
C THR C 841 12.70 -21.12 14.94
N SER C 842 13.01 -20.72 13.70
CA SER C 842 12.57 -21.53 12.53
C SER C 842 13.27 -22.90 12.55
N ILE C 843 14.54 -22.97 12.95
CA ILE C 843 15.27 -24.26 12.97
C ILE C 843 14.72 -25.13 14.10
N LEU C 844 14.39 -24.53 15.25
CA LEU C 844 13.77 -25.29 16.37
C LEU C 844 12.42 -25.86 15.89
N LEU C 845 11.63 -25.06 15.18
CA LEU C 845 10.34 -25.55 14.61
C LEU C 845 10.65 -26.72 13.66
N SER C 846 11.71 -26.57 12.86
CA SER C 846 12.17 -27.65 11.95
C SER C 846 12.21 -28.97 12.73
N PHE C 847 12.91 -28.97 13.86
CA PHE C 847 13.18 -30.20 14.65
C PHE C 847 11.96 -30.64 15.45
N LEU C 848 11.14 -29.68 15.90
CA LEU C 848 9.89 -30.00 16.65
C LEU C 848 8.91 -30.70 15.71
N VAL C 849 8.90 -30.34 14.43
CA VAL C 849 7.99 -30.99 13.43
C VAL C 849 8.51 -32.42 13.20
N ARG C 850 9.81 -32.57 12.88
CA ARG C 850 10.43 -33.91 12.76
C ARG C 850 9.99 -34.75 13.96
N ALA C 851 10.18 -34.23 15.18
CA ALA C 851 9.92 -34.99 16.42
C ALA C 851 8.42 -35.13 16.70
N GLY C 852 7.55 -34.53 15.88
CA GLY C 852 6.08 -34.70 16.03
C GLY C 852 5.53 -33.96 17.25
N LYS C 853 6.31 -33.04 17.83
CA LYS C 853 5.90 -32.29 19.05
C LYS C 853 5.03 -31.09 18.65
N PRO C 854 4.00 -30.72 19.44
CA PRO C 854 3.20 -29.52 19.18
C PRO C 854 3.85 -28.24 19.71
N TYR C 855 3.49 -27.10 19.11
CA TYR C 855 4.00 -25.76 19.52
C TYR C 855 2.95 -24.71 19.15
N ASP C 856 2.96 -23.57 19.85
CA ASP C 856 2.22 -22.36 19.41
C ASP C 856 3.26 -21.31 19.03
N LEU C 857 3.02 -20.58 17.94
CA LEU C 857 4.01 -19.56 17.47
C LEU C 857 3.28 -18.24 17.26
N GLN C 858 3.92 -17.14 17.67
CA GLN C 858 3.49 -15.77 17.32
C GLN C 858 4.69 -15.03 16.71
N ILE C 859 4.48 -14.36 15.57
CA ILE C 859 5.54 -13.54 14.92
C ILE C 859 5.21 -12.06 15.13
N TYR C 860 6.24 -11.22 15.22
CA TYR C 860 6.07 -9.74 15.21
C TYR C 860 6.90 -9.20 14.04
N PRO C 861 6.34 -9.13 12.81
CA PRO C 861 7.10 -8.80 11.61
C PRO C 861 7.65 -7.37 11.54
N GLN C 862 7.11 -6.46 12.34
CA GLN C 862 7.63 -5.08 12.42
C GLN C 862 8.89 -5.07 13.30
N GLU C 863 8.95 -5.97 14.29
CA GLU C 863 9.91 -5.85 15.42
C GLU C 863 11.22 -6.59 15.13
N ARG C 864 12.31 -6.07 15.71
CA ARG C 864 13.63 -6.74 15.71
C ARG C 864 13.81 -7.38 17.11
N HIS C 865 14.94 -7.13 17.78
CA HIS C 865 15.18 -7.74 19.11
C HIS C 865 14.28 -7.09 20.17
N SER C 866 14.20 -5.76 20.15
CA SER C 866 13.27 -4.98 21.03
C SER C 866 11.85 -5.00 20.45
N ILE C 867 10.91 -4.35 21.15
CA ILE C 867 9.55 -4.10 20.59
C ILE C 867 9.30 -2.58 20.60
N ARG C 868 9.36 -1.94 19.42
CA ARG C 868 9.27 -0.46 19.31
C ARG C 868 7.85 -0.04 18.91
N VAL C 869 7.32 -0.61 17.82
CA VAL C 869 5.93 -0.31 17.37
C VAL C 869 4.98 -0.56 18.56
N PRO C 870 4.33 0.49 19.12
CA PRO C 870 3.41 0.30 20.24
C PRO C 870 2.29 -0.73 20.03
N GLU C 871 1.81 -0.88 18.78
CA GLU C 871 0.73 -1.85 18.46
C GLU C 871 1.27 -3.28 18.65
N SER C 872 2.54 -3.50 18.34
CA SER C 872 3.21 -4.82 18.55
C SER C 872 3.28 -5.14 20.05
N GLY C 873 3.55 -4.13 20.88
CA GLY C 873 3.58 -4.31 22.35
C GLY C 873 2.19 -4.63 22.91
N GLU C 874 1.18 -3.86 22.51
CA GLU C 874 -0.22 -4.07 22.98
C GLU C 874 -0.67 -5.50 22.66
N HIS C 875 -0.32 -5.99 21.47
CA HIS C 875 -0.73 -7.35 21.01
C HIS C 875 0.03 -8.42 21.80
N TYR C 876 1.29 -8.14 22.15
CA TYR C 876 2.12 -9.10 22.91
C TYR C 876 1.55 -9.30 24.31
N GLU C 877 1.29 -8.20 25.03
CA GLU C 877 0.74 -8.26 26.41
C GLU C 877 -0.64 -8.94 26.37
N LEU C 878 -1.44 -8.60 25.37
CA LEU C 878 -2.83 -9.13 25.25
C LEU C 878 -2.81 -10.63 24.96
N HIS C 879 -1.96 -11.09 24.05
CA HIS C 879 -1.82 -12.55 23.79
C HIS C 879 -1.25 -13.24 25.04
N LEU C 880 -0.17 -12.69 25.60
CA LEU C 880 0.49 -13.27 26.81
C LEU C 880 -0.55 -13.52 27.90
N LEU C 881 -1.40 -12.52 28.19
CA LEU C 881 -2.43 -12.65 29.27
C LEU C 881 -3.45 -13.72 28.88
N HIS C 882 -3.92 -13.69 27.64
CA HIS C 882 -4.99 -14.62 27.18
C HIS C 882 -4.45 -16.05 27.19
N TYR C 883 -3.23 -16.25 26.70
CA TYR C 883 -2.60 -17.61 26.66
C TYR C 883 -2.44 -18.13 28.09
N LEU C 884 -2.01 -17.27 29.03
CA LEU C 884 -1.89 -17.66 30.46
C LEU C 884 -3.28 -18.00 31.02
N GLN C 885 -4.27 -17.16 30.73
CA GLN C 885 -5.66 -17.39 31.22
C GLN C 885 -6.17 -18.72 30.66
N GLU C 886 -6.10 -18.92 29.34
CA GLU C 886 -6.76 -20.08 28.69
C GLU C 886 -5.97 -21.37 28.91
N ASN C 887 -4.69 -21.30 29.32
CA ASN C 887 -3.82 -22.51 29.39
C ASN C 887 -3.14 -22.68 30.75
N LEU C 888 -3.41 -21.82 31.75
CA LEU C 888 -2.82 -21.98 33.10
C LEU C 888 -3.81 -21.52 34.18
N GLY C 889 -4.20 -20.25 34.15
CA GLY C 889 -4.94 -19.62 35.26
C GLY C 889 -6.32 -20.21 35.49
N SER C 890 -7.19 -20.15 34.48
CA SER C 890 -8.66 -20.28 34.67
C SER C 890 -9.08 -21.75 34.88
N ARG C 891 -10.39 -21.96 35.05
CA ARG C 891 -10.96 -23.32 35.26
C ARG C 891 -10.99 -24.05 33.92
N ILE C 892 -11.44 -23.37 32.85
CA ILE C 892 -11.41 -23.98 31.47
C ILE C 892 -10.03 -24.60 31.23
N ALA C 893 -8.97 -23.97 31.74
CA ALA C 893 -7.58 -24.47 31.57
C ALA C 893 -7.40 -25.80 32.32
N ALA C 894 -8.02 -25.94 33.49
CA ALA C 894 -7.99 -27.22 34.24
C ALA C 894 -8.79 -28.30 33.50
N LEU C 895 -9.86 -27.90 32.80
CA LEU C 895 -10.70 -28.87 32.04
C LEU C 895 -9.92 -29.39 30.82
N LYS C 896 -9.18 -28.51 30.14
CA LYS C 896 -8.42 -28.88 28.91
C LYS C 896 -7.56 -30.13 29.14
N VAL C 897 -6.92 -30.25 30.32
CA VAL C 897 -5.99 -31.40 30.59
C VAL C 897 -6.77 -32.70 30.40
N MET D 1 0.84 -21.48 -10.69
CA MET D 1 -0.48 -21.05 -10.14
C MET D 1 -0.61 -21.52 -8.70
N PRO D 2 -1.54 -20.95 -7.88
CA PRO D 2 -1.69 -21.34 -6.48
C PRO D 2 -2.71 -22.47 -6.34
N MET E 1 24.44 -8.35 22.75
CA MET E 1 24.18 -9.54 23.61
C MET E 1 22.70 -9.86 23.58
N PRO E 2 22.25 -11.02 24.11
CA PRO E 2 20.84 -11.42 24.09
C PRO E 2 20.15 -10.97 25.39
N MET F 1 -20.51 35.59 -13.49
CA MET F 1 -20.87 37.01 -13.22
C MET F 1 -20.03 37.53 -12.05
N PRO F 2 -20.00 38.86 -11.81
CA PRO F 2 -19.23 39.44 -10.72
C PRO F 2 -20.09 39.57 -9.46
NA NA G . -22.18 30.24 -12.64
#